data_2C0S
#
_entry.id   2C0S
#
_cell.length_a   1.000
_cell.length_b   1.000
_cell.length_c   1.000
_cell.angle_alpha   90.00
_cell.angle_beta   90.00
_cell.angle_gamma   90.00
#
_symmetry.space_group_name_H-M   'P 1'
#
_entity_poly.entity_id   1
_entity_poly.type   'polypeptide(L)'
_entity_poly.pdbx_seq_one_letter_code
;MNVTKLNDRIEAKKKELIYLVEKYGFTHHKVISFSQELDRLLNLLIELKTKKKRYSLLEHHHHH
;
_entity_poly.pdbx_strand_id   A
#
# COMPACT_ATOMS: atom_id res chain seq x y z
N MET A 1 -12.01 -2.76 -2.39
CA MET A 1 -12.66 -4.04 -2.66
C MET A 1 -11.87 -4.89 -3.64
N ASN A 2 -10.91 -4.30 -4.31
CA ASN A 2 -10.11 -5.02 -5.26
C ASN A 2 -8.65 -4.83 -4.96
N VAL A 3 -7.90 -5.93 -4.93
CA VAL A 3 -6.49 -5.90 -4.56
C VAL A 3 -5.58 -5.23 -5.59
N THR A 4 -5.91 -5.30 -6.88
CA THR A 4 -5.02 -4.69 -7.86
C THR A 4 -5.23 -3.18 -7.85
N LYS A 5 -6.44 -2.75 -7.49
CA LYS A 5 -6.74 -1.34 -7.33
C LYS A 5 -5.98 -0.83 -6.11
N LEU A 6 -5.98 -1.65 -5.06
CA LEU A 6 -5.26 -1.33 -3.83
C LEU A 6 -3.78 -1.16 -4.15
N ASN A 7 -3.23 -2.14 -4.87
CA ASN A 7 -1.82 -2.13 -5.31
C ASN A 7 -1.50 -0.85 -6.10
N ASP A 8 -2.45 -0.45 -6.93
CA ASP A 8 -2.34 0.75 -7.77
C ASP A 8 -2.28 2.01 -6.94
N ARG A 9 -3.17 2.12 -5.98
CA ARG A 9 -3.21 3.26 -5.08
C ARG A 9 -1.94 3.34 -4.23
N ILE A 10 -1.33 2.20 -3.97
CA ILE A 10 -0.05 2.17 -3.28
C ILE A 10 1.02 2.70 -4.22
N GLU A 11 0.98 2.23 -5.45
CA GLU A 11 1.92 2.59 -6.51
C GLU A 11 1.92 4.10 -6.74
N ALA A 12 0.73 4.65 -6.84
CA ALA A 12 0.55 6.07 -7.04
C ALA A 12 1.03 6.86 -5.84
N LYS A 13 0.88 6.28 -4.66
CA LYS A 13 1.23 6.98 -3.44
C LYS A 13 2.75 6.97 -3.28
N LYS A 14 3.38 5.85 -3.69
CA LYS A 14 4.84 5.76 -3.77
C LYS A 14 5.38 6.91 -4.63
N LYS A 15 4.83 7.05 -5.84
CA LYS A 15 5.25 8.08 -6.79
C LYS A 15 5.02 9.49 -6.25
N GLU A 16 3.90 9.67 -5.60
CA GLU A 16 3.55 10.95 -4.99
C GLU A 16 4.55 11.28 -3.89
N LEU A 17 4.86 10.26 -3.08
CA LEU A 17 5.80 10.38 -1.98
C LEU A 17 7.18 10.80 -2.52
N ILE A 18 7.62 10.13 -3.60
CA ILE A 18 8.92 10.43 -4.24
C ILE A 18 8.99 11.91 -4.66
N TYR A 19 7.90 12.39 -5.24
CA TYR A 19 7.80 13.76 -5.69
C TYR A 19 7.92 14.73 -4.50
N LEU A 20 7.32 14.36 -3.40
CA LEU A 20 7.34 15.17 -2.21
C LEU A 20 8.71 15.17 -1.54
N VAL A 21 9.44 14.07 -1.67
CA VAL A 21 10.81 13.98 -1.14
C VAL A 21 11.71 15.00 -1.86
N GLU A 22 11.44 15.19 -3.13
CA GLU A 22 12.19 16.12 -3.94
C GLU A 22 11.94 17.57 -3.50
N LYS A 23 10.68 17.90 -3.26
CA LYS A 23 10.34 19.26 -2.85
C LYS A 23 10.52 19.57 -1.36
N TYR A 24 10.19 18.62 -0.51
CA TYR A 24 10.21 18.88 0.93
C TYR A 24 11.36 18.20 1.64
N GLY A 25 11.67 17.00 1.21
CA GLY A 25 12.69 16.22 1.86
C GLY A 25 12.05 15.12 2.64
N PHE A 26 12.77 14.04 2.86
CA PHE A 26 12.21 12.87 3.53
C PHE A 26 12.08 13.10 5.05
N THR A 27 12.78 14.10 5.54
CA THR A 27 12.75 14.42 6.95
C THR A 27 11.54 15.35 7.27
N HIS A 28 10.80 15.71 6.23
CA HIS A 28 9.65 16.57 6.40
C HIS A 28 8.46 15.77 6.94
N HIS A 29 7.78 16.38 7.91
CA HIS A 29 6.65 15.76 8.65
C HIS A 29 5.61 15.13 7.74
N LYS A 30 5.21 15.84 6.69
CA LYS A 30 4.20 15.32 5.77
C LYS A 30 4.71 14.10 5.02
N VAL A 31 5.96 14.14 4.62
CA VAL A 31 6.56 13.04 3.89
C VAL A 31 6.66 11.81 4.80
N ILE A 32 7.00 12.04 6.06
CA ILE A 32 7.05 10.98 7.06
C ILE A 32 5.66 10.36 7.25
N SER A 33 4.66 11.21 7.45
CA SER A 33 3.29 10.76 7.66
C SER A 33 2.70 10.05 6.42
N PHE A 34 3.05 10.52 5.22
CA PHE A 34 2.60 9.85 4.01
C PHE A 34 3.30 8.51 3.86
N SER A 35 4.55 8.43 4.32
CA SER A 35 5.28 7.17 4.31
C SER A 35 4.61 6.16 5.23
N GLN A 36 4.08 6.63 6.36
CA GLN A 36 3.35 5.75 7.29
C GLN A 36 2.06 5.27 6.64
N GLU A 37 1.45 6.16 5.88
CA GLU A 37 0.22 5.88 5.17
C GLU A 37 0.49 4.88 4.04
N LEU A 38 1.58 5.07 3.34
CA LEU A 38 2.02 4.19 2.27
C LEU A 38 2.29 2.80 2.85
N ASP A 39 2.93 2.80 4.01
CA ASP A 39 3.22 1.58 4.78
C ASP A 39 1.93 0.87 5.16
N ARG A 40 0.92 1.65 5.55
CA ARG A 40 -0.38 1.14 5.92
C ARG A 40 -1.03 0.34 4.78
N LEU A 41 -1.00 0.88 3.58
CA LEU A 41 -1.58 0.18 2.44
C LEU A 41 -0.72 -1.00 2.03
N LEU A 42 0.58 -0.87 2.17
CA LEU A 42 1.51 -1.95 1.87
C LEU A 42 1.24 -3.10 2.87
N ASN A 43 1.00 -2.71 4.10
CA ASN A 43 0.65 -3.62 5.18
C ASN A 43 -0.62 -4.37 4.86
N LEU A 44 -1.58 -3.66 4.24
CA LEU A 44 -2.87 -4.24 3.84
C LEU A 44 -2.67 -5.44 2.94
N LEU A 45 -1.72 -5.35 2.01
CA LEU A 45 -1.41 -6.45 1.12
C LEU A 45 -1.05 -7.69 1.93
N ILE A 46 -0.17 -7.49 2.89
CA ILE A 46 0.30 -8.58 3.73
C ILE A 46 -0.82 -9.06 4.66
N GLU A 47 -1.54 -8.12 5.23
CA GLU A 47 -2.59 -8.40 6.19
C GLU A 47 -3.72 -9.23 5.58
N LEU A 48 -4.23 -8.80 4.46
CA LEU A 48 -5.30 -9.53 3.86
C LEU A 48 -4.84 -10.87 3.29
N LYS A 49 -3.63 -10.91 2.76
CA LYS A 49 -3.07 -12.16 2.23
C LYS A 49 -2.73 -13.16 3.33
N THR A 50 -2.40 -12.67 4.51
CA THR A 50 -2.05 -13.54 5.61
C THR A 50 -3.32 -14.17 6.22
N LYS A 51 -4.48 -13.54 5.99
CA LYS A 51 -5.72 -14.05 6.43
C LYS A 51 -6.27 -14.93 5.31
N LYS A 52 -6.50 -14.29 4.13
CA LYS A 52 -7.10 -14.86 2.86
C LYS A 52 -8.42 -15.67 3.02
N LYS A 53 -8.65 -16.18 4.19
CA LYS A 53 -9.81 -16.97 4.58
C LYS A 53 -10.97 -16.07 5.01
N ARG A 54 -10.85 -14.83 4.74
CA ARG A 54 -11.84 -13.88 5.14
C ARG A 54 -12.35 -13.16 3.96
N TYR A 55 -13.66 -12.85 3.97
CA TYR A 55 -14.29 -12.04 2.92
C TYR A 55 -13.54 -10.73 2.78
N SER A 56 -12.93 -10.31 3.90
CA SER A 56 -12.11 -9.13 4.03
C SER A 56 -11.01 -9.06 2.95
N LEU A 57 -10.62 -10.22 2.39
CA LEU A 57 -9.62 -10.28 1.32
C LEU A 57 -10.16 -9.53 0.10
N LEU A 58 -11.46 -9.50 -0.02
CA LEU A 58 -12.16 -8.74 -1.03
C LEU A 58 -12.65 -7.44 -0.39
N GLU A 59 -13.47 -7.59 0.64
CA GLU A 59 -14.05 -6.45 1.34
C GLU A 59 -13.14 -5.86 2.43
N HIS A 60 -12.01 -5.39 1.98
CA HIS A 60 -11.02 -4.70 2.81
C HIS A 60 -11.34 -3.21 2.89
N HIS A 61 -12.00 -2.76 1.84
CA HIS A 61 -12.53 -1.42 1.68
C HIS A 61 -13.76 -1.66 0.89
N HIS A 62 -14.91 -1.18 1.36
CA HIS A 62 -16.22 -1.47 0.76
C HIS A 62 -16.64 -2.89 1.15
N HIS A 63 -17.84 -3.03 1.62
CA HIS A 63 -18.34 -4.32 2.07
C HIS A 63 -19.43 -4.82 1.17
N HIS A 64 -19.65 -6.10 1.19
CA HIS A 64 -20.69 -6.71 0.45
C HIS A 64 -21.84 -6.93 1.40
N MET A 1 -10.79 -7.18 -5.70
CA MET A 1 -10.53 -8.09 -6.81
C MET A 1 -9.15 -8.75 -6.65
N ASN A 2 -8.10 -7.95 -6.62
CA ASN A 2 -6.76 -8.51 -6.54
C ASN A 2 -5.83 -7.62 -5.74
N VAL A 3 -4.67 -8.16 -5.40
CA VAL A 3 -3.65 -7.40 -4.69
C VAL A 3 -2.98 -6.41 -5.63
N THR A 4 -2.96 -6.76 -6.90
CA THR A 4 -2.31 -6.00 -7.93
C THR A 4 -2.85 -4.56 -8.04
N LYS A 5 -4.14 -4.45 -8.21
CA LYS A 5 -4.79 -3.18 -8.37
C LYS A 5 -4.79 -2.39 -7.06
N LEU A 6 -4.78 -3.11 -5.96
CA LEU A 6 -4.69 -2.50 -4.65
C LEU A 6 -3.30 -1.90 -4.48
N ASN A 7 -2.29 -2.68 -4.84
CA ASN A 7 -0.89 -2.25 -4.79
C ASN A 7 -0.68 -1.05 -5.67
N ASP A 8 -1.41 -1.02 -6.77
CA ASP A 8 -1.39 0.10 -7.72
C ASP A 8 -1.84 1.40 -7.03
N ARG A 9 -2.76 1.30 -6.06
CA ARG A 9 -3.15 2.48 -5.27
C ARG A 9 -1.96 2.96 -4.47
N ILE A 10 -1.24 1.99 -3.89
CA ILE A 10 -0.03 2.27 -3.12
C ILE A 10 0.98 3.01 -3.98
N GLU A 11 1.21 2.49 -5.17
CA GLU A 11 2.20 3.04 -6.08
C GLU A 11 1.85 4.43 -6.56
N ALA A 12 0.57 4.74 -6.64
CA ALA A 12 0.14 6.09 -7.02
C ALA A 12 0.54 7.08 -5.92
N LYS A 13 0.49 6.61 -4.69
CA LYS A 13 0.84 7.42 -3.55
C LYS A 13 2.36 7.52 -3.48
N LYS A 14 3.03 6.46 -3.94
CA LYS A 14 4.48 6.42 -4.02
C LYS A 14 4.98 7.47 -4.99
N LYS A 15 4.24 7.66 -6.08
CA LYS A 15 4.59 8.66 -7.08
C LYS A 15 4.48 10.05 -6.48
N GLU A 16 3.54 10.21 -5.56
CA GLU A 16 3.30 11.47 -4.91
C GLU A 16 4.43 11.70 -3.93
N LEU A 17 4.78 10.65 -3.23
CA LEU A 17 5.89 10.63 -2.30
C LEU A 17 7.18 11.03 -2.96
N ILE A 18 7.43 10.51 -4.16
CA ILE A 18 8.63 10.86 -4.92
C ILE A 18 8.69 12.38 -5.12
N TYR A 19 7.55 12.96 -5.50
CA TYR A 19 7.44 14.40 -5.67
C TYR A 19 7.70 15.10 -4.33
N LEU A 20 7.10 14.58 -3.27
CA LEU A 20 7.24 15.14 -1.94
C LEU A 20 8.70 15.09 -1.45
N VAL A 21 9.35 13.96 -1.67
CA VAL A 21 10.77 13.81 -1.33
C VAL A 21 11.62 14.84 -2.09
N GLU A 22 11.31 15.05 -3.34
CA GLU A 22 12.01 16.04 -4.13
C GLU A 22 11.71 17.47 -3.68
N LYS A 23 10.45 17.75 -3.41
CA LYS A 23 9.99 19.06 -3.12
C LYS A 23 10.26 19.49 -1.66
N TYR A 24 9.96 18.62 -0.72
CA TYR A 24 10.10 18.96 0.70
C TYR A 24 11.30 18.28 1.31
N GLY A 25 11.58 17.09 0.86
CA GLY A 25 12.69 16.34 1.37
C GLY A 25 12.24 15.06 2.02
N PHE A 26 13.14 14.11 2.19
CA PHE A 26 12.78 12.85 2.83
C PHE A 26 12.60 13.04 4.32
N THR A 27 13.43 13.88 4.90
CA THR A 27 13.34 14.17 6.29
C THR A 27 12.48 15.43 6.49
N HIS A 28 11.22 15.23 6.26
CA HIS A 28 10.22 16.23 6.41
C HIS A 28 9.05 15.56 7.07
N HIS A 29 8.53 16.17 8.12
CA HIS A 29 7.52 15.57 8.98
C HIS A 29 6.31 15.03 8.21
N LYS A 30 5.79 15.81 7.29
CA LYS A 30 4.63 15.38 6.51
C LYS A 30 4.96 14.19 5.62
N VAL A 31 6.17 14.16 5.10
CA VAL A 31 6.60 13.05 4.26
C VAL A 31 6.70 11.79 5.12
N ILE A 32 7.20 11.97 6.34
CA ILE A 32 7.30 10.88 7.30
C ILE A 32 5.89 10.35 7.65
N SER A 33 4.93 11.26 7.83
CA SER A 33 3.56 10.85 8.13
C SER A 33 2.94 10.10 6.93
N PHE A 34 3.30 10.47 5.70
CA PHE A 34 2.82 9.76 4.53
C PHE A 34 3.45 8.39 4.45
N SER A 35 4.69 8.27 4.89
CA SER A 35 5.38 7.00 4.92
C SER A 35 4.61 6.02 5.82
N GLN A 36 4.13 6.54 6.95
CA GLN A 36 3.35 5.74 7.90
C GLN A 36 2.00 5.38 7.29
N GLU A 37 1.49 6.25 6.46
CA GLU A 37 0.23 6.00 5.78
C GLU A 37 0.43 4.93 4.71
N LEU A 38 1.50 5.05 3.95
CA LEU A 38 1.86 4.05 2.93
C LEU A 38 2.09 2.70 3.55
N ASP A 39 2.58 2.71 4.78
CA ASP A 39 2.78 1.51 5.57
C ASP A 39 1.44 0.78 5.73
N ARG A 40 0.42 1.53 6.10
CA ARG A 40 -0.89 0.99 6.33
C ARG A 40 -1.55 0.54 5.03
N LEU A 41 -1.39 1.35 3.97
CA LEU A 41 -1.90 1.00 2.65
C LEU A 41 -1.24 -0.27 2.12
N LEU A 42 0.07 -0.37 2.29
CA LEU A 42 0.83 -1.54 1.86
C LEU A 42 0.42 -2.75 2.67
N ASN A 43 0.06 -2.52 3.91
CA ASN A 43 -0.32 -3.60 4.78
C ASN A 43 -1.66 -4.20 4.36
N LEU A 44 -2.49 -3.42 3.64
CA LEU A 44 -3.80 -3.90 3.18
C LEU A 44 -3.67 -5.16 2.35
N LEU A 45 -2.74 -5.16 1.41
CA LEU A 45 -2.55 -6.33 0.57
C LEU A 45 -1.91 -7.47 1.34
N ILE A 46 -1.03 -7.14 2.27
CA ILE A 46 -0.38 -8.16 3.11
C ILE A 46 -1.43 -8.85 4.00
N GLU A 47 -2.23 -8.03 4.66
CA GLU A 47 -3.28 -8.45 5.56
C GLU A 47 -4.30 -9.31 4.82
N LEU A 48 -4.76 -8.82 3.67
CA LEU A 48 -5.75 -9.52 2.90
C LEU A 48 -5.20 -10.82 2.32
N LYS A 49 -3.95 -10.79 1.89
CA LYS A 49 -3.31 -11.98 1.30
C LYS A 49 -3.18 -13.09 2.34
N THR A 50 -3.02 -12.71 3.59
CA THR A 50 -2.87 -13.64 4.69
C THR A 50 -4.23 -14.30 5.04
N LYS A 51 -5.31 -13.54 4.96
CA LYS A 51 -6.62 -14.07 5.22
C LYS A 51 -7.13 -14.81 3.99
N LYS A 52 -7.11 -14.12 2.84
CA LYS A 52 -7.58 -14.56 1.48
C LYS A 52 -8.98 -15.19 1.48
N LYS A 53 -9.69 -15.02 2.54
CA LYS A 53 -10.98 -15.63 2.71
C LYS A 53 -12.07 -14.58 2.72
N ARG A 54 -11.71 -13.35 2.40
CA ARG A 54 -12.69 -12.29 2.43
C ARG A 54 -13.17 -11.98 1.05
N TYR A 55 -14.29 -11.32 0.98
CA TYR A 55 -14.94 -10.90 -0.26
C TYR A 55 -14.10 -9.87 -1.05
N SER A 56 -12.97 -9.47 -0.49
CA SER A 56 -12.04 -8.52 -1.12
C SER A 56 -11.43 -9.09 -2.41
N LEU A 57 -11.56 -10.40 -2.59
CA LEU A 57 -11.09 -11.05 -3.81
C LEU A 57 -12.09 -10.80 -4.91
N LEU A 58 -13.26 -10.33 -4.52
CA LEU A 58 -14.29 -9.95 -5.44
C LEU A 58 -14.38 -8.43 -5.41
N GLU A 59 -15.08 -7.93 -4.39
CA GLU A 59 -15.41 -6.52 -4.19
C GLU A 59 -15.79 -5.73 -5.43
N HIS A 60 -14.82 -5.17 -6.05
CA HIS A 60 -15.01 -4.33 -7.19
C HIS A 60 -13.85 -4.58 -8.13
N HIS A 61 -14.06 -4.41 -9.42
CA HIS A 61 -12.99 -4.66 -10.39
C HIS A 61 -11.89 -3.62 -10.27
N HIS A 62 -12.29 -2.37 -10.14
CA HIS A 62 -11.34 -1.30 -9.94
C HIS A 62 -11.19 -1.03 -8.45
N HIS A 63 -9.98 -1.05 -7.96
CA HIS A 63 -9.72 -0.74 -6.57
C HIS A 63 -9.66 0.76 -6.35
N HIS A 64 -10.74 1.28 -5.87
CA HIS A 64 -10.87 2.68 -5.56
C HIS A 64 -11.28 2.78 -4.12
N MET A 1 -13.87 -4.12 -5.11
CA MET A 1 -12.51 -3.91 -4.65
C MET A 1 -11.56 -4.80 -5.42
N ASN A 2 -10.58 -4.22 -6.06
CA ASN A 2 -9.59 -5.00 -6.77
C ASN A 2 -8.28 -4.91 -6.02
N VAL A 3 -7.64 -6.03 -5.78
CA VAL A 3 -6.37 -6.02 -5.05
C VAL A 3 -5.26 -5.40 -5.90
N THR A 4 -5.36 -5.58 -7.22
CA THR A 4 -4.42 -4.99 -8.13
C THR A 4 -4.53 -3.46 -8.05
N LYS A 5 -5.75 -2.97 -7.87
CA LYS A 5 -5.99 -1.56 -7.76
C LYS A 5 -5.64 -1.01 -6.40
N LEU A 6 -5.71 -1.84 -5.39
CA LEU A 6 -5.30 -1.44 -4.06
C LEU A 6 -3.79 -1.21 -4.08
N ASN A 7 -3.07 -2.15 -4.70
CA ASN A 7 -1.62 -2.05 -4.84
C ASN A 7 -1.30 -0.88 -5.79
N ASP A 8 -2.18 -0.65 -6.75
CA ASP A 8 -2.09 0.48 -7.70
C ASP A 8 -2.06 1.82 -6.94
N ARG A 9 -2.84 1.89 -5.87
CA ARG A 9 -2.88 3.09 -5.03
C ARG A 9 -1.55 3.28 -4.34
N ILE A 10 -0.95 2.16 -3.96
CA ILE A 10 0.37 2.14 -3.34
C ILE A 10 1.36 2.72 -4.34
N GLU A 11 1.28 2.26 -5.58
CA GLU A 11 2.15 2.69 -6.66
C GLU A 11 2.03 4.20 -6.87
N ALA A 12 0.81 4.69 -6.91
CA ALA A 12 0.55 6.11 -7.08
C ALA A 12 1.02 6.91 -5.87
N LYS A 13 0.99 6.29 -4.70
CA LYS A 13 1.39 6.95 -3.47
C LYS A 13 2.91 7.03 -3.40
N LYS A 14 3.56 6.00 -3.93
CA LYS A 14 5.02 5.98 -4.06
C LYS A 14 5.46 7.14 -4.92
N LYS A 15 4.82 7.29 -6.08
CA LYS A 15 5.15 8.36 -7.02
C LYS A 15 4.85 9.73 -6.43
N GLU A 16 3.84 9.79 -5.60
CA GLU A 16 3.42 11.04 -4.96
C GLU A 16 4.49 11.40 -3.96
N LEU A 17 4.93 10.39 -3.23
CA LEU A 17 5.99 10.51 -2.27
C LEU A 17 7.30 10.92 -2.90
N ILE A 18 7.61 10.35 -4.06
CA ILE A 18 8.83 10.71 -4.80
C ILE A 18 8.83 12.21 -5.09
N TYR A 19 7.69 12.74 -5.49
CA TYR A 19 7.52 14.16 -5.75
C TYR A 19 7.68 14.96 -4.46
N LEU A 20 7.15 14.43 -3.39
CA LEU A 20 7.26 15.08 -2.08
C LEU A 20 8.70 15.11 -1.60
N VAL A 21 9.43 14.04 -1.85
CA VAL A 21 10.86 13.99 -1.56
C VAL A 21 11.62 15.04 -2.42
N GLU A 22 11.13 15.29 -3.62
CA GLU A 22 11.70 16.34 -4.46
C GLU A 22 11.45 17.73 -3.85
N LYS A 23 10.20 18.03 -3.55
CA LYS A 23 9.84 19.36 -3.05
C LYS A 23 10.18 19.58 -1.57
N TYR A 24 9.84 18.66 -0.73
CA TYR A 24 10.05 18.83 0.70
C TYR A 24 11.29 18.08 1.15
N GLY A 25 11.46 16.90 0.64
CA GLY A 25 12.59 16.09 1.00
C GLY A 25 12.18 14.95 1.88
N PHE A 26 13.05 14.56 2.78
CA PHE A 26 12.76 13.52 3.71
C PHE A 26 12.99 14.05 5.12
N THR A 27 12.72 13.24 6.15
CA THR A 27 12.77 13.64 7.59
C THR A 27 11.82 14.83 7.87
N HIS A 28 10.88 15.00 6.98
CA HIS A 28 9.93 16.07 7.03
C HIS A 28 8.61 15.48 7.50
N HIS A 29 7.98 16.13 8.46
CA HIS A 29 6.74 15.65 9.12
C HIS A 29 5.64 15.20 8.16
N LYS A 30 5.38 16.02 7.14
CA LYS A 30 4.35 15.69 6.16
C LYS A 30 4.73 14.40 5.44
N VAL A 31 5.96 14.36 4.97
CA VAL A 31 6.50 13.22 4.22
C VAL A 31 6.47 11.94 5.09
N ILE A 32 6.89 12.07 6.35
CA ILE A 32 6.88 10.96 7.30
C ILE A 32 5.46 10.41 7.46
N SER A 33 4.50 11.31 7.57
CA SER A 33 3.11 10.94 7.73
C SER A 33 2.58 10.21 6.48
N PHE A 34 2.99 10.67 5.30
CA PHE A 34 2.58 10.01 4.06
C PHE A 34 3.27 8.66 3.91
N SER A 35 4.51 8.60 4.36
CA SER A 35 5.34 7.42 4.31
C SER A 35 4.74 6.30 5.16
N GLN A 36 4.22 6.66 6.33
CA GLN A 36 3.58 5.69 7.20
C GLN A 36 2.29 5.16 6.59
N GLU A 37 1.61 6.00 5.82
CA GLU A 37 0.41 5.58 5.14
C GLU A 37 0.77 4.55 4.08
N LEU A 38 1.90 4.77 3.43
CA LEU A 38 2.40 3.88 2.39
C LEU A 38 2.63 2.48 2.99
N ASP A 39 3.24 2.45 4.16
CA ASP A 39 3.46 1.18 4.87
C ASP A 39 2.14 0.53 5.27
N ARG A 40 1.19 1.36 5.70
CA ARG A 40 -0.17 0.86 6.02
C ARG A 40 -0.85 0.30 4.78
N LEU A 41 -0.61 0.91 3.63
CA LEU A 41 -1.17 0.43 2.36
C LEU A 41 -0.63 -0.96 2.05
N LEU A 42 0.67 -1.17 2.27
CA LEU A 42 1.28 -2.50 2.13
C LEU A 42 0.65 -3.47 3.09
N ASN A 43 0.43 -2.99 4.28
CA ASN A 43 -0.17 -3.77 5.34
C ASN A 43 -1.61 -4.09 5.07
N LEU A 44 -2.24 -3.38 4.15
CA LEU A 44 -3.60 -3.70 3.75
C LEU A 44 -3.64 -5.04 3.05
N LEU A 45 -2.66 -5.29 2.17
CA LEU A 45 -2.57 -6.57 1.47
C LEU A 45 -2.29 -7.68 2.48
N ILE A 46 -1.46 -7.35 3.47
CA ILE A 46 -1.11 -8.26 4.55
C ILE A 46 -2.34 -8.55 5.41
N GLU A 47 -3.11 -7.51 5.67
CA GLU A 47 -4.29 -7.59 6.50
C GLU A 47 -5.41 -8.33 5.76
N LEU A 48 -5.45 -8.21 4.42
CA LEU A 48 -6.41 -8.95 3.60
C LEU A 48 -6.29 -10.44 3.80
N LYS A 49 -5.07 -10.87 4.01
CA LYS A 49 -4.76 -12.26 4.27
C LYS A 49 -5.42 -12.68 5.61
N THR A 50 -5.30 -11.81 6.58
CA THR A 50 -5.81 -12.03 7.93
C THR A 50 -7.37 -12.02 7.99
N LYS A 51 -7.99 -11.47 6.95
CA LYS A 51 -9.47 -11.34 6.90
C LYS A 51 -10.17 -12.70 6.83
N LYS A 52 -9.41 -13.76 6.49
CA LYS A 52 -9.86 -15.18 6.33
C LYS A 52 -10.89 -15.43 5.23
N LYS A 53 -11.56 -14.40 4.80
CA LYS A 53 -12.53 -14.48 3.72
C LYS A 53 -11.84 -14.43 2.35
N ARG A 54 -10.55 -14.22 2.38
CA ARG A 54 -9.76 -14.24 1.19
C ARG A 54 -9.30 -15.67 0.96
N TYR A 55 -9.23 -16.08 -0.28
CA TYR A 55 -9.02 -17.47 -0.65
C TYR A 55 -7.69 -18.03 -0.17
N SER A 56 -6.69 -17.17 -0.09
CA SER A 56 -5.34 -17.57 0.28
C SER A 56 -5.21 -18.03 1.74
N LEU A 57 -6.21 -17.78 2.58
CA LEU A 57 -6.12 -18.26 3.94
C LEU A 57 -6.66 -19.68 4.02
N LEU A 58 -7.62 -19.98 3.17
CA LEU A 58 -8.19 -21.32 3.14
C LEU A 58 -7.28 -22.20 2.32
N GLU A 59 -7.03 -21.75 1.12
CA GLU A 59 -6.19 -22.47 0.21
C GLU A 59 -4.86 -21.79 0.19
N HIS A 60 -4.00 -22.22 1.05
CA HIS A 60 -2.71 -21.60 1.20
C HIS A 60 -1.65 -22.49 0.62
N HIS A 61 -1.22 -22.13 -0.56
CA HIS A 61 -0.20 -22.87 -1.24
C HIS A 61 1.14 -22.34 -0.79
N HIS A 62 1.94 -23.19 -0.26
CA HIS A 62 3.22 -22.83 0.24
C HIS A 62 4.26 -23.14 -0.81
N HIS A 63 4.70 -22.14 -1.51
CA HIS A 63 5.71 -22.31 -2.51
C HIS A 63 7.04 -21.99 -1.88
N HIS A 64 7.86 -22.98 -1.75
CA HIS A 64 9.15 -22.82 -1.16
C HIS A 64 10.04 -23.89 -1.75
N MET A 1 -12.68 -6.14 -3.46
CA MET A 1 -12.51 -7.38 -4.22
C MET A 1 -11.19 -7.39 -4.96
N ASN A 2 -11.05 -6.46 -5.90
CA ASN A 2 -9.87 -6.39 -6.73
C ASN A 2 -8.71 -5.78 -5.95
N VAL A 3 -7.97 -6.62 -5.24
CA VAL A 3 -6.86 -6.16 -4.41
C VAL A 3 -5.71 -5.60 -5.26
N THR A 4 -5.70 -5.93 -6.53
CA THR A 4 -4.73 -5.40 -7.46
C THR A 4 -4.89 -3.87 -7.58
N LYS A 5 -6.11 -3.38 -7.34
CA LYS A 5 -6.37 -1.96 -7.43
C LYS A 5 -5.80 -1.26 -6.21
N LEU A 6 -5.74 -1.98 -5.10
CA LEU A 6 -5.16 -1.45 -3.89
C LEU A 6 -3.65 -1.32 -4.12
N ASN A 7 -3.09 -2.33 -4.78
CA ASN A 7 -1.67 -2.34 -5.17
C ASN A 7 -1.36 -1.14 -6.09
N ASP A 8 -2.29 -0.88 -7.01
CA ASP A 8 -2.22 0.27 -7.93
C ASP A 8 -2.22 1.58 -7.15
N ARG A 9 -3.04 1.64 -6.12
CA ARG A 9 -3.10 2.80 -5.23
C ARG A 9 -1.77 3.00 -4.53
N ILE A 10 -1.14 1.90 -4.12
CA ILE A 10 0.16 1.95 -3.49
C ILE A 10 1.18 2.55 -4.48
N GLU A 11 1.15 2.07 -5.73
CA GLU A 11 2.03 2.59 -6.78
C GLU A 11 1.85 4.10 -6.95
N ALA A 12 0.61 4.54 -6.96
CA ALA A 12 0.29 5.94 -7.11
C ALA A 12 0.84 6.76 -5.94
N LYS A 13 0.77 6.17 -4.75
CA LYS A 13 1.22 6.83 -3.54
C LYS A 13 2.75 6.88 -3.53
N LYS A 14 3.36 5.83 -4.04
CA LYS A 14 4.81 5.74 -4.17
C LYS A 14 5.34 6.82 -5.10
N LYS A 15 4.70 6.96 -6.26
CA LYS A 15 5.05 8.00 -7.24
C LYS A 15 4.89 9.38 -6.61
N GLU A 16 3.85 9.53 -5.82
CA GLU A 16 3.54 10.76 -5.13
C GLU A 16 4.61 11.06 -4.08
N LEU A 17 4.90 10.08 -3.24
CA LEU A 17 5.87 10.24 -2.16
C LEU A 17 7.24 10.63 -2.68
N ILE A 18 7.66 10.00 -3.77
CA ILE A 18 8.95 10.34 -4.41
C ILE A 18 8.99 11.82 -4.76
N TYR A 19 7.89 12.31 -5.30
CA TYR A 19 7.75 13.72 -5.65
C TYR A 19 7.75 14.60 -4.39
N LEU A 20 7.06 14.14 -3.36
CA LEU A 20 6.94 14.86 -2.11
C LEU A 20 8.30 14.97 -1.40
N VAL A 21 9.10 13.92 -1.48
CA VAL A 21 10.46 13.94 -0.91
C VAL A 21 11.31 14.99 -1.64
N GLU A 22 11.11 15.08 -2.94
CA GLU A 22 11.81 16.05 -3.75
C GLU A 22 11.39 17.47 -3.38
N LYS A 23 10.12 17.67 -3.15
CA LYS A 23 9.61 19.00 -2.88
C LYS A 23 9.80 19.44 -1.44
N TYR A 24 9.44 18.60 -0.50
CA TYR A 24 9.45 18.98 0.90
C TYR A 24 10.74 18.53 1.59
N GLY A 25 11.20 17.36 1.26
CA GLY A 25 12.37 16.82 1.89
C GLY A 25 12.08 15.45 2.41
N PHE A 26 12.98 14.89 3.19
CA PHE A 26 12.79 13.56 3.73
C PHE A 26 12.60 13.57 5.24
N THR A 27 13.18 14.55 5.93
CA THR A 27 13.03 14.64 7.37
C THR A 27 11.80 15.48 7.74
N HIS A 28 11.11 15.96 6.72
CA HIS A 28 9.88 16.74 6.87
C HIS A 28 8.81 15.81 7.44
N HIS A 29 8.17 16.22 8.53
CA HIS A 29 7.24 15.35 9.28
C HIS A 29 6.07 14.84 8.44
N LYS A 30 5.52 15.68 7.58
CA LYS A 30 4.43 15.25 6.71
C LYS A 30 4.89 14.20 5.73
N VAL A 31 6.13 14.31 5.26
CA VAL A 31 6.68 13.33 4.33
C VAL A 31 6.83 11.98 5.03
N ILE A 32 7.24 12.03 6.28
CA ILE A 32 7.34 10.83 7.10
C ILE A 32 5.94 10.25 7.31
N SER A 33 4.97 11.13 7.46
CA SER A 33 3.57 10.74 7.62
C SER A 33 3.06 10.07 6.33
N PHE A 34 3.51 10.56 5.18
CA PHE A 34 3.11 9.97 3.90
C PHE A 34 3.81 8.63 3.72
N SER A 35 5.00 8.52 4.28
CA SER A 35 5.73 7.28 4.26
C SER A 35 4.98 6.24 5.12
N GLN A 36 4.41 6.72 6.24
CA GLN A 36 3.58 5.88 7.09
C GLN A 36 2.35 5.42 6.32
N GLU A 37 1.80 6.30 5.49
CA GLU A 37 0.66 5.97 4.65
C GLU A 37 1.00 4.91 3.61
N LEU A 38 2.18 5.02 3.02
CA LEU A 38 2.65 4.05 2.03
C LEU A 38 2.69 2.66 2.69
N ASP A 39 3.36 2.60 3.83
CA ASP A 39 3.48 1.38 4.61
C ASP A 39 2.10 0.85 5.04
N ARG A 40 1.23 1.76 5.40
CA ARG A 40 -0.12 1.46 5.83
C ARG A 40 -0.93 0.85 4.67
N LEU A 41 -0.78 1.39 3.48
CA LEU A 41 -1.44 0.86 2.29
C LEU A 41 -0.92 -0.52 1.96
N LEU A 42 0.40 -0.68 2.05
CA LEU A 42 1.04 -1.96 1.80
C LEU A 42 0.53 -3.02 2.78
N ASN A 43 0.41 -2.63 4.03
CA ASN A 43 -0.05 -3.52 5.07
C ASN A 43 -1.50 -3.92 4.93
N LEU A 44 -2.25 -3.16 4.15
CA LEU A 44 -3.63 -3.51 3.87
C LEU A 44 -3.67 -4.82 3.09
N LEU A 45 -2.73 -4.98 2.16
CA LEU A 45 -2.62 -6.22 1.39
C LEU A 45 -2.32 -7.37 2.34
N ILE A 46 -1.33 -7.14 3.21
CA ILE A 46 -0.91 -8.12 4.20
C ILE A 46 -2.08 -8.51 5.12
N GLU A 47 -2.81 -7.52 5.61
CA GLU A 47 -3.94 -7.77 6.49
C GLU A 47 -5.01 -8.59 5.82
N LEU A 48 -5.49 -8.17 4.67
CA LEU A 48 -6.56 -8.89 3.98
C LEU A 48 -6.14 -10.30 3.58
N LYS A 49 -4.88 -10.45 3.25
CA LYS A 49 -4.30 -11.74 2.90
C LYS A 49 -4.29 -12.66 4.13
N THR A 50 -3.77 -12.14 5.23
CA THR A 50 -3.57 -12.91 6.44
C THR A 50 -4.90 -13.14 7.20
N LYS A 51 -5.74 -12.11 7.31
CA LYS A 51 -6.99 -12.23 8.02
C LYS A 51 -7.95 -13.08 7.22
N LYS A 52 -8.02 -12.79 5.89
CA LYS A 52 -8.85 -13.49 4.87
C LYS A 52 -10.26 -13.84 5.34
N LYS A 53 -10.77 -13.01 6.18
CA LYS A 53 -12.04 -13.24 6.76
C LYS A 53 -13.14 -12.44 6.09
N ARG A 54 -12.76 -11.55 5.21
CA ARG A 54 -13.74 -10.79 4.47
C ARG A 54 -14.12 -11.54 3.23
N TYR A 55 -15.35 -11.33 2.79
CA TYR A 55 -15.98 -12.12 1.74
C TYR A 55 -15.21 -12.23 0.44
N SER A 56 -14.32 -11.30 0.17
CA SER A 56 -13.47 -11.34 -1.04
C SER A 56 -12.58 -12.61 -1.06
N LEU A 57 -12.28 -13.14 0.11
CA LEU A 57 -11.43 -14.31 0.25
C LEU A 57 -12.24 -15.58 0.42
N LEU A 58 -13.55 -15.44 0.46
CA LEU A 58 -14.42 -16.57 0.66
C LEU A 58 -15.19 -16.87 -0.60
N GLU A 59 -15.94 -15.90 -1.04
CA GLU A 59 -16.84 -16.06 -2.15
C GLU A 59 -16.74 -14.82 -3.02
N HIS A 60 -17.74 -14.59 -3.81
CA HIS A 60 -17.81 -13.41 -4.61
C HIS A 60 -18.81 -12.48 -3.98
N HIS A 61 -18.37 -11.45 -3.27
CA HIS A 61 -19.33 -10.49 -2.85
C HIS A 61 -19.55 -9.58 -4.02
N HIS A 62 -20.67 -9.81 -4.69
CA HIS A 62 -21.01 -9.18 -5.95
C HIS A 62 -20.85 -7.68 -5.93
N HIS A 63 -19.84 -7.24 -6.60
CA HIS A 63 -19.47 -5.87 -6.71
C HIS A 63 -18.96 -5.65 -8.12
N HIS A 64 -19.04 -4.45 -8.60
CA HIS A 64 -18.64 -4.14 -9.93
C HIS A 64 -17.19 -3.69 -9.92
N MET A 1 -13.32 -5.15 -5.71
CA MET A 1 -12.18 -4.62 -6.42
C MET A 1 -11.08 -5.65 -6.41
N ASN A 2 -10.40 -5.75 -7.52
CA ASN A 2 -9.31 -6.69 -7.70
C ASN A 2 -8.13 -6.24 -6.85
N VAL A 3 -7.47 -7.18 -6.21
CA VAL A 3 -6.37 -6.91 -5.31
C VAL A 3 -5.18 -6.21 -6.00
N THR A 4 -5.02 -6.42 -7.31
CA THR A 4 -3.94 -5.77 -8.05
C THR A 4 -4.18 -4.25 -8.06
N LYS A 5 -5.43 -3.84 -7.94
CA LYS A 5 -5.79 -2.44 -7.95
C LYS A 5 -5.47 -1.80 -6.60
N LEU A 6 -5.48 -2.60 -5.54
CA LEU A 6 -5.10 -2.10 -4.22
C LEU A 6 -3.59 -1.88 -4.24
N ASN A 7 -2.89 -2.79 -4.91
CA ASN A 7 -1.45 -2.70 -5.09
C ASN A 7 -1.13 -1.51 -6.02
N ASP A 8 -2.03 -1.23 -6.94
CA ASP A 8 -1.93 -0.07 -7.85
C ASP A 8 -2.06 1.23 -7.07
N ARG A 9 -2.96 1.23 -6.07
CA ARG A 9 -3.14 2.38 -5.15
C ARG A 9 -1.82 2.68 -4.45
N ILE A 10 -1.13 1.60 -4.07
CA ILE A 10 0.18 1.70 -3.43
C ILE A 10 1.15 2.36 -4.40
N GLU A 11 1.20 1.85 -5.63
CA GLU A 11 2.10 2.33 -6.67
C GLU A 11 1.94 3.83 -6.88
N ALA A 12 0.70 4.25 -7.04
CA ALA A 12 0.38 5.65 -7.25
C ALA A 12 0.86 6.51 -6.08
N LYS A 13 0.80 5.94 -4.88
CA LYS A 13 1.20 6.64 -3.70
C LYS A 13 2.72 6.67 -3.57
N LYS A 14 3.39 5.64 -4.07
CA LYS A 14 4.84 5.58 -4.07
C LYS A 14 5.39 6.72 -4.91
N LYS A 15 4.76 6.95 -6.06
CA LYS A 15 5.16 8.02 -6.98
C LYS A 15 4.93 9.35 -6.29
N GLU A 16 3.79 9.42 -5.62
CA GLU A 16 3.33 10.57 -4.85
C GLU A 16 4.36 10.92 -3.78
N LEU A 17 4.75 9.92 -3.00
CA LEU A 17 5.70 10.11 -1.93
C LEU A 17 7.03 10.63 -2.44
N ILE A 18 7.49 10.11 -3.57
CA ILE A 18 8.75 10.60 -4.17
C ILE A 18 8.63 12.09 -4.48
N TYR A 19 7.52 12.47 -5.09
CA TYR A 19 7.22 13.86 -5.42
C TYR A 19 7.25 14.73 -4.16
N LEU A 20 6.62 14.23 -3.12
CA LEU A 20 6.51 14.92 -1.86
C LEU A 20 7.86 15.06 -1.15
N VAL A 21 8.73 14.06 -1.27
CA VAL A 21 10.07 14.15 -0.67
C VAL A 21 10.87 15.23 -1.37
N GLU A 22 10.71 15.32 -2.67
CA GLU A 22 11.38 16.33 -3.46
C GLU A 22 10.94 17.74 -3.04
N LYS A 23 9.65 17.86 -2.74
CA LYS A 23 9.07 19.13 -2.35
C LYS A 23 9.36 19.52 -0.90
N TYR A 24 9.17 18.59 0.01
CA TYR A 24 9.33 18.90 1.41
C TYR A 24 10.74 18.71 1.94
N GLY A 25 11.42 17.69 1.49
CA GLY A 25 12.74 17.43 2.00
C GLY A 25 12.89 16.01 2.46
N PHE A 26 14.11 15.52 2.48
CA PHE A 26 14.39 14.16 2.94
C PHE A 26 14.08 14.00 4.40
N THR A 27 13.21 13.04 4.70
CA THR A 27 12.84 12.67 6.06
C THR A 27 12.15 13.86 6.81
N HIS A 28 11.56 14.75 6.04
CA HIS A 28 10.82 15.86 6.60
C HIS A 28 9.56 15.34 7.33
N HIS A 29 9.10 16.11 8.29
CA HIS A 29 7.95 15.78 9.14
C HIS A 29 6.73 15.31 8.32
N LYS A 30 6.31 16.12 7.35
CA LYS A 30 5.16 15.76 6.51
C LYS A 30 5.45 14.48 5.74
N VAL A 31 6.69 14.34 5.29
CA VAL A 31 7.15 13.19 4.52
C VAL A 31 6.99 11.90 5.32
N ILE A 32 7.34 11.94 6.59
CA ILE A 32 7.22 10.80 7.47
C ILE A 32 5.74 10.38 7.59
N SER A 33 4.87 11.35 7.61
CA SER A 33 3.45 11.13 7.71
C SER A 33 2.93 10.48 6.41
N PHE A 34 3.46 10.92 5.26
CA PHE A 34 3.07 10.35 3.97
C PHE A 34 3.60 8.93 3.85
N SER A 35 4.75 8.71 4.46
CA SER A 35 5.38 7.40 4.51
C SER A 35 4.47 6.42 5.23
N GLN A 36 3.80 6.90 6.28
CA GLN A 36 2.89 6.07 7.03
C GLN A 36 1.68 5.70 6.19
N GLU A 37 1.26 6.60 5.31
CA GLU A 37 0.17 6.33 4.39
C GLU A 37 0.53 5.16 3.48
N LEU A 38 1.73 5.24 2.92
CA LEU A 38 2.23 4.24 2.01
C LEU A 38 2.39 2.91 2.74
N ASP A 39 2.99 2.98 3.92
CA ASP A 39 3.19 1.81 4.78
C ASP A 39 1.87 1.12 5.07
N ARG A 40 0.89 1.90 5.52
CA ARG A 40 -0.40 1.36 5.87
C ARG A 40 -1.15 0.82 4.67
N LEU A 41 -0.94 1.43 3.52
CA LEU A 41 -1.55 1.00 2.27
C LEU A 41 -0.99 -0.39 1.90
N LEU A 42 0.31 -0.55 2.09
CA LEU A 42 0.99 -1.81 1.81
C LEU A 42 0.56 -2.84 2.87
N ASN A 43 0.34 -2.37 4.09
CA ASN A 43 -0.15 -3.23 5.17
C ASN A 43 -1.56 -3.72 4.88
N LEU A 44 -2.36 -2.90 4.18
CA LEU A 44 -3.70 -3.30 3.75
C LEU A 44 -3.60 -4.46 2.80
N LEU A 45 -2.67 -4.35 1.86
CA LEU A 45 -2.42 -5.37 0.85
C LEU A 45 -2.10 -6.72 1.50
N ILE A 46 -1.32 -6.67 2.56
CA ILE A 46 -0.96 -7.85 3.31
C ILE A 46 -2.16 -8.36 4.13
N GLU A 47 -2.78 -7.46 4.88
CA GLU A 47 -3.87 -7.81 5.80
C GLU A 47 -5.09 -8.33 5.05
N LEU A 48 -5.29 -7.81 3.84
CA LEU A 48 -6.41 -8.20 2.99
C LEU A 48 -6.35 -9.70 2.71
N LYS A 49 -5.14 -10.20 2.49
CA LYS A 49 -4.94 -11.62 2.20
C LYS A 49 -5.23 -12.46 3.43
N THR A 50 -4.97 -11.88 4.58
CA THR A 50 -5.20 -12.53 5.83
C THR A 50 -6.72 -12.63 6.10
N LYS A 51 -7.42 -11.54 5.84
CA LYS A 51 -8.80 -11.47 6.16
C LYS A 51 -9.71 -12.05 5.07
N LYS A 52 -9.63 -11.50 3.82
CA LYS A 52 -10.50 -11.82 2.61
C LYS A 52 -12.05 -11.77 2.84
N LYS A 53 -12.45 -11.92 4.08
CA LYS A 53 -13.83 -11.87 4.54
C LYS A 53 -14.44 -10.48 4.40
N ARG A 54 -13.59 -9.47 4.33
CA ARG A 54 -14.01 -8.14 4.09
C ARG A 54 -14.30 -8.04 2.60
N TYR A 55 -15.46 -7.53 2.27
CA TYR A 55 -15.99 -7.52 0.87
C TYR A 55 -15.26 -6.57 -0.08
N SER A 56 -14.02 -6.36 0.17
CA SER A 56 -13.16 -5.50 -0.61
C SER A 56 -12.92 -6.16 -1.96
N LEU A 57 -12.77 -7.49 -1.92
CA LEU A 57 -12.50 -8.30 -3.09
C LEU A 57 -13.65 -8.16 -4.09
N LEU A 58 -14.83 -8.01 -3.55
CA LEU A 58 -16.01 -7.85 -4.35
C LEU A 58 -16.24 -6.40 -4.68
N GLU A 59 -16.46 -5.60 -3.66
CA GLU A 59 -16.83 -4.22 -3.81
C GLU A 59 -15.64 -3.27 -3.86
N HIS A 60 -15.37 -2.64 -2.76
CA HIS A 60 -14.32 -1.63 -2.66
C HIS A 60 -13.97 -1.42 -1.20
N HIS A 61 -12.73 -1.03 -0.96
CA HIS A 61 -12.26 -0.69 0.36
C HIS A 61 -11.34 0.51 0.20
N HIS A 62 -11.43 1.42 1.13
CA HIS A 62 -10.57 2.56 1.12
C HIS A 62 -9.76 2.55 2.42
N HIS A 63 -10.35 3.02 3.50
CA HIS A 63 -9.73 3.02 4.81
C HIS A 63 -10.82 2.86 5.87
N HIS A 64 -10.43 2.85 7.12
CA HIS A 64 -11.35 2.81 8.18
C HIS A 64 -11.28 4.13 8.91
N MET A 1 -14.35 -5.42 -5.78
CA MET A 1 -13.30 -5.41 -4.78
C MET A 1 -12.11 -6.18 -5.33
N ASN A 2 -11.05 -5.48 -5.68
CA ASN A 2 -9.86 -6.10 -6.26
C ASN A 2 -8.62 -5.58 -5.59
N VAL A 3 -7.80 -6.49 -5.08
CA VAL A 3 -6.56 -6.10 -4.42
C VAL A 3 -5.57 -5.50 -5.41
N THR A 4 -5.70 -5.86 -6.69
CA THR A 4 -4.83 -5.30 -7.72
C THR A 4 -5.00 -3.77 -7.81
N LYS A 5 -6.21 -3.29 -7.55
CA LYS A 5 -6.45 -1.88 -7.55
C LYS A 5 -5.98 -1.23 -6.27
N LEU A 6 -5.94 -1.99 -5.19
CA LEU A 6 -5.35 -1.50 -3.95
C LEU A 6 -3.84 -1.36 -4.17
N ASN A 7 -3.24 -2.37 -4.83
CA ASN A 7 -1.82 -2.33 -5.24
C ASN A 7 -1.56 -1.10 -6.11
N ASP A 8 -2.49 -0.86 -7.01
CA ASP A 8 -2.50 0.28 -7.92
C ASP A 8 -2.43 1.60 -7.15
N ARG A 9 -3.19 1.67 -6.06
CA ARG A 9 -3.23 2.86 -5.19
C ARG A 9 -1.87 3.08 -4.54
N ILE A 10 -1.27 1.98 -4.11
CA ILE A 10 0.05 2.00 -3.47
C ILE A 10 1.07 2.56 -4.46
N GLU A 11 0.95 2.12 -5.70
CA GLU A 11 1.85 2.50 -6.76
C GLU A 11 1.87 4.02 -6.98
N ALA A 12 0.69 4.62 -6.96
CA ALA A 12 0.57 6.05 -7.15
C ALA A 12 1.07 6.81 -5.92
N LYS A 13 0.99 6.16 -4.78
CA LYS A 13 1.43 6.81 -3.56
C LYS A 13 2.93 6.81 -3.47
N LYS A 14 3.55 5.78 -4.04
CA LYS A 14 5.00 5.70 -4.14
C LYS A 14 5.51 6.89 -4.91
N LYS A 15 4.96 7.08 -6.11
CA LYS A 15 5.40 8.14 -7.00
C LYS A 15 5.13 9.52 -6.42
N GLU A 16 4.03 9.64 -5.70
CA GLU A 16 3.66 10.89 -5.08
C GLU A 16 4.63 11.20 -3.95
N LEU A 17 4.96 10.17 -3.17
CA LEU A 17 5.91 10.30 -2.06
C LEU A 17 7.26 10.76 -2.60
N ILE A 18 7.74 10.11 -3.66
CA ILE A 18 9.01 10.45 -4.30
C ILE A 18 9.02 11.93 -4.70
N TYR A 19 7.96 12.34 -5.38
CA TYR A 19 7.78 13.71 -5.85
C TYR A 19 7.78 14.71 -4.68
N LEU A 20 7.15 14.32 -3.59
CA LEU A 20 7.08 15.15 -2.41
C LEU A 20 8.43 15.24 -1.71
N VAL A 21 9.19 14.16 -1.76
CA VAL A 21 10.55 14.18 -1.19
C VAL A 21 11.45 15.10 -2.02
N GLU A 22 11.20 15.15 -3.32
CA GLU A 22 11.95 16.03 -4.21
C GLU A 22 11.72 17.49 -3.81
N LYS A 23 10.46 17.84 -3.64
CA LYS A 23 10.08 19.23 -3.35
C LYS A 23 10.21 19.63 -1.87
N TYR A 24 9.82 18.76 -0.98
CA TYR A 24 9.83 19.09 0.44
C TYR A 24 11.06 18.54 1.14
N GLY A 25 11.42 17.34 0.81
CA GLY A 25 12.55 16.70 1.46
C GLY A 25 12.11 15.79 2.58
N PHE A 26 12.71 14.63 2.66
CA PHE A 26 12.33 13.69 3.67
C PHE A 26 13.08 14.02 4.95
N THR A 27 12.45 14.81 5.78
CA THR A 27 13.02 15.18 7.03
C THR A 27 11.94 15.66 7.98
N HIS A 28 11.00 16.43 7.48
CA HIS A 28 9.92 16.91 8.33
C HIS A 28 8.77 15.91 8.39
N HIS A 29 7.95 16.05 9.43
CA HIS A 29 6.89 15.10 9.76
C HIS A 29 5.91 14.88 8.65
N LYS A 30 5.57 15.95 7.94
CA LYS A 30 4.61 15.90 6.82
C LYS A 30 4.96 14.78 5.82
N VAL A 31 6.21 14.74 5.41
CA VAL A 31 6.66 13.77 4.43
C VAL A 31 6.76 12.37 5.05
N ILE A 32 7.24 12.30 6.28
CA ILE A 32 7.39 11.02 6.97
C ILE A 32 6.01 10.37 7.18
N SER A 33 5.01 11.19 7.45
CA SER A 33 3.66 10.72 7.62
C SER A 33 3.10 10.13 6.33
N PHE A 34 3.59 10.60 5.17
CA PHE A 34 3.14 10.04 3.89
C PHE A 34 3.68 8.63 3.74
N SER A 35 4.90 8.41 4.18
CA SER A 35 5.52 7.10 4.13
C SER A 35 4.76 6.11 5.01
N GLN A 36 4.20 6.62 6.10
CA GLN A 36 3.39 5.81 7.00
C GLN A 36 2.12 5.33 6.28
N GLU A 37 1.63 6.14 5.35
CA GLU A 37 0.46 5.76 4.56
C GLU A 37 0.81 4.54 3.72
N LEU A 38 1.99 4.59 3.09
CA LEU A 38 2.50 3.47 2.27
C LEU A 38 2.65 2.22 3.12
N ASP A 39 3.14 2.42 4.33
CA ASP A 39 3.32 1.34 5.30
C ASP A 39 1.99 0.64 5.55
N ARG A 40 0.94 1.43 5.73
CA ARG A 40 -0.37 0.88 6.00
C ARG A 40 -0.97 0.24 4.77
N LEU A 41 -0.83 0.90 3.62
CA LEU A 41 -1.37 0.38 2.37
C LEU A 41 -0.74 -0.95 2.00
N LEU A 42 0.58 -1.05 2.19
CA LEU A 42 1.30 -2.31 1.98
C LEU A 42 0.74 -3.40 2.89
N ASN A 43 0.48 -3.03 4.13
CA ASN A 43 -0.02 -3.98 5.12
C ASN A 43 -1.44 -4.40 4.78
N LEU A 44 -2.23 -3.48 4.19
CA LEU A 44 -3.62 -3.74 3.83
C LEU A 44 -3.77 -4.91 2.87
N LEU A 45 -2.78 -5.11 2.01
CA LEU A 45 -2.77 -6.25 1.06
C LEU A 45 -2.78 -7.55 1.85
N ILE A 46 -1.89 -7.60 2.82
CA ILE A 46 -1.71 -8.76 3.66
C ILE A 46 -2.93 -8.91 4.57
N GLU A 47 -3.33 -7.81 5.15
CA GLU A 47 -4.43 -7.72 6.09
C GLU A 47 -5.72 -8.25 5.43
N LEU A 48 -6.00 -7.79 4.20
CA LEU A 48 -7.23 -8.12 3.45
C LEU A 48 -7.46 -9.63 3.39
N LYS A 49 -6.46 -10.36 2.99
CA LYS A 49 -6.57 -11.81 2.90
C LYS A 49 -6.60 -12.46 4.27
N THR A 50 -5.91 -11.86 5.21
CA THR A 50 -5.79 -12.38 6.56
C THR A 50 -7.12 -12.21 7.36
N LYS A 51 -8.02 -11.34 6.87
CA LYS A 51 -9.32 -11.08 7.51
C LYS A 51 -10.17 -12.34 7.50
N LYS A 52 -9.85 -13.24 6.55
CA LYS A 52 -10.51 -14.55 6.30
C LYS A 52 -12.03 -14.46 6.13
N LYS A 53 -12.53 -13.27 5.91
CA LYS A 53 -13.94 -13.10 5.68
C LYS A 53 -14.21 -13.02 4.20
N ARG A 54 -13.17 -13.25 3.42
CA ARG A 54 -13.26 -13.33 1.99
C ARG A 54 -14.05 -14.56 1.64
N TYR A 55 -14.80 -14.49 0.56
CA TYR A 55 -15.73 -15.54 0.18
C TYR A 55 -15.07 -16.89 -0.05
N SER A 56 -13.80 -16.86 -0.37
CA SER A 56 -12.98 -18.02 -0.58
C SER A 56 -12.72 -18.81 0.73
N LEU A 57 -13.02 -18.19 1.86
CA LEU A 57 -12.83 -18.84 3.14
C LEU A 57 -14.15 -19.43 3.63
N LEU A 58 -15.21 -19.14 2.91
CA LEU A 58 -16.51 -19.68 3.23
C LEU A 58 -16.82 -20.81 2.29
N GLU A 59 -17.12 -20.45 1.04
CA GLU A 59 -17.51 -21.35 -0.04
C GLU A 59 -18.36 -22.52 0.43
N HIS A 60 -19.55 -22.20 0.88
CA HIS A 60 -20.46 -23.19 1.44
C HIS A 60 -21.38 -23.76 0.39
N HIS A 61 -21.24 -23.29 -0.81
CA HIS A 61 -21.95 -23.83 -1.93
C HIS A 61 -21.26 -25.11 -2.34
N HIS A 62 -21.87 -26.22 -2.04
CA HIS A 62 -21.23 -27.50 -2.24
C HIS A 62 -21.84 -28.27 -3.38
N HIS A 63 -21.10 -28.41 -4.43
CA HIS A 63 -21.53 -29.19 -5.56
C HIS A 63 -21.09 -30.63 -5.34
N HIS A 64 -21.94 -31.40 -4.71
CA HIS A 64 -21.71 -32.79 -4.48
C HIS A 64 -22.27 -33.54 -5.65
N MET A 1 -14.98 -4.06 -6.84
CA MET A 1 -13.78 -4.05 -7.68
C MET A 1 -12.80 -5.07 -7.21
N ASN A 2 -11.78 -5.31 -8.02
CA ASN A 2 -10.77 -6.32 -7.76
C ASN A 2 -9.75 -5.78 -6.77
N VAL A 3 -9.03 -6.67 -6.09
CA VAL A 3 -8.05 -6.25 -5.07
C VAL A 3 -6.83 -5.55 -5.68
N THR A 4 -6.59 -5.81 -6.97
CA THR A 4 -5.48 -5.22 -7.71
C THR A 4 -5.49 -3.67 -7.66
N LYS A 5 -6.69 -3.08 -7.49
CA LYS A 5 -6.84 -1.62 -7.42
C LYS A 5 -6.00 -1.06 -6.27
N LEU A 6 -5.91 -1.81 -5.19
CA LEU A 6 -5.22 -1.39 -4.00
C LEU A 6 -3.73 -1.31 -4.27
N ASN A 7 -3.21 -2.33 -4.92
CA ASN A 7 -1.78 -2.40 -5.24
C ASN A 7 -1.41 -1.30 -6.23
N ASP A 8 -2.32 -0.99 -7.13
CA ASP A 8 -2.10 0.05 -8.13
C ASP A 8 -2.09 1.43 -7.47
N ARG A 9 -2.93 1.60 -6.47
CA ARG A 9 -2.97 2.87 -5.73
C ARG A 9 -1.71 3.03 -4.90
N ILE A 10 -1.15 1.92 -4.43
CA ILE A 10 0.10 1.92 -3.69
C ILE A 10 1.21 2.42 -4.61
N GLU A 11 1.22 1.93 -5.87
CA GLU A 11 2.17 2.37 -6.93
C GLU A 11 2.21 3.88 -7.01
N ALA A 12 1.04 4.46 -7.07
CA ALA A 12 0.89 5.89 -7.19
C ALA A 12 1.33 6.61 -5.93
N LYS A 13 1.18 5.98 -4.78
CA LYS A 13 1.40 6.68 -3.53
C LYS A 13 2.88 6.80 -3.28
N LYS A 14 3.61 5.84 -3.77
CA LYS A 14 5.04 5.81 -3.66
C LYS A 14 5.66 6.86 -4.58
N LYS A 15 5.06 7.04 -5.75
CA LYS A 15 5.55 8.03 -6.70
C LYS A 15 5.12 9.43 -6.25
N GLU A 16 3.99 9.50 -5.58
CA GLU A 16 3.46 10.71 -5.00
C GLU A 16 4.44 11.17 -3.92
N LEU A 17 4.89 10.21 -3.13
CA LEU A 17 5.81 10.46 -2.05
C LEU A 17 7.17 10.92 -2.60
N ILE A 18 7.56 10.40 -3.76
CA ILE A 18 8.79 10.85 -4.43
C ILE A 18 8.71 12.35 -4.69
N TYR A 19 7.55 12.79 -5.18
CA TYR A 19 7.30 14.20 -5.47
C TYR A 19 7.42 15.05 -4.18
N LEU A 20 6.95 14.49 -3.10
CA LEU A 20 7.01 15.15 -1.81
C LEU A 20 8.44 15.22 -1.29
N VAL A 21 9.22 14.17 -1.52
CA VAL A 21 10.62 14.14 -1.12
C VAL A 21 11.42 15.12 -2.00
N GLU A 22 11.03 15.22 -3.25
CA GLU A 22 11.61 16.09 -4.21
C GLU A 22 11.45 17.56 -3.72
N LYS A 23 10.22 17.94 -3.40
CA LYS A 23 9.94 19.30 -2.99
C LYS A 23 10.19 19.65 -1.52
N TYR A 24 10.06 18.71 -0.64
CA TYR A 24 10.29 18.99 0.78
C TYR A 24 11.60 18.40 1.26
N GLY A 25 11.79 17.17 0.95
CA GLY A 25 12.93 16.44 1.44
C GLY A 25 12.47 15.23 2.19
N PHE A 26 13.37 14.53 2.83
CA PHE A 26 12.97 13.34 3.57
C PHE A 26 12.86 13.62 5.07
N THR A 27 13.37 14.76 5.48
CA THR A 27 13.35 15.15 6.88
C THR A 27 12.13 15.99 7.21
N HIS A 28 11.14 15.93 6.36
CA HIS A 28 9.95 16.72 6.53
C HIS A 28 8.85 15.82 7.12
N HIS A 29 8.21 16.29 8.16
CA HIS A 29 7.19 15.52 8.90
C HIS A 29 6.03 15.05 8.02
N LYS A 30 5.58 15.90 7.08
CA LYS A 30 4.46 15.50 6.17
C LYS A 30 4.85 14.22 5.43
N VAL A 31 6.08 14.21 4.92
CA VAL A 31 6.63 13.09 4.18
C VAL A 31 6.62 11.81 5.03
N ILE A 32 7.03 11.96 6.29
CA ILE A 32 7.06 10.85 7.24
C ILE A 32 5.61 10.37 7.53
N SER A 33 4.70 11.31 7.58
CA SER A 33 3.29 11.03 7.79
C SER A 33 2.72 10.25 6.60
N PHE A 34 3.09 10.63 5.38
CA PHE A 34 2.62 9.92 4.20
C PHE A 34 3.26 8.55 4.11
N SER A 35 4.51 8.48 4.49
CA SER A 35 5.28 7.24 4.43
C SER A 35 4.64 6.15 5.32
N GLN A 36 4.30 6.51 6.56
CA GLN A 36 3.69 5.54 7.47
C GLN A 36 2.28 5.14 7.01
N GLU A 37 1.60 6.07 6.33
CA GLU A 37 0.28 5.80 5.79
C GLU A 37 0.38 4.89 4.58
N LEU A 38 1.47 5.04 3.86
CA LEU A 38 1.76 4.23 2.70
C LEU A 38 2.11 2.83 3.19
N ASP A 39 2.89 2.80 4.26
CA ASP A 39 3.31 1.57 4.92
C ASP A 39 2.08 0.76 5.33
N ARG A 40 1.12 1.43 5.94
CA ARG A 40 -0.15 0.81 6.34
C ARG A 40 -0.97 0.34 5.11
N LEU A 41 -0.88 1.10 4.03
CA LEU A 41 -1.60 0.79 2.82
C LEU A 41 -1.05 -0.50 2.21
N LEU A 42 0.26 -0.65 2.28
CA LEU A 42 0.95 -1.84 1.78
C LEU A 42 0.59 -3.05 2.65
N ASN A 43 0.42 -2.82 3.96
CA ASN A 43 0.03 -3.88 4.91
C ASN A 43 -1.27 -4.52 4.50
N LEU A 44 -2.16 -3.71 3.93
CA LEU A 44 -3.49 -4.14 3.52
C LEU A 44 -3.45 -5.31 2.54
N LEU A 45 -2.43 -5.36 1.68
CA LEU A 45 -2.31 -6.46 0.71
C LEU A 45 -2.17 -7.78 1.46
N ILE A 46 -1.36 -7.77 2.49
CA ILE A 46 -1.12 -8.93 3.31
C ILE A 46 -2.35 -9.19 4.19
N GLU A 47 -2.80 -8.14 4.85
CA GLU A 47 -3.89 -8.23 5.79
C GLU A 47 -5.20 -8.70 5.20
N LEU A 48 -5.51 -8.25 3.99
CA LEU A 48 -6.77 -8.60 3.32
C LEU A 48 -6.83 -10.10 3.05
N LYS A 49 -5.76 -10.68 2.53
CA LYS A 49 -5.75 -12.11 2.27
C LYS A 49 -5.72 -12.89 3.56
N THR A 50 -5.07 -12.34 4.57
CA THR A 50 -4.96 -12.99 5.85
C THR A 50 -6.34 -13.00 6.59
N LYS A 51 -7.27 -12.13 6.14
CA LYS A 51 -8.62 -12.07 6.69
C LYS A 51 -9.41 -13.35 6.38
N LYS A 52 -8.89 -14.15 5.42
CA LYS A 52 -9.41 -15.48 4.99
C LYS A 52 -10.89 -15.46 4.52
N LYS A 53 -11.44 -14.28 4.36
CA LYS A 53 -12.82 -14.13 3.95
C LYS A 53 -12.92 -13.99 2.43
N ARG A 54 -11.88 -14.41 1.77
CA ARG A 54 -11.76 -14.44 0.34
C ARG A 54 -11.50 -15.87 -0.04
N TYR A 55 -12.08 -16.32 -1.12
CA TYR A 55 -11.93 -17.68 -1.55
C TYR A 55 -10.57 -17.86 -2.23
N SER A 56 -9.89 -16.73 -2.47
CA SER A 56 -8.58 -16.67 -3.09
C SER A 56 -7.57 -17.61 -2.41
N LEU A 57 -7.72 -17.82 -1.11
CA LEU A 57 -6.82 -18.69 -0.34
C LEU A 57 -6.97 -20.14 -0.76
N LEU A 58 -8.15 -20.52 -1.21
CA LEU A 58 -8.41 -21.89 -1.64
C LEU A 58 -8.11 -22.02 -3.12
N GLU A 59 -7.99 -20.90 -3.77
CA GLU A 59 -7.64 -20.86 -5.17
C GLU A 59 -6.13 -20.76 -5.30
N HIS A 60 -5.49 -20.61 -4.16
CA HIS A 60 -4.06 -20.50 -4.07
C HIS A 60 -3.50 -21.91 -3.93
N HIS A 61 -3.19 -22.51 -5.04
CA HIS A 61 -2.59 -23.82 -5.05
C HIS A 61 -1.09 -23.65 -5.01
N HIS A 62 -0.43 -24.37 -4.13
CA HIS A 62 1.00 -24.27 -3.98
C HIS A 62 1.54 -25.52 -3.30
N HIS A 63 0.94 -25.86 -2.19
CA HIS A 63 1.42 -26.98 -1.40
C HIS A 63 0.65 -28.25 -1.72
N HIS A 64 1.00 -29.30 -1.05
CA HIS A 64 0.35 -30.57 -1.18
C HIS A 64 0.38 -31.24 0.19
N MET A 1 -12.23 -1.56 -3.00
CA MET A 1 -12.28 -2.77 -2.17
C MET A 1 -11.33 -3.81 -2.72
N ASN A 2 -11.56 -4.20 -3.96
CA ASN A 2 -10.72 -5.17 -4.66
C ASN A 2 -9.28 -4.68 -4.70
N VAL A 3 -8.35 -5.61 -4.51
CA VAL A 3 -6.93 -5.31 -4.31
C VAL A 3 -6.30 -4.48 -5.42
N THR A 4 -6.81 -4.59 -6.63
CA THR A 4 -6.30 -3.84 -7.77
C THR A 4 -6.28 -2.31 -7.48
N LYS A 5 -7.32 -1.82 -6.81
CA LYS A 5 -7.43 -0.42 -6.46
C LYS A 5 -6.57 -0.07 -5.26
N LEU A 6 -6.35 -1.04 -4.40
CA LEU A 6 -5.53 -0.84 -3.23
C LEU A 6 -4.07 -0.75 -3.68
N ASN A 7 -3.67 -1.70 -4.53
CA ASN A 7 -2.32 -1.74 -5.11
C ASN A 7 -2.02 -0.47 -5.88
N ASP A 8 -3.00 -0.02 -6.67
CA ASP A 8 -2.88 1.20 -7.48
C ASP A 8 -2.51 2.42 -6.61
N ARG A 9 -3.18 2.54 -5.48
CA ARG A 9 -2.91 3.64 -4.56
C ARG A 9 -1.53 3.54 -3.91
N ILE A 10 -1.07 2.33 -3.69
CA ILE A 10 0.26 2.12 -3.13
C ILE A 10 1.29 2.58 -4.14
N GLU A 11 1.07 2.17 -5.39
CA GLU A 11 1.93 2.50 -6.50
C GLU A 11 2.03 4.02 -6.65
N ALA A 12 0.88 4.66 -6.64
CA ALA A 12 0.76 6.10 -6.76
C ALA A 12 1.48 6.82 -5.63
N LYS A 13 1.44 6.26 -4.44
CA LYS A 13 2.03 6.88 -3.27
C LYS A 13 3.54 6.83 -3.31
N LYS A 14 4.07 5.79 -3.92
CA LYS A 14 5.52 5.64 -4.08
C LYS A 14 6.05 6.80 -4.90
N LYS A 15 5.43 7.00 -6.04
CA LYS A 15 5.88 8.02 -7.00
C LYS A 15 5.61 9.42 -6.48
N GLU A 16 4.61 9.52 -5.64
CA GLU A 16 4.17 10.80 -5.10
C GLU A 16 5.10 11.21 -4.00
N LEU A 17 5.56 10.22 -3.26
CA LEU A 17 6.54 10.42 -2.24
C LEU A 17 7.82 10.95 -2.81
N ILE A 18 8.21 10.43 -3.97
CA ILE A 18 9.39 10.90 -4.67
C ILE A 18 9.27 12.40 -4.94
N TYR A 19 8.10 12.83 -5.42
CA TYR A 19 7.83 14.24 -5.66
C TYR A 19 7.99 15.05 -4.37
N LEU A 20 7.36 14.57 -3.31
CA LEU A 20 7.38 15.25 -2.04
C LEU A 20 8.79 15.31 -1.46
N VAL A 21 9.52 14.22 -1.58
CA VAL A 21 10.92 14.16 -1.16
C VAL A 21 11.76 15.19 -1.95
N GLU A 22 11.56 15.26 -3.24
CA GLU A 22 12.33 16.19 -4.05
C GLU A 22 11.96 17.65 -3.75
N LYS A 23 10.72 17.87 -3.38
CA LYS A 23 10.25 19.22 -3.05
C LYS A 23 10.56 19.65 -1.63
N TYR A 24 10.28 18.81 -0.67
CA TYR A 24 10.41 19.19 0.74
C TYR A 24 11.59 18.51 1.40
N GLY A 25 11.83 17.30 1.05
CA GLY A 25 12.87 16.53 1.69
C GLY A 25 12.27 15.34 2.43
N PHE A 26 13.02 14.81 3.38
CA PHE A 26 12.60 13.64 4.15
C PHE A 26 12.10 14.04 5.54
N THR A 27 12.43 15.24 5.96
CA THR A 27 12.11 15.69 7.32
C THR A 27 10.65 16.17 7.41
N HIS A 28 10.08 16.47 6.26
CA HIS A 28 8.72 16.96 6.15
C HIS A 28 7.72 15.95 6.74
N HIS A 29 6.96 16.43 7.71
CA HIS A 29 6.02 15.61 8.50
C HIS A 29 5.02 14.84 7.62
N LYS A 30 4.47 15.50 6.60
CA LYS A 30 3.51 14.83 5.71
C LYS A 30 4.18 13.70 4.96
N VAL A 31 5.43 13.89 4.55
CA VAL A 31 6.20 12.88 3.81
C VAL A 31 6.34 11.64 4.66
N ILE A 32 6.71 11.84 5.92
CA ILE A 32 6.84 10.76 6.88
C ILE A 32 5.49 10.05 7.03
N SER A 33 4.44 10.85 7.18
CA SER A 33 3.09 10.35 7.34
C SER A 33 2.63 9.52 6.12
N PHE A 34 2.98 9.96 4.91
CA PHE A 34 2.62 9.24 3.70
C PHE A 34 3.47 7.97 3.55
N SER A 35 4.70 8.01 4.05
CA SER A 35 5.55 6.84 4.04
C SER A 35 4.93 5.74 4.91
N GLN A 36 4.38 6.18 6.04
CA GLN A 36 3.69 5.31 6.98
C GLN A 36 2.36 4.82 6.37
N GLU A 37 1.74 5.68 5.57
CA GLU A 37 0.49 5.38 4.88
C GLU A 37 0.74 4.27 3.85
N LEU A 38 1.77 4.46 3.04
CA LEU A 38 2.18 3.51 2.01
C LEU A 38 2.49 2.15 2.65
N ASP A 39 3.24 2.21 3.75
CA ASP A 39 3.61 1.01 4.51
C ASP A 39 2.38 0.30 5.02
N ARG A 40 1.42 1.08 5.48
CA ARG A 40 0.17 0.56 5.98
C ARG A 40 -0.66 -0.03 4.85
N LEU A 41 -0.66 0.64 3.69
CA LEU A 41 -1.40 0.15 2.51
C LEU A 41 -0.84 -1.21 2.08
N LEU A 42 0.49 -1.31 2.09
CA LEU A 42 1.15 -2.58 1.78
C LEU A 42 0.74 -3.63 2.80
N ASN A 43 0.73 -3.21 4.06
CA ASN A 43 0.36 -4.09 5.16
C ASN A 43 -1.08 -4.55 5.06
N LEU A 44 -1.93 -3.77 4.41
CA LEU A 44 -3.32 -4.15 4.17
C LEU A 44 -3.38 -5.38 3.28
N LEU A 45 -2.50 -5.43 2.28
CA LEU A 45 -2.41 -6.58 1.38
C LEU A 45 -1.90 -7.78 2.16
N ILE A 46 -0.95 -7.51 3.03
CA ILE A 46 -0.36 -8.52 3.89
C ILE A 46 -1.41 -9.09 4.84
N GLU A 47 -2.15 -8.21 5.48
CA GLU A 47 -3.18 -8.59 6.42
C GLU A 47 -4.29 -9.41 5.81
N LEU A 48 -4.63 -9.15 4.55
CA LEU A 48 -5.62 -9.96 3.88
C LEU A 48 -5.17 -11.41 3.83
N LYS A 49 -3.89 -11.58 3.54
CA LYS A 49 -3.26 -12.89 3.50
C LYS A 49 -3.09 -13.46 4.92
N THR A 50 -2.86 -12.58 5.89
CA THR A 50 -2.73 -12.97 7.30
C THR A 50 -4.05 -13.60 7.76
N LYS A 51 -5.15 -12.95 7.39
CA LYS A 51 -6.46 -13.42 7.74
C LYS A 51 -6.75 -14.71 7.01
N LYS A 52 -6.47 -14.69 5.69
CA LYS A 52 -6.65 -15.82 4.71
C LYS A 52 -8.08 -16.38 4.64
N LYS A 53 -8.95 -15.82 5.43
CA LYS A 53 -10.33 -16.20 5.48
C LYS A 53 -11.14 -15.29 4.59
N ARG A 54 -10.45 -14.64 3.70
CA ARG A 54 -11.05 -13.73 2.79
C ARG A 54 -11.48 -14.49 1.55
N TYR A 55 -12.62 -14.09 1.02
CA TYR A 55 -13.25 -14.64 -0.19
C TYR A 55 -12.29 -14.81 -1.39
N SER A 56 -11.17 -14.12 -1.37
CA SER A 56 -10.19 -14.15 -2.43
C SER A 56 -9.47 -15.53 -2.52
N LEU A 57 -9.58 -16.33 -1.47
CA LEU A 57 -9.02 -17.68 -1.48
C LEU A 57 -10.13 -18.72 -1.68
N LEU A 58 -11.36 -18.24 -1.76
CA LEU A 58 -12.50 -19.12 -1.90
C LEU A 58 -13.03 -19.01 -3.32
N GLU A 59 -13.39 -17.78 -3.67
CA GLU A 59 -13.77 -17.35 -5.01
C GLU A 59 -15.06 -17.96 -5.56
N HIS A 60 -15.06 -19.21 -5.79
CA HIS A 60 -16.16 -19.87 -6.46
C HIS A 60 -17.27 -20.25 -5.49
N HIS A 61 -18.26 -19.39 -5.40
CA HIS A 61 -19.43 -19.62 -4.56
C HIS A 61 -20.65 -19.69 -5.45
N HIS A 62 -21.77 -20.10 -4.86
CA HIS A 62 -23.08 -20.23 -5.55
C HIS A 62 -23.01 -20.96 -6.88
N HIS A 63 -22.94 -22.25 -6.78
CA HIS A 63 -22.84 -23.15 -7.89
C HIS A 63 -23.46 -24.49 -7.50
N HIS A 64 -23.54 -25.39 -8.42
CA HIS A 64 -24.14 -26.68 -8.17
C HIS A 64 -23.47 -27.69 -9.07
N MET A 1 -13.72 -3.88 -4.86
CA MET A 1 -12.49 -3.31 -4.33
C MET A 1 -11.55 -4.44 -3.98
N ASN A 2 -10.70 -4.78 -4.92
CA ASN A 2 -9.82 -5.92 -4.81
C ASN A 2 -8.47 -5.44 -4.36
N VAL A 3 -7.63 -6.34 -3.87
CA VAL A 3 -6.32 -5.97 -3.38
C VAL A 3 -5.40 -5.47 -4.51
N THR A 4 -5.68 -5.90 -5.73
CA THR A 4 -4.91 -5.44 -6.88
C THR A 4 -5.17 -3.93 -7.13
N LYS A 5 -6.40 -3.48 -6.85
CA LYS A 5 -6.76 -2.07 -6.98
C LYS A 5 -6.07 -1.27 -5.90
N LEU A 6 -6.00 -1.87 -4.72
CA LEU A 6 -5.37 -1.29 -3.55
C LEU A 6 -3.89 -1.09 -3.82
N ASN A 7 -3.27 -2.11 -4.42
CA ASN A 7 -1.84 -2.08 -4.75
C ASN A 7 -1.56 -0.98 -5.77
N ASP A 8 -2.43 -0.86 -6.77
CA ASP A 8 -2.31 0.17 -7.82
C ASP A 8 -2.35 1.58 -7.21
N ARG A 9 -3.20 1.75 -6.20
CA ARG A 9 -3.30 3.03 -5.47
C ARG A 9 -1.99 3.33 -4.76
N ILE A 10 -1.39 2.29 -4.19
CA ILE A 10 -0.11 2.37 -3.52
C ILE A 10 0.96 2.87 -4.48
N GLU A 11 0.95 2.31 -5.68
CA GLU A 11 1.92 2.68 -6.71
C GLU A 11 1.83 4.16 -7.05
N ALA A 12 0.63 4.69 -7.08
CA ALA A 12 0.43 6.09 -7.37
C ALA A 12 0.87 6.96 -6.19
N LYS A 13 0.64 6.48 -4.98
CA LYS A 13 0.99 7.21 -3.77
C LYS A 13 2.48 7.22 -3.52
N LYS A 14 3.16 6.16 -3.88
CA LYS A 14 4.58 6.07 -3.66
C LYS A 14 5.34 6.95 -4.64
N LYS A 15 4.79 7.17 -5.83
CA LYS A 15 5.40 8.07 -6.81
C LYS A 15 5.24 9.51 -6.36
N GLU A 16 4.16 9.75 -5.65
CA GLU A 16 3.80 11.05 -5.12
C GLU A 16 4.83 11.38 -4.08
N LEU A 17 5.13 10.37 -3.27
CA LEU A 17 6.13 10.43 -2.24
C LEU A 17 7.47 10.83 -2.77
N ILE A 18 7.86 10.26 -3.90
CA ILE A 18 9.14 10.57 -4.54
C ILE A 18 9.24 12.07 -4.75
N TYR A 19 8.18 12.61 -5.34
CA TYR A 19 8.09 14.03 -5.63
C TYR A 19 8.16 14.84 -4.33
N LEU A 20 7.38 14.42 -3.35
CA LEU A 20 7.30 15.10 -2.07
C LEU A 20 8.65 15.10 -1.34
N VAL A 21 9.30 13.94 -1.30
CA VAL A 21 10.61 13.80 -0.65
C VAL A 21 11.65 14.75 -1.27
N GLU A 22 11.65 14.85 -2.59
CA GLU A 22 12.60 15.73 -3.27
C GLU A 22 12.33 17.19 -2.94
N LYS A 23 11.08 17.56 -3.06
CA LYS A 23 10.70 18.97 -2.98
C LYS A 23 10.62 19.49 -1.54
N TYR A 24 10.07 18.70 -0.64
CA TYR A 24 9.90 19.16 0.74
C TYR A 24 10.98 18.64 1.66
N GLY A 25 11.55 17.51 1.32
CA GLY A 25 12.60 16.96 2.11
C GLY A 25 12.23 15.64 2.74
N PHE A 26 13.19 14.74 2.89
CA PHE A 26 12.95 13.43 3.51
C PHE A 26 12.76 13.60 5.03
N THR A 27 13.16 14.74 5.52
CA THR A 27 13.06 15.08 6.91
C THR A 27 11.71 15.76 7.18
N HIS A 28 10.94 15.98 6.13
CA HIS A 28 9.66 16.65 6.27
C HIS A 28 8.64 15.64 6.79
N HIS A 29 8.24 15.81 8.03
CA HIS A 29 7.39 14.86 8.75
C HIS A 29 6.04 14.60 8.11
N LYS A 30 5.46 15.58 7.43
CA LYS A 30 4.21 15.34 6.74
C LYS A 30 4.40 14.31 5.62
N VAL A 31 5.56 14.37 4.98
CA VAL A 31 5.90 13.43 3.93
C VAL A 31 6.09 12.04 4.55
N ILE A 32 6.71 12.02 5.72
CA ILE A 32 6.92 10.79 6.48
C ILE A 32 5.56 10.19 6.91
N SER A 33 4.62 11.06 7.24
CA SER A 33 3.27 10.64 7.59
C SER A 33 2.64 9.94 6.38
N PHE A 34 2.85 10.49 5.18
CA PHE A 34 2.31 9.86 3.96
C PHE A 34 3.02 8.55 3.68
N SER A 35 4.30 8.49 4.03
CA SER A 35 5.09 7.29 3.87
C SER A 35 4.52 6.17 4.78
N GLN A 36 4.10 6.54 5.97
CA GLN A 36 3.50 5.60 6.92
C GLN A 36 2.10 5.20 6.44
N GLU A 37 1.43 6.15 5.80
CA GLU A 37 0.10 5.97 5.23
C GLU A 37 0.20 4.92 4.11
N LEU A 38 1.25 5.08 3.31
CA LEU A 38 1.59 4.18 2.22
C LEU A 38 1.98 2.81 2.78
N ASP A 39 2.82 2.84 3.81
CA ASP A 39 3.30 1.63 4.49
C ASP A 39 2.15 0.80 5.02
N ARG A 40 1.16 1.46 5.59
CA ARG A 40 0.02 0.78 6.15
C ARG A 40 -0.81 0.14 5.03
N LEU A 41 -0.91 0.82 3.89
CA LEU A 41 -1.62 0.28 2.73
C LEU A 41 -0.91 -0.96 2.22
N LEU A 42 0.40 -0.89 2.20
CA LEU A 42 1.23 -2.01 1.79
C LEU A 42 1.03 -3.17 2.75
N ASN A 43 0.88 -2.85 4.01
CA ASN A 43 0.71 -3.84 5.04
C ASN A 43 -0.62 -4.54 4.88
N LEU A 44 -1.62 -3.81 4.39
CA LEU A 44 -2.96 -4.36 4.10
C LEU A 44 -2.86 -5.54 3.14
N LEU A 45 -2.08 -5.37 2.09
CA LEU A 45 -1.88 -6.42 1.10
C LEU A 45 -1.28 -7.64 1.76
N ILE A 46 -0.23 -7.40 2.50
CA ILE A 46 0.51 -8.45 3.19
C ILE A 46 -0.39 -9.16 4.20
N GLU A 47 -1.11 -8.38 5.00
CA GLU A 47 -1.98 -8.85 6.07
C GLU A 47 -3.03 -9.81 5.49
N LEU A 48 -3.74 -9.35 4.47
CA LEU A 48 -4.77 -10.15 3.84
C LEU A 48 -4.21 -11.37 3.13
N LYS A 49 -3.06 -11.24 2.49
CA LYS A 49 -2.45 -12.37 1.80
C LYS A 49 -1.87 -13.40 2.77
N THR A 50 -1.49 -12.94 3.95
CA THR A 50 -1.04 -13.84 5.00
C THR A 50 -2.23 -14.70 5.48
N LYS A 51 -3.38 -14.07 5.61
CA LYS A 51 -4.59 -14.73 6.02
C LYS A 51 -5.15 -15.60 4.90
N LYS A 52 -5.47 -14.97 3.76
CA LYS A 52 -6.14 -15.54 2.53
C LYS A 52 -7.51 -16.19 2.78
N LYS A 53 -7.66 -16.78 3.93
CA LYS A 53 -8.86 -17.48 4.42
C LYS A 53 -10.13 -16.61 4.44
N ARG A 54 -9.97 -15.30 4.29
CA ARG A 54 -11.11 -14.40 4.30
C ARG A 54 -11.63 -14.18 2.89
N TYR A 55 -10.80 -14.55 1.91
CA TYR A 55 -11.05 -14.43 0.49
C TYR A 55 -11.35 -13.01 -0.01
N SER A 56 -11.21 -12.04 0.87
CA SER A 56 -11.40 -10.63 0.55
C SER A 56 -10.20 -10.06 -0.22
N LEU A 57 -9.38 -10.96 -0.71
CA LEU A 57 -8.31 -10.66 -1.63
C LEU A 57 -8.97 -10.54 -3.00
N LEU A 58 -10.09 -11.23 -3.11
CA LEU A 58 -10.90 -11.28 -4.30
C LEU A 58 -12.13 -10.42 -4.09
N GLU A 59 -12.90 -10.77 -3.07
CA GLU A 59 -14.15 -10.13 -2.76
C GLU A 59 -13.95 -8.99 -1.75
N HIS A 60 -15.04 -8.53 -1.22
CA HIS A 60 -15.05 -7.42 -0.27
C HIS A 60 -15.06 -7.91 1.18
N HIS A 61 -15.11 -6.96 2.10
CA HIS A 61 -15.20 -7.23 3.53
C HIS A 61 -16.58 -6.84 4.04
N HIS A 62 -16.82 -5.55 4.06
CA HIS A 62 -18.05 -5.01 4.61
C HIS A 62 -19.01 -4.60 3.49
N HIS A 63 -18.91 -5.30 2.41
CA HIS A 63 -19.72 -5.11 1.24
C HIS A 63 -19.64 -6.43 0.48
N HIS A 64 -20.38 -6.58 -0.57
CA HIS A 64 -20.26 -7.77 -1.38
C HIS A 64 -20.25 -7.32 -2.82
N MET A 1 -11.56 -8.98 -4.14
CA MET A 1 -11.04 -7.73 -3.58
C MET A 1 -10.31 -6.90 -4.62
N ASN A 2 -9.54 -7.60 -5.47
CA ASN A 2 -8.67 -6.99 -6.48
C ASN A 2 -7.49 -6.31 -5.81
N VAL A 3 -6.46 -7.10 -5.54
CA VAL A 3 -5.27 -6.59 -4.91
C VAL A 3 -4.47 -5.71 -5.87
N THR A 4 -4.70 -5.91 -7.16
CA THR A 4 -4.04 -5.13 -8.18
C THR A 4 -4.48 -3.65 -8.09
N LYS A 5 -5.71 -3.41 -7.66
CA LYS A 5 -6.21 -2.05 -7.53
C LYS A 5 -5.65 -1.41 -6.28
N LEU A 6 -5.42 -2.24 -5.29
CA LEU A 6 -4.83 -1.80 -4.04
C LEU A 6 -3.36 -1.49 -4.27
N ASN A 7 -2.71 -2.36 -5.05
CA ASN A 7 -1.32 -2.21 -5.45
C ASN A 7 -1.14 -0.91 -6.23
N ASP A 8 -2.10 -0.63 -7.11
CA ASP A 8 -2.12 0.61 -7.90
C ASP A 8 -2.12 1.85 -7.01
N ARG A 9 -2.79 1.76 -5.86
CA ARG A 9 -2.84 2.85 -4.89
C ARG A 9 -1.48 3.03 -4.24
N ILE A 10 -0.84 1.92 -3.90
CA ILE A 10 0.50 1.92 -3.31
C ILE A 10 1.47 2.55 -4.30
N GLU A 11 1.36 2.10 -5.53
CA GLU A 11 2.19 2.55 -6.63
C GLU A 11 2.03 4.08 -6.84
N ALA A 12 0.81 4.55 -6.69
CA ALA A 12 0.50 5.97 -6.83
C ALA A 12 1.01 6.76 -5.63
N LYS A 13 0.98 6.15 -4.46
CA LYS A 13 1.41 6.79 -3.24
C LYS A 13 2.92 6.98 -3.29
N LYS A 14 3.58 6.01 -3.89
CA LYS A 14 5.00 6.08 -4.11
C LYS A 14 5.37 7.26 -4.99
N LYS A 15 4.58 7.50 -6.04
CA LYS A 15 4.83 8.62 -6.96
C LYS A 15 4.67 9.95 -6.23
N GLU A 16 3.77 9.94 -5.27
CA GLU A 16 3.45 11.10 -4.49
C GLU A 16 4.61 11.39 -3.56
N LEU A 17 5.06 10.34 -2.89
CA LEU A 17 6.20 10.41 -2.02
C LEU A 17 7.45 10.91 -2.73
N ILE A 18 7.76 10.31 -3.88
CA ILE A 18 8.93 10.72 -4.68
C ILE A 18 8.85 12.22 -5.02
N TYR A 19 7.66 12.67 -5.33
CA TYR A 19 7.40 14.06 -5.67
C TYR A 19 7.66 14.97 -4.46
N LEU A 20 7.14 14.55 -3.32
CA LEU A 20 7.26 15.31 -2.07
C LEU A 20 8.71 15.40 -1.63
N VAL A 21 9.42 14.29 -1.76
CA VAL A 21 10.85 14.25 -1.45
C VAL A 21 11.63 15.25 -2.32
N GLU A 22 11.18 15.44 -3.55
CA GLU A 22 11.81 16.42 -4.42
C GLU A 22 11.61 17.87 -3.97
N LYS A 23 10.38 18.24 -3.66
CA LYS A 23 10.09 19.63 -3.25
C LYS A 23 10.36 19.92 -1.78
N TYR A 24 9.97 19.03 -0.89
CA TYR A 24 10.17 19.27 0.53
C TYR A 24 11.49 18.69 0.96
N GLY A 25 11.71 17.47 0.59
CA GLY A 25 12.87 16.76 0.99
C GLY A 25 12.47 15.52 1.73
N PHE A 26 13.39 14.95 2.43
CA PHE A 26 13.13 13.76 3.20
C PHE A 26 13.21 14.11 4.68
N THR A 27 12.81 13.18 5.54
CA THR A 27 12.73 13.35 6.99
C THR A 27 11.74 14.46 7.43
N HIS A 28 10.96 14.96 6.49
CA HIS A 28 9.94 15.94 6.74
C HIS A 28 8.73 15.22 7.34
N HIS A 29 8.12 15.79 8.35
CA HIS A 29 7.09 15.08 9.13
C HIS A 29 5.82 14.77 8.36
N LYS A 30 5.41 15.64 7.44
CA LYS A 30 4.27 15.31 6.57
C LYS A 30 4.64 14.12 5.73
N VAL A 31 5.87 14.13 5.23
CA VAL A 31 6.40 13.06 4.43
C VAL A 31 6.44 11.77 5.25
N ILE A 32 6.81 11.88 6.52
CA ILE A 32 6.79 10.75 7.47
C ILE A 32 5.36 10.21 7.60
N SER A 33 4.41 11.11 7.74
CA SER A 33 3.01 10.75 7.83
C SER A 33 2.53 10.05 6.54
N PHE A 34 3.04 10.46 5.40
CA PHE A 34 2.70 9.81 4.15
C PHE A 34 3.45 8.48 3.98
N SER A 35 4.66 8.41 4.53
CA SER A 35 5.46 7.21 4.46
C SER A 35 4.79 6.06 5.24
N GLN A 36 4.24 6.39 6.40
CA GLN A 36 3.51 5.41 7.19
C GLN A 36 2.18 5.11 6.52
N GLU A 37 1.64 6.09 5.79
CA GLU A 37 0.41 5.92 5.03
C GLU A 37 0.63 4.91 3.90
N LEU A 38 1.80 5.00 3.28
CA LEU A 38 2.22 4.04 2.26
C LEU A 38 2.29 2.66 2.91
N ASP A 39 2.86 2.63 4.10
CA ASP A 39 3.00 1.40 4.87
C ASP A 39 1.63 0.83 5.25
N ARG A 40 0.66 1.71 5.51
CA ARG A 40 -0.71 1.28 5.80
C ARG A 40 -1.28 0.55 4.61
N LEU A 41 -1.10 1.14 3.43
CA LEU A 41 -1.58 0.57 2.19
C LEU A 41 -0.92 -0.77 1.92
N LEU A 42 0.38 -0.84 2.20
CA LEU A 42 1.14 -2.08 2.06
C LEU A 42 0.61 -3.13 3.03
N ASN A 43 0.32 -2.68 4.24
CA ASN A 43 -0.21 -3.55 5.28
C ASN A 43 -1.61 -4.02 4.99
N LEU A 44 -2.32 -3.32 4.11
CA LEU A 44 -3.68 -3.70 3.74
C LEU A 44 -3.72 -5.07 3.06
N LEU A 45 -2.65 -5.42 2.34
CA LEU A 45 -2.56 -6.74 1.71
C LEU A 45 -2.43 -7.82 2.79
N ILE A 46 -1.72 -7.48 3.84
CA ILE A 46 -1.50 -8.36 4.99
C ILE A 46 -2.81 -8.43 5.80
N GLU A 47 -3.38 -7.26 6.02
CA GLU A 47 -4.61 -7.05 6.76
C GLU A 47 -5.79 -7.81 6.12
N LEU A 48 -5.72 -7.99 4.80
CA LEU A 48 -6.72 -8.74 4.07
C LEU A 48 -6.78 -10.20 4.52
N LYS A 49 -5.64 -10.76 4.86
CA LYS A 49 -5.57 -12.13 5.32
C LYS A 49 -6.16 -12.20 6.72
N THR A 50 -5.87 -11.16 7.49
CA THR A 50 -6.32 -10.99 8.85
C THR A 50 -7.86 -10.97 8.94
N LYS A 51 -8.50 -10.64 7.82
CA LYS A 51 -9.96 -10.56 7.72
C LYS A 51 -10.60 -11.95 7.85
N LYS A 52 -9.76 -13.01 7.69
CA LYS A 52 -10.15 -14.46 7.77
C LYS A 52 -11.16 -14.89 6.70
N LYS A 53 -11.47 -13.99 5.81
CA LYS A 53 -12.35 -14.28 4.69
C LYS A 53 -11.52 -14.65 3.46
N ARG A 54 -10.28 -14.93 3.75
CA ARG A 54 -9.32 -15.37 2.78
C ARG A 54 -9.68 -16.79 2.34
N TYR A 55 -9.58 -17.05 1.05
CA TYR A 55 -9.95 -18.34 0.49
C TYR A 55 -8.97 -19.44 0.91
N SER A 56 -7.87 -19.02 1.48
CA SER A 56 -6.88 -19.92 2.02
C SER A 56 -7.41 -20.64 3.30
N LEU A 57 -8.62 -20.30 3.72
CA LEU A 57 -9.25 -21.01 4.81
C LEU A 57 -10.42 -21.82 4.28
N LEU A 58 -10.63 -21.76 2.97
CA LEU A 58 -11.73 -22.47 2.32
C LEU A 58 -11.20 -23.60 1.47
N GLU A 59 -10.28 -23.29 0.56
CA GLU A 59 -9.71 -24.30 -0.32
C GLU A 59 -8.49 -24.93 0.31
N HIS A 60 -8.21 -24.50 1.49
CA HIS A 60 -7.09 -24.93 2.25
C HIS A 60 -7.56 -25.12 3.68
N HIS A 61 -7.59 -26.35 4.11
CA HIS A 61 -8.05 -26.68 5.44
C HIS A 61 -6.91 -26.53 6.40
N HIS A 62 -6.86 -25.42 7.06
CA HIS A 62 -5.80 -25.13 7.97
C HIS A 62 -6.20 -25.51 9.38
N HIS A 63 -7.10 -24.72 9.94
CA HIS A 63 -7.54 -24.83 11.31
C HIS A 63 -8.50 -23.68 11.52
N HIS A 64 -9.64 -23.93 12.11
CA HIS A 64 -10.56 -22.91 12.39
C HIS A 64 -10.66 -22.68 13.88
N MET A 1 -11.53 -5.00 -1.64
CA MET A 1 -12.14 -6.10 -2.39
C MET A 1 -11.13 -6.73 -3.34
N ASN A 2 -10.78 -6.04 -4.41
CA ASN A 2 -9.81 -6.58 -5.36
C ASN A 2 -8.45 -5.96 -5.07
N VAL A 3 -7.47 -6.81 -4.84
CA VAL A 3 -6.12 -6.40 -4.45
C VAL A 3 -5.41 -5.52 -5.48
N THR A 4 -5.81 -5.60 -6.76
CA THR A 4 -5.17 -4.77 -7.77
C THR A 4 -5.43 -3.30 -7.49
N LYS A 5 -6.63 -2.96 -7.02
CA LYS A 5 -6.97 -1.57 -6.77
C LYS A 5 -6.17 -1.04 -5.62
N LEU A 6 -5.90 -1.91 -4.68
CA LEU A 6 -5.12 -1.59 -3.52
C LEU A 6 -3.68 -1.35 -3.93
N ASN A 7 -3.11 -2.29 -4.68
CA ASN A 7 -1.72 -2.22 -5.13
C ASN A 7 -1.53 -1.02 -6.06
N ASP A 8 -2.52 -0.78 -6.92
CA ASP A 8 -2.49 0.37 -7.86
C ASP A 8 -2.50 1.69 -7.14
N ARG A 9 -3.25 1.79 -6.04
CA ARG A 9 -3.25 3.01 -5.23
C ARG A 9 -1.90 3.22 -4.60
N ILE A 10 -1.28 2.13 -4.18
CA ILE A 10 0.06 2.17 -3.61
C ILE A 10 1.03 2.70 -4.65
N GLU A 11 0.92 2.22 -5.86
CA GLU A 11 1.78 2.66 -6.97
C GLU A 11 1.63 4.18 -7.22
N ALA A 12 0.42 4.68 -7.06
CA ALA A 12 0.16 6.10 -7.24
C ALA A 12 0.73 6.88 -6.07
N LYS A 13 0.64 6.29 -4.89
CA LYS A 13 1.09 6.90 -3.66
C LYS A 13 2.64 6.92 -3.65
N LYS A 14 3.22 5.86 -4.15
CA LYS A 14 4.67 5.71 -4.25
C LYS A 14 5.28 6.80 -5.09
N LYS A 15 4.78 6.99 -6.31
CA LYS A 15 5.31 8.03 -7.21
C LYS A 15 5.03 9.43 -6.65
N GLU A 16 3.99 9.52 -5.86
CA GLU A 16 3.61 10.75 -5.18
C GLU A 16 4.67 11.07 -4.17
N LEU A 17 5.03 10.07 -3.40
CA LEU A 17 6.03 10.17 -2.40
C LEU A 17 7.37 10.55 -2.96
N ILE A 18 7.72 9.96 -4.09
CA ILE A 18 9.00 10.25 -4.78
C ILE A 18 9.12 11.76 -4.99
N TYR A 19 8.04 12.33 -5.48
CA TYR A 19 7.91 13.75 -5.73
C TYR A 19 8.01 14.54 -4.42
N LEU A 20 7.25 14.13 -3.42
CA LEU A 20 7.20 14.81 -2.12
C LEU A 20 8.53 14.72 -1.36
N VAL A 21 9.23 13.60 -1.51
CA VAL A 21 10.54 13.41 -0.90
C VAL A 21 11.53 14.43 -1.44
N GLU A 22 11.52 14.61 -2.75
CA GLU A 22 12.39 15.57 -3.39
C GLU A 22 12.01 16.99 -3.00
N LYS A 23 10.73 17.25 -3.05
CA LYS A 23 10.17 18.54 -2.78
C LYS A 23 10.36 18.99 -1.31
N TYR A 24 10.04 18.13 -0.36
CA TYR A 24 10.07 18.57 1.04
C TYR A 24 11.26 18.04 1.83
N GLY A 25 12.17 17.36 1.16
CA GLY A 25 13.42 16.99 1.78
C GLY A 25 13.36 15.79 2.68
N PHE A 26 12.25 15.08 2.61
CA PHE A 26 11.98 13.83 3.36
C PHE A 26 11.79 14.05 4.86
N THR A 27 12.69 14.77 5.49
CA THR A 27 12.70 14.98 6.92
C THR A 27 11.52 15.82 7.43
N HIS A 28 10.82 16.46 6.52
CA HIS A 28 9.61 17.18 6.85
C HIS A 28 8.58 16.15 7.35
N HIS A 29 8.06 16.38 8.54
CA HIS A 29 7.22 15.39 9.24
C HIS A 29 6.00 14.92 8.43
N LYS A 30 5.44 15.78 7.60
CA LYS A 30 4.33 15.36 6.76
C LYS A 30 4.75 14.29 5.75
N VAL A 31 5.99 14.35 5.27
CA VAL A 31 6.49 13.36 4.33
C VAL A 31 6.62 12.03 5.06
N ILE A 32 7.06 12.11 6.31
CA ILE A 32 7.16 10.94 7.18
C ILE A 32 5.76 10.36 7.41
N SER A 33 4.78 11.25 7.55
CA SER A 33 3.40 10.87 7.74
C SER A 33 2.89 10.13 6.48
N PHE A 34 3.21 10.68 5.29
CA PHE A 34 2.79 10.06 4.04
C PHE A 34 3.44 8.70 3.86
N SER A 35 4.66 8.57 4.36
CA SER A 35 5.39 7.32 4.31
C SER A 35 4.67 6.26 5.15
N GLN A 36 4.19 6.66 6.31
CA GLN A 36 3.47 5.78 7.20
C GLN A 36 2.10 5.45 6.63
N GLU A 37 1.54 6.40 5.90
CA GLU A 37 0.25 6.24 5.23
C GLU A 37 0.37 5.17 4.13
N LEU A 38 1.46 5.25 3.36
CA LEU A 38 1.73 4.27 2.30
C LEU A 38 1.93 2.90 2.94
N ASP A 39 2.68 2.89 4.03
CA ASP A 39 2.95 1.67 4.80
C ASP A 39 1.66 0.97 5.23
N ARG A 40 0.65 1.76 5.57
CA ARG A 40 -0.66 1.22 5.98
C ARG A 40 -1.29 0.45 4.82
N LEU A 41 -1.25 1.05 3.64
CA LEU A 41 -1.82 0.45 2.43
C LEU A 41 -0.98 -0.77 2.02
N LEU A 42 0.32 -0.61 2.11
CA LEU A 42 1.28 -1.67 1.79
C LEU A 42 1.08 -2.87 2.70
N ASN A 43 0.84 -2.58 3.96
CA ASN A 43 0.64 -3.59 4.99
C ASN A 43 -0.60 -4.41 4.67
N LEU A 44 -1.53 -3.82 3.95
CA LEU A 44 -2.73 -4.52 3.55
C LEU A 44 -2.40 -5.60 2.51
N LEU A 45 -1.43 -5.34 1.64
CA LEU A 45 -0.97 -6.37 0.69
C LEU A 45 -0.27 -7.49 1.46
N ILE A 46 0.46 -7.11 2.49
CA ILE A 46 1.14 -8.03 3.37
C ILE A 46 0.10 -8.89 4.10
N GLU A 47 -0.96 -8.23 4.51
CA GLU A 47 -2.09 -8.85 5.17
C GLU A 47 -2.68 -9.96 4.30
N LEU A 48 -2.97 -9.65 3.04
CA LEU A 48 -3.52 -10.64 2.10
C LEU A 48 -2.59 -11.84 1.88
N LYS A 49 -1.30 -11.60 1.91
CA LYS A 49 -0.31 -12.68 1.80
C LYS A 49 -0.39 -13.57 3.03
N THR A 50 -0.57 -12.93 4.17
CA THR A 50 -0.65 -13.60 5.44
C THR A 50 -2.01 -14.34 5.59
N LYS A 51 -2.98 -13.96 4.76
CA LYS A 51 -4.30 -14.60 4.74
C LYS A 51 -4.24 -15.99 4.18
N LYS A 52 -3.14 -16.30 3.46
CA LYS A 52 -2.77 -17.66 2.91
C LYS A 52 -3.84 -18.34 2.02
N LYS A 53 -4.94 -17.68 1.80
CA LYS A 53 -6.06 -18.23 1.06
C LYS A 53 -5.84 -18.16 -0.44
N ARG A 54 -5.03 -17.24 -0.88
CA ARG A 54 -4.75 -17.11 -2.29
C ARG A 54 -3.43 -17.78 -2.64
N TYR A 55 -3.04 -17.71 -3.90
CA TYR A 55 -1.83 -18.39 -4.40
C TYR A 55 -0.58 -17.54 -4.16
N SER A 56 -0.67 -16.65 -3.20
CA SER A 56 0.38 -15.73 -2.92
C SER A 56 1.52 -16.36 -2.11
N LEU A 57 1.37 -17.64 -1.75
CA LEU A 57 2.44 -18.33 -1.03
C LEU A 57 3.36 -19.00 -2.03
N LEU A 58 2.98 -18.95 -3.29
CA LEU A 58 3.81 -19.46 -4.36
C LEU A 58 4.80 -18.38 -4.75
N GLU A 59 4.36 -17.16 -4.66
CA GLU A 59 5.20 -16.01 -4.93
C GLU A 59 5.83 -15.57 -3.62
N HIS A 60 7.05 -16.00 -3.38
CA HIS A 60 7.71 -15.69 -2.12
C HIS A 60 8.02 -14.19 -2.00
N HIS A 61 7.77 -13.70 -0.83
CA HIS A 61 7.81 -12.29 -0.53
C HIS A 61 8.64 -11.99 0.73
N HIS A 62 9.27 -13.01 1.26
CA HIS A 62 10.09 -12.86 2.46
C HIS A 62 11.40 -12.12 2.14
N HIS A 63 12.18 -11.88 3.18
CA HIS A 63 13.46 -11.19 3.13
C HIS A 63 13.29 -9.73 2.72
N HIS A 64 12.80 -8.98 3.67
CA HIS A 64 12.62 -7.55 3.62
C HIS A 64 11.96 -7.17 4.91
N MET A 1 -11.66 -6.21 -3.01
CA MET A 1 -11.69 -7.44 -3.81
C MET A 1 -10.36 -7.67 -4.50
N ASN A 2 -9.73 -6.62 -4.96
CA ASN A 2 -8.55 -6.75 -5.78
C ASN A 2 -7.36 -6.15 -5.10
N VAL A 3 -6.48 -6.98 -4.59
CA VAL A 3 -5.26 -6.49 -3.97
C VAL A 3 -4.38 -5.80 -5.00
N THR A 4 -4.55 -6.18 -6.26
CA THR A 4 -3.85 -5.57 -7.37
C THR A 4 -4.27 -4.08 -7.53
N LYS A 5 -5.53 -3.77 -7.23
CA LYS A 5 -6.01 -2.41 -7.31
C LYS A 5 -5.50 -1.62 -6.14
N LEU A 6 -5.45 -2.26 -5.00
CA LEU A 6 -4.92 -1.65 -3.81
C LEU A 6 -3.42 -1.37 -4.00
N ASN A 7 -2.75 -2.31 -4.66
CA ASN A 7 -1.35 -2.17 -5.05
C ASN A 7 -1.19 -0.98 -5.99
N ASP A 8 -2.15 -0.82 -6.89
CA ASP A 8 -2.16 0.28 -7.86
C ASP A 8 -2.32 1.63 -7.14
N ARG A 9 -3.12 1.62 -6.08
CA ARG A 9 -3.32 2.81 -5.24
C ARG A 9 -2.01 3.19 -4.55
N ILE A 10 -1.23 2.16 -4.23
CA ILE A 10 0.09 2.34 -3.65
C ILE A 10 1.00 3.02 -4.66
N GLU A 11 0.87 2.65 -5.94
CA GLU A 11 1.68 3.25 -7.02
C GLU A 11 1.51 4.77 -7.01
N ALA A 12 0.27 5.22 -6.97
CA ALA A 12 -0.04 6.64 -6.98
C ALA A 12 0.45 7.31 -5.69
N LYS A 13 0.54 6.52 -4.63
CA LYS A 13 1.00 7.01 -3.34
C LYS A 13 2.53 7.16 -3.38
N LYS A 14 3.18 6.21 -4.04
CA LYS A 14 4.64 6.23 -4.20
C LYS A 14 5.05 7.46 -4.99
N LYS A 15 4.34 7.69 -6.10
CA LYS A 15 4.61 8.85 -6.97
C LYS A 15 4.45 10.14 -6.19
N GLU A 16 3.38 10.19 -5.39
CA GLU A 16 3.05 11.34 -4.54
C GLU A 16 4.20 11.62 -3.57
N LEU A 17 4.65 10.56 -2.91
CA LEU A 17 5.69 10.65 -1.91
C LEU A 17 7.02 11.03 -2.55
N ILE A 18 7.39 10.35 -3.64
CA ILE A 18 8.63 10.60 -4.37
C ILE A 18 8.73 12.08 -4.76
N TYR A 19 7.63 12.61 -5.28
CA TYR A 19 7.52 14.01 -5.69
C TYR A 19 7.90 14.95 -4.56
N LEU A 20 7.39 14.67 -3.37
CA LEU A 20 7.64 15.51 -2.20
C LEU A 20 9.09 15.34 -1.72
N VAL A 21 9.57 14.12 -1.75
CA VAL A 21 10.93 13.82 -1.31
C VAL A 21 11.96 14.50 -2.21
N GLU A 22 11.70 14.51 -3.50
CA GLU A 22 12.59 15.16 -4.46
C GLU A 22 12.64 16.66 -4.21
N LYS A 23 11.49 17.26 -3.98
CA LYS A 23 11.41 18.71 -3.83
C LYS A 23 11.77 19.21 -2.43
N TYR A 24 11.21 18.61 -1.41
CA TYR A 24 11.43 19.10 -0.05
C TYR A 24 12.40 18.22 0.69
N GLY A 25 12.27 16.95 0.49
CA GLY A 25 13.06 16.01 1.22
C GLY A 25 12.16 15.08 1.96
N PHE A 26 12.65 14.46 3.00
CA PHE A 26 11.84 13.50 3.73
C PHE A 26 11.96 13.70 5.23
N THR A 27 12.45 14.84 5.62
CA THR A 27 12.71 15.07 7.00
C THR A 27 11.49 15.64 7.74
N HIS A 28 10.60 16.31 7.02
CA HIS A 28 9.46 16.92 7.67
C HIS A 28 8.32 15.92 7.91
N HIS A 29 7.43 16.28 8.84
CA HIS A 29 6.36 15.40 9.34
C HIS A 29 5.37 14.91 8.29
N LYS A 30 5.11 15.71 7.29
CA LYS A 30 4.17 15.30 6.24
C LYS A 30 4.66 14.07 5.50
N VAL A 31 5.93 14.09 5.09
CA VAL A 31 6.53 12.97 4.38
C VAL A 31 6.52 11.73 5.28
N ILE A 32 6.86 11.93 6.55
CA ILE A 32 6.86 10.85 7.54
C ILE A 32 5.46 10.21 7.60
N SER A 33 4.46 11.07 7.73
CA SER A 33 3.08 10.63 7.80
C SER A 33 2.67 9.88 6.53
N PHE A 34 3.08 10.37 5.36
CA PHE A 34 2.75 9.71 4.11
C PHE A 34 3.45 8.37 3.96
N SER A 35 4.66 8.27 4.49
CA SER A 35 5.40 7.03 4.45
C SER A 35 4.73 5.97 5.35
N GLN A 36 4.18 6.45 6.48
CA GLN A 36 3.43 5.58 7.40
C GLN A 36 2.12 5.16 6.76
N GLU A 37 1.56 6.06 5.98
CA GLU A 37 0.32 5.83 5.28
C GLU A 37 0.52 4.84 4.15
N LEU A 38 1.62 4.98 3.42
CA LEU A 38 1.98 4.06 2.35
C LEU A 38 2.18 2.68 2.96
N ASP A 39 2.86 2.66 4.10
CA ASP A 39 3.09 1.45 4.89
C ASP A 39 1.78 0.77 5.26
N ARG A 40 0.80 1.56 5.62
CA ARG A 40 -0.51 1.07 6.02
C ARG A 40 -1.22 0.39 4.85
N LEU A 41 -1.14 1.00 3.67
CA LEU A 41 -1.71 0.40 2.46
C LEU A 41 -0.95 -0.89 2.08
N LEU A 42 0.36 -0.84 2.22
CA LEU A 42 1.22 -1.98 1.92
C LEU A 42 0.90 -3.12 2.89
N ASN A 43 0.58 -2.77 4.12
CA ASN A 43 0.26 -3.72 5.17
C ASN A 43 -1.03 -4.48 4.85
N LEU A 44 -1.89 -3.84 4.08
CA LEU A 44 -3.14 -4.45 3.64
C LEU A 44 -2.84 -5.59 2.65
N LEU A 45 -1.76 -5.44 1.90
CA LEU A 45 -1.29 -6.49 1.00
C LEU A 45 -0.63 -7.62 1.78
N ILE A 46 0.02 -7.27 2.88
CA ILE A 46 0.64 -8.25 3.79
C ILE A 46 -0.46 -9.20 4.32
N GLU A 47 -1.62 -8.61 4.57
CA GLU A 47 -2.82 -9.29 5.03
C GLU A 47 -3.26 -10.40 4.03
N LEU A 48 -2.95 -10.19 2.75
CA LEU A 48 -3.35 -11.10 1.68
C LEU A 48 -2.72 -12.48 1.84
N LYS A 49 -1.48 -12.52 2.30
CA LYS A 49 -0.76 -13.78 2.43
C LYS A 49 -1.33 -14.64 3.54
N THR A 50 -1.87 -13.99 4.54
CA THR A 50 -2.41 -14.62 5.74
C THR A 50 -3.58 -15.61 5.43
N LYS A 51 -4.16 -15.49 4.24
CA LYS A 51 -5.22 -16.39 3.82
C LYS A 51 -4.68 -17.78 3.53
N LYS A 52 -3.35 -17.85 3.26
CA LYS A 52 -2.54 -19.07 2.94
C LYS A 52 -3.05 -19.93 1.77
N LYS A 53 -4.24 -19.63 1.27
CA LYS A 53 -4.75 -20.24 0.06
C LYS A 53 -4.13 -19.49 -1.12
N ARG A 54 -3.46 -18.41 -0.77
CA ARG A 54 -2.66 -17.62 -1.63
C ARG A 54 -1.31 -18.16 -1.49
N TYR A 55 -0.81 -18.75 -2.54
CA TYR A 55 0.43 -19.43 -2.48
C TYR A 55 1.61 -18.51 -2.52
N SER A 56 1.81 -17.88 -1.42
CA SER A 56 2.99 -17.11 -1.16
C SER A 56 3.86 -17.84 -0.13
N LEU A 57 3.48 -19.08 0.18
CA LEU A 57 4.15 -19.88 1.22
C LEU A 57 5.55 -20.34 0.77
N LEU A 58 5.76 -20.41 -0.52
CA LEU A 58 7.07 -20.79 -1.05
C LEU A 58 7.90 -19.54 -1.30
N GLU A 59 7.24 -18.40 -1.21
CA GLU A 59 7.90 -17.12 -1.36
C GLU A 59 8.31 -16.62 0.02
N HIS A 60 7.34 -16.16 0.72
CA HIS A 60 7.45 -15.58 2.05
C HIS A 60 6.04 -15.35 2.54
N HIS A 61 5.68 -15.97 3.62
CA HIS A 61 4.34 -15.88 4.15
C HIS A 61 4.29 -14.77 5.19
N HIS A 62 3.15 -14.16 5.35
CA HIS A 62 3.00 -13.07 6.30
C HIS A 62 1.89 -13.34 7.28
N HIS A 63 2.16 -13.02 8.55
CA HIS A 63 1.27 -13.27 9.69
C HIS A 63 1.17 -14.76 9.97
N HIS A 64 1.90 -15.19 10.97
CA HIS A 64 2.02 -16.59 11.33
C HIS A 64 0.69 -17.13 11.83
N MET A 1 -12.65 -2.27 -2.75
CA MET A 1 -13.35 -3.14 -3.71
C MET A 1 -12.40 -4.15 -4.36
N ASN A 2 -11.22 -3.70 -4.75
CA ASN A 2 -10.24 -4.55 -5.39
C ASN A 2 -8.87 -4.28 -4.83
N VAL A 3 -8.20 -5.32 -4.40
CA VAL A 3 -6.85 -5.18 -3.86
C VAL A 3 -5.84 -4.80 -4.94
N THR A 4 -6.13 -5.15 -6.18
CA THR A 4 -5.26 -4.75 -7.26
C THR A 4 -5.32 -3.22 -7.45
N LYS A 5 -6.51 -2.63 -7.24
CA LYS A 5 -6.66 -1.19 -7.30
C LYS A 5 -6.05 -0.54 -6.07
N LEU A 6 -6.08 -1.26 -4.96
CA LEU A 6 -5.42 -0.83 -3.73
C LEU A 6 -3.93 -0.72 -4.00
N ASN A 7 -3.37 -1.78 -4.59
CA ASN A 7 -1.95 -1.84 -4.97
C ASN A 7 -1.59 -0.72 -5.94
N ASP A 8 -2.48 -0.46 -6.89
CA ASP A 8 -2.31 0.60 -7.87
C ASP A 8 -2.17 1.96 -7.18
N ARG A 9 -3.02 2.17 -6.16
CA ARG A 9 -2.98 3.39 -5.36
C ARG A 9 -1.67 3.46 -4.59
N ILE A 10 -1.24 2.35 -4.04
CA ILE A 10 -0.01 2.28 -3.28
C ILE A 10 1.20 2.62 -4.14
N GLU A 11 1.19 2.12 -5.36
CA GLU A 11 2.28 2.39 -6.29
C GLU A 11 2.30 3.87 -6.65
N ALA A 12 1.13 4.44 -6.83
CA ALA A 12 0.98 5.85 -7.11
C ALA A 12 1.37 6.68 -5.90
N LYS A 13 1.27 6.08 -4.72
CA LYS A 13 1.60 6.74 -3.47
C LYS A 13 3.11 6.78 -3.33
N LYS A 14 3.76 5.74 -3.83
CA LYS A 14 5.21 5.65 -3.82
C LYS A 14 5.78 6.76 -4.67
N LYS A 15 5.22 6.90 -5.87
CA LYS A 15 5.65 7.93 -6.82
C LYS A 15 5.36 9.32 -6.28
N GLU A 16 4.30 9.40 -5.50
CA GLU A 16 3.86 10.64 -4.91
C GLU A 16 4.87 11.04 -3.87
N LEU A 17 5.27 10.08 -3.06
CA LEU A 17 6.27 10.26 -2.04
C LEU A 17 7.62 10.60 -2.63
N ILE A 18 7.96 10.03 -3.76
CA ILE A 18 9.22 10.35 -4.43
C ILE A 18 9.21 11.84 -4.82
N TYR A 19 8.13 12.25 -5.43
CA TYR A 19 7.96 13.62 -5.84
C TYR A 19 7.94 14.56 -4.62
N LEU A 20 7.08 14.26 -3.66
CA LEU A 20 6.91 15.10 -2.49
C LEU A 20 8.14 15.17 -1.62
N VAL A 21 8.89 14.09 -1.51
CA VAL A 21 10.09 14.09 -0.68
C VAL A 21 11.12 15.04 -1.25
N GLU A 22 11.23 15.03 -2.56
CA GLU A 22 12.14 15.94 -3.24
C GLU A 22 11.68 17.40 -3.14
N LYS A 23 10.37 17.63 -3.21
CA LYS A 23 9.81 18.99 -3.21
C LYS A 23 9.76 19.59 -1.80
N TYR A 24 9.42 18.80 -0.80
CA TYR A 24 9.34 19.30 0.57
C TYR A 24 10.70 19.23 1.25
N GLY A 25 11.40 18.16 1.05
CA GLY A 25 12.67 17.97 1.67
C GLY A 25 12.78 16.59 2.25
N PHE A 26 13.96 16.04 2.21
CA PHE A 26 14.20 14.71 2.72
C PHE A 26 14.12 14.74 4.23
N THR A 27 13.31 13.86 4.78
CA THR A 27 12.98 13.82 6.19
C THR A 27 12.19 15.08 6.55
N HIS A 28 10.91 15.01 6.30
CA HIS A 28 9.99 16.09 6.51
C HIS A 28 8.77 15.50 7.20
N HIS A 29 8.18 16.24 8.13
CA HIS A 29 7.08 15.74 8.95
C HIS A 29 5.90 15.19 8.13
N LYS A 30 5.55 15.85 7.03
CA LYS A 30 4.43 15.42 6.20
C LYS A 30 4.74 14.13 5.46
N VAL A 31 5.96 14.01 4.94
CA VAL A 31 6.32 12.82 4.17
C VAL A 31 6.36 11.59 5.04
N ILE A 32 6.75 11.77 6.30
CA ILE A 32 6.76 10.70 7.28
C ILE A 32 5.32 10.19 7.49
N SER A 33 4.38 11.12 7.57
CA SER A 33 2.97 10.78 7.72
C SER A 33 2.46 10.03 6.48
N PHE A 34 2.87 10.48 5.30
CA PHE A 34 2.47 9.84 4.06
C PHE A 34 3.06 8.44 3.96
N SER A 35 4.28 8.30 4.44
CA SER A 35 5.00 7.04 4.44
C SER A 35 4.27 6.03 5.33
N GLN A 36 3.83 6.47 6.49
CA GLN A 36 3.11 5.60 7.41
C GLN A 36 1.79 5.12 6.82
N GLU A 37 1.17 5.98 6.02
CA GLU A 37 -0.05 5.61 5.31
C GLU A 37 0.24 4.59 4.23
N LEU A 38 1.28 4.86 3.44
CA LEU A 38 1.70 3.95 2.37
C LEU A 38 2.04 2.59 2.98
N ASP A 39 2.71 2.62 4.10
CA ASP A 39 3.14 1.43 4.83
C ASP A 39 1.93 0.63 5.30
N ARG A 40 0.91 1.33 5.77
CA ARG A 40 -0.30 0.71 6.26
C ARG A 40 -1.09 0.07 5.11
N LEU A 41 -1.19 0.78 3.99
CA LEU A 41 -1.85 0.24 2.81
C LEU A 41 -1.06 -0.92 2.22
N LEU A 42 0.25 -0.83 2.27
CA LEU A 42 1.13 -1.91 1.83
C LEU A 42 0.88 -3.14 2.68
N ASN A 43 0.70 -2.90 3.96
CA ASN A 43 0.45 -3.95 4.91
C ASN A 43 -0.89 -4.62 4.60
N LEU A 44 -1.85 -3.85 4.10
CA LEU A 44 -3.16 -4.36 3.70
C LEU A 44 -3.05 -5.48 2.67
N LEU A 45 -2.15 -5.31 1.70
CA LEU A 45 -1.93 -6.33 0.67
C LEU A 45 -1.47 -7.64 1.31
N ILE A 46 -0.64 -7.51 2.31
CA ILE A 46 -0.11 -8.65 3.04
C ILE A 46 -1.18 -9.24 3.94
N GLU A 47 -1.81 -8.37 4.71
CA GLU A 47 -2.82 -8.73 5.69
C GLU A 47 -3.97 -9.49 5.07
N LEU A 48 -4.54 -8.90 4.03
CA LEU A 48 -5.68 -9.48 3.37
C LEU A 48 -5.39 -10.85 2.80
N LYS A 49 -4.22 -11.05 2.21
CA LYS A 49 -3.87 -12.36 1.69
C LYS A 49 -3.64 -13.37 2.80
N THR A 50 -3.10 -12.90 3.91
CA THR A 50 -2.85 -13.74 5.04
C THR A 50 -4.15 -14.27 5.64
N LYS A 51 -5.16 -13.42 5.71
CA LYS A 51 -6.42 -13.86 6.25
C LYS A 51 -7.26 -14.55 5.18
N LYS A 52 -7.63 -13.80 4.10
CA LYS A 52 -8.53 -14.21 2.95
C LYS A 52 -9.83 -14.98 3.32
N LYS A 53 -10.01 -15.19 4.58
CA LYS A 53 -11.15 -15.86 5.14
C LYS A 53 -12.27 -14.87 5.37
N ARG A 54 -11.90 -13.60 5.29
CA ARG A 54 -12.86 -12.54 5.39
C ARG A 54 -13.50 -12.34 4.04
N TYR A 55 -14.75 -11.98 4.07
CA TYR A 55 -15.56 -11.88 2.87
C TYR A 55 -15.28 -10.61 2.08
N SER A 56 -14.28 -9.90 2.47
CA SER A 56 -13.87 -8.69 1.83
C SER A 56 -13.11 -8.98 0.53
N LEU A 57 -12.39 -10.09 0.49
CA LEU A 57 -11.71 -10.51 -0.73
C LEU A 57 -12.59 -11.42 -1.52
N LEU A 58 -13.36 -12.17 -0.79
CA LEU A 58 -14.20 -13.20 -1.35
C LEU A 58 -15.42 -12.61 -2.01
N GLU A 59 -16.24 -11.98 -1.22
CA GLU A 59 -17.52 -11.53 -1.66
C GLU A 59 -17.46 -10.03 -1.76
N HIS A 60 -18.59 -9.41 -1.79
CA HIS A 60 -18.68 -7.98 -1.76
C HIS A 60 -18.58 -7.55 -0.31
N HIS A 61 -17.95 -6.46 -0.06
CA HIS A 61 -17.84 -6.00 1.29
C HIS A 61 -18.76 -4.82 1.49
N HIS A 62 -19.93 -5.09 1.96
CA HIS A 62 -20.90 -4.07 2.21
C HIS A 62 -21.51 -4.34 3.55
N HIS A 63 -21.19 -3.52 4.50
CA HIS A 63 -21.69 -3.67 5.82
C HIS A 63 -23.05 -3.02 5.91
N HIS A 64 -23.98 -3.70 6.49
CA HIS A 64 -25.31 -3.20 6.65
C HIS A 64 -25.42 -2.61 8.05
N MET A 1 -13.95 -4.67 -3.66
CA MET A 1 -13.06 -3.81 -4.43
C MET A 1 -11.83 -4.61 -4.85
N ASN A 2 -11.54 -4.60 -6.14
CA ASN A 2 -10.39 -5.30 -6.75
C ASN A 2 -9.11 -5.00 -5.98
N VAL A 3 -8.36 -6.02 -5.63
CA VAL A 3 -7.11 -5.85 -4.85
C VAL A 3 -6.05 -5.07 -5.65
N THR A 4 -6.18 -5.08 -6.96
CA THR A 4 -5.29 -4.36 -7.82
C THR A 4 -5.46 -2.84 -7.59
N LYS A 5 -6.66 -2.44 -7.13
CA LYS A 5 -6.97 -1.05 -6.86
C LYS A 5 -6.27 -0.60 -5.59
N LEU A 6 -6.17 -1.51 -4.63
CA LEU A 6 -5.49 -1.21 -3.39
C LEU A 6 -4.00 -1.03 -3.68
N ASN A 7 -3.46 -1.93 -4.48
CA ASN A 7 -2.05 -1.85 -4.87
C ASN A 7 -1.81 -0.62 -5.75
N ASP A 8 -2.83 -0.25 -6.51
CA ASP A 8 -2.79 0.93 -7.37
C ASP A 8 -2.58 2.19 -6.56
N ARG A 9 -3.27 2.24 -5.41
CA ARG A 9 -3.13 3.35 -4.48
C ARG A 9 -1.71 3.42 -3.97
N ILE A 10 -1.14 2.26 -3.67
CA ILE A 10 0.24 2.16 -3.23
C ILE A 10 1.16 2.75 -4.29
N GLU A 11 1.00 2.25 -5.51
CA GLU A 11 1.80 2.69 -6.65
C GLU A 11 1.72 4.20 -6.86
N ALA A 12 0.54 4.74 -6.71
CA ALA A 12 0.33 6.17 -6.88
C ALA A 12 0.93 6.97 -5.73
N LYS A 13 0.95 6.39 -4.54
CA LYS A 13 1.55 7.09 -3.41
C LYS A 13 3.05 7.01 -3.47
N LYS A 14 3.57 5.91 -3.99
CA LYS A 14 5.01 5.71 -4.18
C LYS A 14 5.58 6.80 -5.09
N LYS A 15 4.91 7.06 -6.20
CA LYS A 15 5.36 8.07 -7.15
C LYS A 15 5.22 9.48 -6.57
N GLU A 16 4.27 9.62 -5.66
CA GLU A 16 3.95 10.89 -5.04
C GLU A 16 5.01 11.19 -4.03
N LEU A 17 5.35 10.18 -3.26
CA LEU A 17 6.38 10.27 -2.27
C LEU A 17 7.71 10.67 -2.86
N ILE A 18 8.09 10.07 -3.97
CA ILE A 18 9.35 10.41 -4.63
C ILE A 18 9.38 11.92 -4.96
N TYR A 19 8.28 12.41 -5.47
CA TYR A 19 8.13 13.81 -5.80
C TYR A 19 8.18 14.68 -4.51
N LEU A 20 7.42 14.27 -3.52
CA LEU A 20 7.30 15.00 -2.26
C LEU A 20 8.62 15.05 -1.50
N VAL A 21 9.34 13.92 -1.48
CA VAL A 21 10.66 13.86 -0.85
C VAL A 21 11.60 14.90 -1.46
N GLU A 22 11.55 15.03 -2.76
CA GLU A 22 12.39 15.99 -3.45
C GLU A 22 12.01 17.44 -3.17
N LYS A 23 10.72 17.72 -3.13
CA LYS A 23 10.27 19.05 -2.93
C LYS A 23 10.34 19.47 -1.44
N TYR A 24 9.88 18.62 -0.55
CA TYR A 24 9.82 18.97 0.88
C TYR A 24 11.05 18.52 1.66
N GLY A 25 11.57 17.37 1.34
CA GLY A 25 12.71 16.84 2.06
C GLY A 25 12.36 15.54 2.75
N PHE A 26 13.37 14.85 3.26
CA PHE A 26 13.19 13.56 3.92
C PHE A 26 12.65 13.74 5.33
N THR A 27 13.08 14.81 5.96
CA THR A 27 12.79 15.07 7.36
C THR A 27 11.44 15.76 7.54
N HIS A 28 10.81 16.11 6.45
CA HIS A 28 9.58 16.85 6.51
C HIS A 28 8.44 15.90 6.92
N HIS A 29 7.74 16.26 7.99
CA HIS A 29 6.75 15.40 8.65
C HIS A 29 5.63 14.97 7.70
N LYS A 30 5.25 15.83 6.75
CA LYS A 30 4.22 15.46 5.77
C LYS A 30 4.64 14.22 5.00
N VAL A 31 5.88 14.21 4.57
CA VAL A 31 6.45 13.12 3.80
C VAL A 31 6.42 11.83 4.62
N ILE A 32 6.76 11.97 5.89
CA ILE A 32 6.73 10.86 6.83
C ILE A 32 5.31 10.33 6.94
N SER A 33 4.39 11.25 7.16
CA SER A 33 2.97 10.96 7.26
C SER A 33 2.44 10.18 6.03
N PHE A 34 2.76 10.65 4.82
CA PHE A 34 2.32 9.97 3.61
C PHE A 34 2.96 8.58 3.51
N SER A 35 4.18 8.49 3.98
CA SER A 35 4.94 7.26 3.98
C SER A 35 4.34 6.26 5.01
N GLN A 36 3.76 6.77 6.09
CA GLN A 36 3.09 5.93 7.08
C GLN A 36 1.90 5.23 6.45
N GLU A 37 1.17 6.00 5.63
CA GLU A 37 0.02 5.47 4.91
C GLU A 37 0.47 4.43 3.91
N LEU A 38 1.57 4.73 3.21
CA LEU A 38 2.15 3.86 2.20
C LEU A 38 2.44 2.48 2.80
N ASP A 39 3.15 2.49 3.92
CA ASP A 39 3.50 1.27 4.62
C ASP A 39 2.25 0.51 5.08
N ARG A 40 1.22 1.26 5.47
CA ARG A 40 -0.05 0.69 5.91
C ARG A 40 -0.76 -0.01 4.75
N LEU A 41 -0.77 0.66 3.60
CA LEU A 41 -1.39 0.12 2.39
C LEU A 41 -0.72 -1.17 1.98
N LEU A 42 0.61 -1.18 2.05
CA LEU A 42 1.39 -2.37 1.74
C LEU A 42 1.05 -3.48 2.72
N ASN A 43 0.93 -3.11 3.98
CA ASN A 43 0.64 -4.05 5.05
C ASN A 43 -0.71 -4.71 4.86
N LEU A 44 -1.62 -3.99 4.24
CA LEU A 44 -2.95 -4.52 3.93
C LEU A 44 -2.85 -5.73 3.02
N LEU A 45 -2.05 -5.62 1.96
CA LEU A 45 -1.87 -6.74 1.02
C LEU A 45 -1.27 -7.91 1.75
N ILE A 46 -0.27 -7.62 2.57
CA ILE A 46 0.42 -8.61 3.36
C ILE A 46 -0.55 -9.30 4.33
N GLU A 47 -1.46 -8.54 4.91
CA GLU A 47 -2.43 -9.06 5.85
C GLU A 47 -3.38 -10.05 5.15
N LEU A 48 -3.88 -9.69 3.97
CA LEU A 48 -4.75 -10.61 3.22
C LEU A 48 -4.01 -11.89 2.84
N LYS A 49 -2.75 -11.74 2.47
CA LYS A 49 -1.91 -12.88 2.07
C LYS A 49 -1.56 -13.76 3.27
N THR A 50 -1.40 -13.17 4.43
CA THR A 50 -1.06 -13.92 5.63
C THR A 50 -2.28 -14.62 6.22
N LYS A 51 -3.42 -13.97 6.15
CA LYS A 51 -4.66 -14.55 6.60
C LYS A 51 -5.03 -15.72 5.71
N LYS A 52 -4.86 -15.51 4.37
CA LYS A 52 -5.10 -16.52 3.27
C LYS A 52 -6.46 -17.18 3.33
N LYS A 53 -7.36 -16.60 4.08
CA LYS A 53 -8.67 -17.17 4.27
C LYS A 53 -9.56 -17.01 3.03
N ARG A 54 -9.05 -16.25 2.09
CA ARG A 54 -9.60 -16.21 0.78
C ARG A 54 -8.73 -17.16 0.00
N TYR A 55 -9.28 -18.27 -0.38
CA TYR A 55 -8.52 -19.37 -0.97
C TYR A 55 -8.25 -19.15 -2.44
N SER A 56 -8.26 -17.89 -2.82
CA SER A 56 -8.04 -17.42 -4.17
C SER A 56 -6.59 -17.74 -4.58
N LEU A 57 -5.72 -17.94 -3.58
CA LEU A 57 -4.33 -18.30 -3.80
C LEU A 57 -4.25 -19.76 -4.28
N LEU A 58 -5.24 -20.55 -3.91
CA LEU A 58 -5.28 -21.95 -4.27
C LEU A 58 -6.12 -22.12 -5.53
N GLU A 59 -7.31 -21.59 -5.50
CA GLU A 59 -8.21 -21.63 -6.61
C GLU A 59 -8.89 -20.27 -6.70
N HIS A 60 -8.97 -19.73 -7.87
CA HIS A 60 -9.60 -18.43 -8.02
C HIS A 60 -11.10 -18.59 -7.97
N HIS A 61 -11.62 -18.50 -6.78
CA HIS A 61 -13.02 -18.63 -6.56
C HIS A 61 -13.78 -17.38 -6.96
N HIS A 62 -14.73 -17.56 -7.81
CA HIS A 62 -15.63 -16.49 -8.23
C HIS A 62 -16.87 -16.61 -7.37
N HIS A 63 -16.93 -17.74 -6.68
CA HIS A 63 -17.97 -18.06 -5.74
C HIS A 63 -17.70 -17.29 -4.45
N HIS A 64 -18.30 -16.15 -4.35
CA HIS A 64 -18.20 -15.31 -3.22
C HIS A 64 -19.55 -15.20 -2.59
N MET A 1 -13.22 -9.20 -3.25
CA MET A 1 -12.36 -8.04 -3.02
C MET A 1 -11.18 -8.11 -3.96
N ASN A 2 -10.72 -6.97 -4.45
CA ASN A 2 -9.57 -6.95 -5.35
C ASN A 2 -8.39 -6.28 -4.69
N VAL A 3 -7.35 -7.04 -4.45
CA VAL A 3 -6.14 -6.49 -3.82
C VAL A 3 -5.35 -5.62 -4.80
N THR A 4 -5.53 -5.89 -6.09
CA THR A 4 -4.81 -5.20 -7.12
C THR A 4 -5.16 -3.69 -7.18
N LYS A 5 -6.39 -3.33 -6.77
CA LYS A 5 -6.79 -1.91 -6.79
C LYS A 5 -6.09 -1.16 -5.68
N LEU A 6 -5.78 -1.87 -4.62
CA LEU A 6 -5.08 -1.33 -3.48
C LEU A 6 -3.63 -1.09 -3.87
N ASN A 7 -3.08 -2.05 -4.58
CA ASN A 7 -1.69 -1.98 -5.05
C ASN A 7 -1.54 -0.85 -6.08
N ASP A 8 -2.61 -0.61 -6.83
CA ASP A 8 -2.68 0.49 -7.80
C ASP A 8 -2.67 1.83 -7.08
N ARG A 9 -3.40 1.90 -5.97
CA ARG A 9 -3.43 3.11 -5.16
C ARG A 9 -2.08 3.37 -4.52
N ILE A 10 -1.39 2.27 -4.14
CA ILE A 10 -0.04 2.35 -3.62
C ILE A 10 0.86 3.01 -4.64
N GLU A 11 0.66 2.64 -5.91
CA GLU A 11 1.47 3.15 -7.00
C GLU A 11 1.37 4.69 -7.07
N ALA A 12 0.15 5.20 -6.89
CA ALA A 12 -0.09 6.63 -6.91
C ALA A 12 0.52 7.32 -5.70
N LYS A 13 0.53 6.61 -4.58
CA LYS A 13 1.08 7.13 -3.35
C LYS A 13 2.61 7.11 -3.37
N LYS A 14 3.18 6.09 -4.01
CA LYS A 14 4.62 5.96 -4.18
C LYS A 14 5.17 7.14 -4.96
N LYS A 15 4.58 7.40 -6.12
CA LYS A 15 5.01 8.47 -6.99
C LYS A 15 4.85 9.83 -6.32
N GLU A 16 3.76 9.98 -5.58
CA GLU A 16 3.46 11.19 -4.83
C GLU A 16 4.54 11.41 -3.77
N LEU A 17 4.84 10.36 -3.01
CA LEU A 17 5.83 10.44 -1.96
C LEU A 17 7.19 10.78 -2.53
N ILE A 18 7.58 10.09 -3.62
CA ILE A 18 8.88 10.34 -4.29
C ILE A 18 9.02 11.83 -4.64
N TYR A 19 7.96 12.39 -5.20
CA TYR A 19 7.95 13.79 -5.60
C TYR A 19 8.17 14.69 -4.37
N LEU A 20 7.52 14.35 -3.30
CA LEU A 20 7.62 15.14 -2.08
C LEU A 20 8.98 14.95 -1.40
N VAL A 21 9.54 13.77 -1.48
CA VAL A 21 10.87 13.52 -0.92
C VAL A 21 11.92 14.32 -1.71
N GLU A 22 11.71 14.42 -3.01
CA GLU A 22 12.58 15.23 -3.85
C GLU A 22 12.43 16.73 -3.59
N LYS A 23 11.20 17.21 -3.56
CA LYS A 23 10.94 18.64 -3.44
C LYS A 23 11.01 19.15 -1.99
N TYR A 24 10.35 18.48 -1.08
CA TYR A 24 10.29 18.90 0.31
C TYR A 24 11.47 18.34 1.08
N GLY A 25 11.72 17.09 0.88
CA GLY A 25 12.81 16.43 1.54
C GLY A 25 12.31 15.46 2.58
N PHE A 26 13.20 14.65 3.08
CA PHE A 26 12.85 13.66 4.08
C PHE A 26 12.88 14.26 5.47
N THR A 27 12.30 13.54 6.44
CA THR A 27 12.23 13.97 7.85
C THR A 27 11.35 15.25 8.00
N HIS A 28 10.45 15.41 7.06
CA HIS A 28 9.48 16.49 7.06
C HIS A 28 8.13 15.87 7.44
N HIS A 29 7.37 16.55 8.31
CA HIS A 29 6.10 16.02 8.89
C HIS A 29 5.13 15.49 7.85
N LYS A 30 4.91 16.22 6.76
CA LYS A 30 4.02 15.76 5.71
C LYS A 30 4.55 14.45 5.13
N VAL A 31 5.81 14.46 4.73
CA VAL A 31 6.49 13.32 4.13
C VAL A 31 6.43 12.08 5.04
N ILE A 32 6.61 12.30 6.34
CA ILE A 32 6.52 11.21 7.32
C ILE A 32 5.11 10.60 7.33
N SER A 33 4.10 11.45 7.24
CA SER A 33 2.72 11.00 7.21
C SER A 33 2.43 10.16 5.95
N PHE A 34 2.96 10.60 4.81
CA PHE A 34 2.82 9.85 3.57
C PHE A 34 3.55 8.52 3.64
N SER A 35 4.71 8.53 4.29
CA SER A 35 5.49 7.32 4.46
C SER A 35 4.70 6.29 5.30
N GLN A 36 3.98 6.80 6.31
CA GLN A 36 3.11 5.99 7.13
C GLN A 36 1.98 5.41 6.29
N GLU A 37 1.48 6.19 5.32
CA GLU A 37 0.45 5.70 4.42
C GLU A 37 0.96 4.54 3.61
N LEU A 38 2.13 4.71 2.99
CA LEU A 38 2.73 3.65 2.16
C LEU A 38 2.95 2.37 2.94
N ASP A 39 3.54 2.47 4.12
CA ASP A 39 3.80 1.30 4.96
C ASP A 39 2.50 0.57 5.31
N ARG A 40 1.50 1.32 5.71
CA ARG A 40 0.22 0.75 6.09
C ARG A 40 -0.49 0.12 4.90
N LEU A 41 -0.54 0.82 3.78
CA LEU A 41 -1.19 0.30 2.58
C LEU A 41 -0.48 -0.94 2.06
N LEU A 42 0.83 -0.93 2.08
CA LEU A 42 1.62 -2.08 1.68
C LEU A 42 1.27 -3.29 2.54
N ASN A 43 1.20 -3.06 3.84
CA ASN A 43 0.89 -4.11 4.79
C ASN A 43 -0.54 -4.56 4.72
N LEU A 44 -1.40 -3.77 4.09
CA LEU A 44 -2.80 -4.13 3.90
C LEU A 44 -2.94 -5.34 2.98
N LEU A 45 -2.04 -5.48 2.01
CA LEU A 45 -2.07 -6.65 1.13
C LEU A 45 -1.71 -7.90 1.91
N ILE A 46 -0.77 -7.73 2.83
CA ILE A 46 -0.30 -8.79 3.71
C ILE A 46 -1.41 -9.12 4.73
N GLU A 47 -2.08 -8.07 5.17
CA GLU A 47 -3.16 -8.11 6.17
C GLU A 47 -4.23 -9.13 5.79
N LEU A 48 -4.78 -9.00 4.60
CA LEU A 48 -5.89 -9.86 4.17
C LEU A 48 -5.50 -11.32 4.00
N LYS A 49 -4.34 -11.58 3.43
CA LYS A 49 -3.94 -12.95 3.18
C LYS A 49 -3.57 -13.67 4.48
N THR A 50 -2.95 -12.96 5.37
CA THR A 50 -2.45 -13.56 6.58
C THR A 50 -3.57 -13.81 7.62
N LYS A 51 -4.59 -12.96 7.63
CA LYS A 51 -5.64 -13.10 8.59
C LYS A 51 -6.56 -14.26 8.26
N LYS A 52 -6.76 -14.49 6.95
CA LYS A 52 -7.58 -15.63 6.35
C LYS A 52 -9.01 -15.75 6.91
N LYS A 53 -9.41 -14.79 7.70
CA LYS A 53 -10.71 -14.81 8.33
C LYS A 53 -11.76 -14.14 7.45
N ARG A 54 -11.34 -13.72 6.27
CA ARG A 54 -12.26 -13.19 5.31
C ARG A 54 -12.84 -14.29 4.49
N TYR A 55 -14.15 -14.17 4.28
CA TYR A 55 -15.04 -15.16 3.65
C TYR A 55 -14.41 -15.87 2.47
N SER A 56 -13.73 -15.13 1.62
CA SER A 56 -13.13 -15.62 0.39
C SER A 56 -12.24 -16.87 0.61
N LEU A 57 -11.56 -16.95 1.75
CA LEU A 57 -10.66 -18.06 2.01
C LEU A 57 -11.43 -19.24 2.59
N LEU A 58 -12.57 -18.98 3.18
CA LEU A 58 -13.39 -20.03 3.78
C LEU A 58 -14.30 -20.64 2.74
N GLU A 59 -14.46 -19.93 1.64
CA GLU A 59 -15.30 -20.36 0.53
C GLU A 59 -14.70 -21.54 -0.22
N HIS A 60 -13.45 -21.84 0.07
CA HIS A 60 -12.80 -23.00 -0.47
C HIS A 60 -12.99 -24.13 0.53
N HIS A 61 -14.01 -24.91 0.30
CA HIS A 61 -14.38 -25.96 1.21
C HIS A 61 -13.53 -27.19 1.02
N HIS A 62 -13.67 -28.11 1.96
CA HIS A 62 -12.97 -29.37 2.00
C HIS A 62 -11.53 -29.20 2.43
N HIS A 63 -10.92 -30.31 2.76
CA HIS A 63 -9.55 -30.34 3.22
C HIS A 63 -8.67 -30.81 2.09
N HIS A 64 -9.23 -30.75 0.94
CA HIS A 64 -8.59 -31.14 -0.27
C HIS A 64 -8.31 -29.88 -1.06
N MET A 1 -14.50 -6.75 -5.04
CA MET A 1 -13.66 -7.91 -4.78
C MET A 1 -12.23 -7.69 -5.31
N ASN A 2 -12.10 -7.09 -6.50
CA ASN A 2 -10.81 -6.89 -7.17
C ASN A 2 -9.78 -6.16 -6.30
N VAL A 3 -8.79 -6.91 -5.83
CA VAL A 3 -7.72 -6.39 -4.98
C VAL A 3 -6.71 -5.52 -5.75
N THR A 4 -6.75 -5.63 -7.06
CA THR A 4 -5.83 -4.93 -7.93
C THR A 4 -5.92 -3.38 -7.78
N LYS A 5 -7.09 -2.88 -7.37
CA LYS A 5 -7.30 -1.45 -7.14
C LYS A 5 -6.42 -0.95 -5.99
N LEU A 6 -6.27 -1.78 -4.97
CA LEU A 6 -5.49 -1.40 -3.81
C LEU A 6 -4.03 -1.35 -4.19
N ASN A 7 -3.60 -2.35 -4.96
CA ASN A 7 -2.23 -2.48 -5.45
C ASN A 7 -1.82 -1.23 -6.23
N ASP A 8 -2.76 -0.72 -7.04
CA ASP A 8 -2.55 0.45 -7.88
C ASP A 8 -2.47 1.72 -7.05
N ARG A 9 -3.35 1.84 -6.07
CA ARG A 9 -3.39 3.01 -5.20
C ARG A 9 -2.12 3.12 -4.36
N ILE A 10 -1.53 1.98 -4.05
CA ILE A 10 -0.25 1.92 -3.36
C ILE A 10 0.82 2.56 -4.24
N GLU A 11 0.90 2.08 -5.48
CA GLU A 11 1.89 2.58 -6.43
C GLU A 11 1.74 4.05 -6.68
N ALA A 12 0.52 4.50 -6.81
CA ALA A 12 0.24 5.92 -7.01
C ALA A 12 0.71 6.74 -5.79
N LYS A 13 0.54 6.17 -4.60
CA LYS A 13 0.89 6.84 -3.35
C LYS A 13 2.41 6.98 -3.24
N LYS A 14 3.12 5.91 -3.55
CA LYS A 14 4.58 5.93 -3.50
C LYS A 14 5.19 6.80 -4.59
N LYS A 15 4.55 6.86 -5.77
CA LYS A 15 5.03 7.75 -6.82
C LYS A 15 4.89 9.20 -6.39
N GLU A 16 3.77 9.50 -5.75
CA GLU A 16 3.51 10.81 -5.18
C GLU A 16 4.59 11.11 -4.13
N LEU A 17 4.84 10.13 -3.27
CA LEU A 17 5.82 10.24 -2.20
C LEU A 17 7.24 10.50 -2.75
N ILE A 18 7.61 9.81 -3.83
CA ILE A 18 8.92 10.00 -4.48
C ILE A 18 9.11 11.49 -4.83
N TYR A 19 8.08 12.05 -5.41
CA TYR A 19 8.07 13.44 -5.84
C TYR A 19 8.10 14.37 -4.61
N LEU A 20 7.38 13.98 -3.57
CA LEU A 20 7.31 14.75 -2.33
C LEU A 20 8.66 14.78 -1.62
N VAL A 21 9.42 13.70 -1.71
CA VAL A 21 10.77 13.67 -1.14
C VAL A 21 11.68 14.63 -1.91
N GLU A 22 11.43 14.77 -3.18
CA GLU A 22 12.17 15.73 -3.99
C GLU A 22 11.81 17.18 -3.61
N LYS A 23 10.55 17.42 -3.29
CA LYS A 23 10.11 18.77 -2.97
C LYS A 23 10.39 19.16 -1.53
N TYR A 24 10.04 18.30 -0.60
CA TYR A 24 10.26 18.58 0.81
C TYR A 24 11.61 18.07 1.25
N GLY A 25 11.90 16.87 0.88
CA GLY A 25 13.13 16.26 1.27
C GLY A 25 12.97 15.36 2.45
N PHE A 26 13.74 15.64 3.46
CA PHE A 26 13.73 14.88 4.67
C PHE A 26 13.33 15.80 5.81
N THR A 27 13.30 15.27 7.03
CA THR A 27 12.92 15.97 8.27
C THR A 27 11.50 16.57 8.23
N HIS A 28 10.72 16.19 7.26
CA HIS A 28 9.39 16.72 7.10
C HIS A 28 8.37 15.76 7.59
N HIS A 29 7.65 16.17 8.60
CA HIS A 29 6.59 15.34 9.19
C HIS A 29 5.51 15.01 8.18
N LYS A 30 5.35 15.88 7.18
CA LYS A 30 4.42 15.60 6.10
C LYS A 30 4.85 14.33 5.37
N VAL A 31 6.12 14.26 5.01
CA VAL A 31 6.67 13.11 4.29
C VAL A 31 6.63 11.87 5.17
N ILE A 32 6.90 12.06 6.45
CA ILE A 32 6.87 10.99 7.43
C ILE A 32 5.44 10.39 7.51
N SER A 33 4.43 11.24 7.55
CA SER A 33 3.06 10.76 7.59
C SER A 33 2.63 10.12 6.27
N PHE A 34 3.10 10.67 5.14
CA PHE A 34 2.80 10.07 3.83
C PHE A 34 3.43 8.68 3.74
N SER A 35 4.62 8.54 4.31
CA SER A 35 5.31 7.28 4.35
C SER A 35 4.52 6.27 5.18
N GLN A 36 3.98 6.72 6.30
CA GLN A 36 3.18 5.88 7.17
C GLN A 36 1.90 5.42 6.48
N GLU A 37 1.38 6.27 5.61
CA GLU A 37 0.22 5.92 4.81
C GLU A 37 0.60 4.86 3.79
N LEU A 38 1.67 5.11 3.06
CA LEU A 38 2.16 4.22 2.03
C LEU A 38 2.50 2.85 2.62
N ASP A 39 3.24 2.85 3.71
CA ASP A 39 3.66 1.63 4.37
C ASP A 39 2.47 0.81 4.81
N ARG A 40 1.45 1.49 5.34
CA ARG A 40 0.24 0.82 5.77
C ARG A 40 -0.55 0.30 4.56
N LEU A 41 -0.59 1.06 3.47
CA LEU A 41 -1.27 0.61 2.25
C LEU A 41 -0.62 -0.66 1.71
N LEU A 42 0.71 -0.67 1.71
CA LEU A 42 1.47 -1.85 1.29
C LEU A 42 1.20 -3.00 2.25
N ASN A 43 1.14 -2.67 3.51
CA ASN A 43 0.91 -3.61 4.58
C ASN A 43 -0.49 -4.23 4.49
N LEU A 44 -1.43 -3.49 3.90
CA LEU A 44 -2.80 -3.98 3.71
C LEU A 44 -2.82 -5.25 2.87
N LEU A 45 -1.93 -5.31 1.87
CA LEU A 45 -1.82 -6.50 1.02
C LEU A 45 -1.39 -7.67 1.87
N ILE A 46 -0.32 -7.46 2.62
CA ILE A 46 0.27 -8.46 3.49
C ILE A 46 -0.75 -8.93 4.51
N GLU A 47 -1.40 -7.99 5.16
CA GLU A 47 -2.42 -8.26 6.16
C GLU A 47 -3.55 -9.11 5.56
N LEU A 48 -4.03 -8.70 4.40
CA LEU A 48 -5.15 -9.36 3.74
C LEU A 48 -4.75 -10.78 3.33
N LYS A 49 -3.57 -10.93 2.76
CA LYS A 49 -3.07 -12.22 2.30
C LYS A 49 -2.75 -13.16 3.47
N THR A 50 -2.41 -12.59 4.61
CA THR A 50 -2.17 -13.38 5.79
C THR A 50 -3.51 -13.88 6.34
N LYS A 51 -4.50 -12.97 6.44
CA LYS A 51 -5.80 -13.29 6.92
C LYS A 51 -6.48 -14.27 6.00
N LYS A 52 -6.67 -13.85 4.71
CA LYS A 52 -7.31 -14.65 3.60
C LYS A 52 -8.50 -15.46 4.08
N LYS A 53 -9.18 -14.93 5.04
CA LYS A 53 -10.25 -15.59 5.69
C LYS A 53 -11.57 -15.20 5.08
N ARG A 54 -11.47 -14.43 4.03
CA ARG A 54 -12.56 -14.13 3.19
C ARG A 54 -12.57 -15.28 2.23
N TYR A 55 -13.70 -15.88 2.02
CA TYR A 55 -13.73 -17.14 1.29
C TYR A 55 -13.66 -16.99 -0.21
N SER A 56 -13.35 -15.80 -0.62
CA SER A 56 -13.10 -15.48 -1.99
C SER A 56 -11.90 -16.28 -2.50
N LEU A 57 -10.90 -16.46 -1.64
CA LEU A 57 -9.69 -17.21 -1.96
C LEU A 57 -9.98 -18.70 -2.11
N LEU A 58 -11.12 -19.13 -1.62
CA LEU A 58 -11.48 -20.53 -1.73
C LEU A 58 -12.37 -20.76 -2.94
N GLU A 59 -13.39 -19.91 -3.09
CA GLU A 59 -14.33 -20.03 -4.21
C GLU A 59 -13.61 -19.78 -5.52
N HIS A 60 -12.68 -18.91 -5.46
CA HIS A 60 -11.91 -18.50 -6.61
C HIS A 60 -10.45 -18.80 -6.35
N HIS A 61 -10.22 -20.00 -5.81
CA HIS A 61 -8.86 -20.48 -5.50
C HIS A 61 -7.94 -20.36 -6.70
N HIS A 62 -6.80 -19.76 -6.49
CA HIS A 62 -5.90 -19.48 -7.55
C HIS A 62 -4.96 -20.64 -7.75
N HIS A 63 -5.49 -21.69 -8.30
CA HIS A 63 -4.74 -22.89 -8.57
C HIS A 63 -4.98 -23.25 -10.02
N HIS A 64 -4.39 -22.48 -10.88
CA HIS A 64 -4.57 -22.60 -12.30
C HIS A 64 -3.34 -23.24 -12.88
N MET A 1 -12.99 -6.21 -6.12
CA MET A 1 -12.31 -7.40 -6.65
C MET A 1 -10.85 -7.12 -6.79
N ASN A 2 -10.03 -8.15 -6.63
CA ASN A 2 -8.58 -8.16 -6.92
C ASN A 2 -7.76 -7.09 -6.17
N VAL A 3 -6.92 -7.56 -5.27
CA VAL A 3 -6.06 -6.70 -4.44
C VAL A 3 -5.04 -5.91 -5.26
N THR A 4 -4.83 -6.30 -6.49
CA THR A 4 -3.91 -5.62 -7.39
C THR A 4 -4.30 -4.14 -7.59
N LYS A 5 -5.60 -3.82 -7.50
CA LYS A 5 -6.04 -2.43 -7.67
C LYS A 5 -5.54 -1.55 -6.52
N LEU A 6 -5.36 -2.16 -5.37
CA LEU A 6 -4.85 -1.44 -4.23
C LEU A 6 -3.35 -1.23 -4.41
N ASN A 7 -2.73 -2.17 -5.10
CA ASN A 7 -1.30 -2.08 -5.42
C ASN A 7 -1.06 -0.98 -6.42
N ASP A 8 -2.03 -0.77 -7.30
CA ASP A 8 -2.01 0.34 -8.25
C ASP A 8 -1.90 1.64 -7.48
N ARG A 9 -2.70 1.73 -6.40
CA ARG A 9 -2.64 2.88 -5.51
C ARG A 9 -1.30 2.95 -4.79
N ILE A 10 -0.80 1.81 -4.33
CA ILE A 10 0.49 1.76 -3.63
C ILE A 10 1.59 2.37 -4.49
N GLU A 11 1.71 1.87 -5.71
CA GLU A 11 2.69 2.39 -6.68
C GLU A 11 2.49 3.89 -6.89
N ALA A 12 1.24 4.29 -7.03
CA ALA A 12 0.89 5.67 -7.25
C ALA A 12 1.28 6.55 -6.06
N LYS A 13 1.09 6.01 -4.86
CA LYS A 13 1.37 6.76 -3.64
C LYS A 13 2.88 6.85 -3.40
N LYS A 14 3.59 5.84 -3.85
CA LYS A 14 5.05 5.84 -3.80
C LYS A 14 5.60 6.90 -4.73
N LYS A 15 5.05 6.95 -5.94
CA LYS A 15 5.45 7.97 -6.92
C LYS A 15 5.07 9.36 -6.41
N GLU A 16 3.94 9.43 -5.74
CA GLU A 16 3.46 10.65 -5.10
C GLU A 16 4.44 11.05 -4.01
N LEU A 17 4.83 10.08 -3.19
CA LEU A 17 5.73 10.27 -2.07
C LEU A 17 7.07 10.82 -2.58
N ILE A 18 7.59 10.22 -3.66
CA ILE A 18 8.85 10.69 -4.28
C ILE A 18 8.72 12.16 -4.68
N TYR A 19 7.62 12.48 -5.34
CA TYR A 19 7.31 13.85 -5.74
C TYR A 19 7.24 14.76 -4.51
N LEU A 20 6.59 14.28 -3.48
CA LEU A 20 6.45 15.00 -2.22
C LEU A 20 7.80 15.26 -1.57
N VAL A 21 8.69 14.29 -1.61
CA VAL A 21 10.04 14.48 -1.07
C VAL A 21 10.77 15.57 -1.87
N GLU A 22 10.58 15.55 -3.17
CA GLU A 22 11.16 16.57 -4.06
C GLU A 22 10.64 17.97 -3.72
N LYS A 23 9.38 18.05 -3.31
CA LYS A 23 8.77 19.34 -2.99
C LYS A 23 9.14 19.78 -1.59
N TYR A 24 8.99 18.89 -0.65
CA TYR A 24 9.19 19.20 0.76
C TYR A 24 10.66 19.29 1.15
N GLY A 25 11.46 18.36 0.69
CA GLY A 25 12.86 18.42 0.99
C GLY A 25 13.39 17.11 1.53
N PHE A 26 13.50 17.03 2.83
CA PHE A 26 14.05 15.86 3.45
C PHE A 26 13.04 15.17 4.34
N THR A 27 13.49 14.17 5.05
CA THR A 27 12.61 13.30 5.78
C THR A 27 12.15 13.91 7.11
N HIS A 28 11.35 14.93 7.00
CA HIS A 28 10.72 15.55 8.15
C HIS A 28 9.35 14.90 8.39
N HIS A 29 8.59 15.40 9.36
CA HIS A 29 7.31 14.80 9.78
C HIS A 29 6.33 14.57 8.61
N LYS A 30 6.25 15.53 7.69
CA LYS A 30 5.38 15.38 6.51
C LYS A 30 5.74 14.11 5.75
N VAL A 31 7.01 13.96 5.44
CA VAL A 31 7.51 12.82 4.68
C VAL A 31 7.32 11.51 5.47
N ILE A 32 7.50 11.57 6.79
CA ILE A 32 7.29 10.42 7.67
C ILE A 32 5.86 9.93 7.52
N SER A 33 4.96 10.87 7.64
CA SER A 33 3.53 10.63 7.52
C SER A 33 3.17 10.01 6.14
N PHE A 34 3.79 10.50 5.06
CA PHE A 34 3.51 9.97 3.72
C PHE A 34 4.05 8.54 3.60
N SER A 35 5.14 8.28 4.28
CA SER A 35 5.76 6.98 4.28
C SER A 35 4.91 5.97 5.06
N GLN A 36 4.38 6.41 6.20
CA GLN A 36 3.51 5.56 7.02
C GLN A 36 2.21 5.27 6.31
N GLU A 37 1.75 6.21 5.49
CA GLU A 37 0.57 6.03 4.67
C GLU A 37 0.78 4.85 3.72
N LEU A 38 1.99 4.75 3.22
CA LEU A 38 2.34 3.72 2.27
C LEU A 38 2.37 2.36 2.98
N ASP A 39 2.96 2.31 4.17
CA ASP A 39 2.99 1.07 4.96
C ASP A 39 1.59 0.64 5.32
N ARG A 40 0.73 1.61 5.57
CA ARG A 40 -0.68 1.40 5.87
C ARG A 40 -1.37 0.70 4.70
N LEU A 41 -1.03 1.11 3.49
CA LEU A 41 -1.60 0.51 2.29
C LEU A 41 -1.16 -0.94 2.16
N LEU A 42 0.06 -1.21 2.58
CA LEU A 42 0.58 -2.56 2.60
C LEU A 42 -0.22 -3.38 3.63
N ASN A 43 -0.50 -2.76 4.77
CA ASN A 43 -1.31 -3.36 5.84
C ASN A 43 -2.71 -3.67 5.33
N LEU A 44 -3.19 -2.88 4.39
CA LEU A 44 -4.50 -3.07 3.79
C LEU A 44 -4.53 -4.35 2.93
N LEU A 45 -3.41 -4.71 2.33
CA LEU A 45 -3.29 -5.97 1.58
C LEU A 45 -3.31 -7.14 2.56
N ILE A 46 -2.69 -6.90 3.70
CA ILE A 46 -2.60 -7.88 4.77
C ILE A 46 -3.99 -8.09 5.41
N GLU A 47 -4.83 -7.07 5.33
CA GLU A 47 -6.21 -7.10 5.84
C GLU A 47 -6.99 -8.30 5.25
N LEU A 48 -6.73 -8.62 4.00
CA LEU A 48 -7.38 -9.77 3.40
C LEU A 48 -6.71 -11.05 3.88
N LYS A 49 -5.39 -11.04 3.83
CA LYS A 49 -4.59 -12.20 4.16
C LYS A 49 -4.68 -12.63 5.64
N THR A 50 -4.98 -11.70 6.53
CA THR A 50 -5.14 -12.03 7.92
C THR A 50 -6.44 -12.85 8.13
N LYS A 51 -7.41 -12.63 7.23
CA LYS A 51 -8.68 -13.32 7.29
C LYS A 51 -8.55 -14.62 6.51
N LYS A 52 -7.63 -14.60 5.52
CA LYS A 52 -7.21 -15.72 4.63
C LYS A 52 -8.32 -16.23 3.69
N LYS A 53 -9.49 -16.30 4.20
CA LYS A 53 -10.65 -16.74 3.46
C LYS A 53 -11.07 -15.73 2.37
N ARG A 54 -10.78 -14.47 2.61
CA ARG A 54 -11.22 -13.42 1.72
C ARG A 54 -10.16 -13.09 0.72
N TYR A 55 -10.32 -13.67 -0.46
CA TYR A 55 -9.45 -13.48 -1.61
C TYR A 55 -7.96 -13.52 -1.24
N SER A 56 -7.59 -14.61 -0.61
CA SER A 56 -6.21 -14.84 -0.25
C SER A 56 -5.87 -16.32 -0.40
N LEU A 57 -6.81 -17.16 0.01
CA LEU A 57 -6.67 -18.59 -0.15
C LEU A 57 -7.61 -19.11 -1.20
N LEU A 58 -8.06 -18.24 -2.06
CA LEU A 58 -8.89 -18.65 -3.18
C LEU A 58 -7.92 -18.92 -4.31
N GLU A 59 -6.88 -18.13 -4.29
CA GLU A 59 -5.75 -18.24 -5.11
C GLU A 59 -4.58 -18.56 -4.18
N HIS A 60 -3.36 -18.37 -4.64
CA HIS A 60 -2.16 -18.65 -3.88
C HIS A 60 -2.09 -20.14 -3.47
N HIS A 61 -1.12 -20.48 -2.63
CA HIS A 61 -0.91 -21.85 -2.15
C HIS A 61 -0.60 -22.77 -3.35
N HIS A 62 0.59 -22.60 -3.89
CA HIS A 62 1.12 -23.38 -5.03
C HIS A 62 0.35 -23.12 -6.33
N HIS A 63 -0.50 -22.13 -6.33
CA HIS A 63 -1.31 -21.83 -7.49
C HIS A 63 -1.73 -20.36 -7.50
N HIS A 64 -1.01 -19.59 -8.21
CA HIS A 64 -1.29 -18.20 -8.38
C HIS A 64 -1.09 -17.88 -9.84
N MET A 1 -10.94 -3.15 0.11
CA MET A 1 -11.45 -4.42 -0.42
C MET A 1 -10.81 -4.77 -1.74
N ASN A 2 -10.86 -3.85 -2.71
CA ASN A 2 -10.30 -4.12 -4.04
C ASN A 2 -8.80 -4.12 -4.00
N VAL A 3 -8.24 -5.29 -3.85
CA VAL A 3 -6.81 -5.48 -3.73
C VAL A 3 -6.05 -4.98 -4.95
N THR A 4 -6.65 -5.10 -6.14
CA THR A 4 -5.99 -4.66 -7.34
C THR A 4 -5.85 -3.12 -7.34
N LYS A 5 -6.88 -2.42 -6.89
CA LYS A 5 -6.85 -0.99 -6.80
C LYS A 5 -6.07 -0.51 -5.60
N LEU A 6 -6.03 -1.33 -4.57
CA LEU A 6 -5.25 -1.04 -3.39
C LEU A 6 -3.78 -1.01 -3.75
N ASN A 7 -3.33 -2.04 -4.45
CA ASN A 7 -1.94 -2.13 -4.91
C ASN A 7 -1.64 -0.97 -5.86
N ASP A 8 -2.61 -0.68 -6.70
CA ASP A 8 -2.53 0.43 -7.65
C ASP A 8 -2.37 1.78 -6.95
N ARG A 9 -3.18 2.01 -5.91
CA ARG A 9 -3.11 3.27 -5.18
C ARG A 9 -1.81 3.37 -4.38
N ILE A 10 -1.25 2.23 -4.01
CA ILE A 10 0.04 2.16 -3.33
C ILE A 10 1.14 2.67 -4.25
N GLU A 11 1.07 2.29 -5.51
CA GLU A 11 2.03 2.74 -6.51
C GLU A 11 1.92 4.26 -6.66
N ALA A 12 0.70 4.74 -6.60
CA ALA A 12 0.41 6.15 -6.69
C ALA A 12 0.95 6.92 -5.48
N LYS A 13 1.06 6.23 -4.34
CA LYS A 13 1.58 6.83 -3.11
C LYS A 13 3.06 7.03 -3.26
N LYS A 14 3.70 6.07 -3.89
CA LYS A 14 5.12 6.13 -4.15
C LYS A 14 5.46 7.34 -4.99
N LYS A 15 4.65 7.58 -6.01
CA LYS A 15 4.86 8.72 -6.93
C LYS A 15 4.67 10.05 -6.21
N GLU A 16 3.85 10.01 -5.20
CA GLU A 16 3.52 11.15 -4.39
C GLU A 16 4.74 11.46 -3.54
N LEU A 17 5.24 10.42 -2.91
CA LEU A 17 6.43 10.49 -2.10
C LEU A 17 7.65 10.95 -2.89
N ILE A 18 7.86 10.37 -4.08
CA ILE A 18 9.00 10.74 -4.94
C ILE A 18 9.04 12.26 -5.17
N TYR A 19 7.87 12.83 -5.46
CA TYR A 19 7.75 14.27 -5.66
C TYR A 19 8.09 15.03 -4.37
N LEU A 20 7.55 14.56 -3.28
CA LEU A 20 7.73 15.22 -2.00
C LEU A 20 9.17 15.17 -1.51
N VAL A 21 9.84 14.05 -1.73
CA VAL A 21 11.24 13.91 -1.31
C VAL A 21 12.13 14.89 -2.10
N GLU A 22 11.81 15.11 -3.35
CA GLU A 22 12.55 16.07 -4.15
C GLU A 22 12.31 17.51 -3.66
N LYS A 23 11.06 17.82 -3.33
CA LYS A 23 10.69 19.18 -2.95
C LYS A 23 10.98 19.51 -1.48
N TYR A 24 10.60 18.63 -0.59
CA TYR A 24 10.74 18.89 0.85
C TYR A 24 11.90 18.11 1.41
N GLY A 25 12.03 16.90 0.95
CA GLY A 25 13.04 16.03 1.46
C GLY A 25 12.41 14.85 2.15
N PHE A 26 13.17 14.19 2.98
CA PHE A 26 12.67 13.03 3.70
C PHE A 26 12.40 13.40 5.15
N THR A 27 12.74 14.61 5.51
CA THR A 27 12.54 15.09 6.82
C THR A 27 11.50 16.20 6.79
N HIS A 28 10.26 15.81 6.76
CA HIS A 28 9.14 16.72 6.83
C HIS A 28 7.97 15.90 7.32
N HIS A 29 7.11 16.44 8.17
CA HIS A 29 6.04 15.62 8.73
C HIS A 29 5.07 15.11 7.66
N LYS A 30 4.84 15.93 6.62
CA LYS A 30 4.04 15.51 5.46
C LYS A 30 4.52 14.16 4.92
N VAL A 31 5.79 14.11 4.52
CA VAL A 31 6.35 12.91 3.90
C VAL A 31 6.31 11.72 4.84
N ILE A 32 6.53 11.96 6.11
CA ILE A 32 6.49 10.90 7.11
C ILE A 32 5.06 10.37 7.26
N SER A 33 4.10 11.27 7.20
CA SER A 33 2.70 10.91 7.30
C SER A 33 2.26 10.05 6.10
N PHE A 34 2.64 10.47 4.89
CA PHE A 34 2.29 9.71 3.70
C PHE A 34 3.03 8.37 3.65
N SER A 35 4.26 8.35 4.17
CA SER A 35 5.04 7.12 4.25
C SER A 35 4.36 6.11 5.17
N GLN A 36 3.75 6.60 6.25
CA GLN A 36 3.01 5.76 7.16
C GLN A 36 1.81 5.13 6.48
N GLU A 37 1.20 5.87 5.55
CA GLU A 37 0.09 5.35 4.78
C GLU A 37 0.59 4.28 3.83
N LEU A 38 1.71 4.56 3.17
CA LEU A 38 2.35 3.62 2.24
C LEU A 38 2.63 2.30 2.97
N ASP A 39 3.21 2.44 4.15
CA ASP A 39 3.54 1.33 5.05
C ASP A 39 2.28 0.52 5.40
N ARG A 40 1.25 1.24 5.80
CA ARG A 40 -0.02 0.67 6.24
C ARG A 40 -0.70 -0.07 5.09
N LEU A 41 -0.75 0.57 3.94
CA LEU A 41 -1.40 0.01 2.75
C LEU A 41 -0.66 -1.21 2.23
N LEU A 42 0.66 -1.17 2.31
CA LEU A 42 1.49 -2.33 1.91
C LEU A 42 1.13 -3.52 2.79
N ASN A 43 1.01 -3.25 4.07
CA ASN A 43 0.67 -4.25 5.06
C ASN A 43 -0.72 -4.83 4.77
N LEU A 44 -1.63 -3.97 4.30
CA LEU A 44 -2.98 -4.38 3.93
C LEU A 44 -2.94 -5.45 2.84
N LEU A 45 -2.07 -5.27 1.85
CA LEU A 45 -1.93 -6.28 0.77
C LEU A 45 -1.51 -7.62 1.35
N ILE A 46 -0.58 -7.56 2.28
CA ILE A 46 -0.06 -8.75 2.94
C ILE A 46 -1.20 -9.48 3.65
N GLU A 47 -1.96 -8.76 4.44
CA GLU A 47 -3.07 -9.32 5.19
C GLU A 47 -4.16 -9.88 4.28
N LEU A 48 -4.60 -9.07 3.33
CA LEU A 48 -5.68 -9.48 2.42
C LEU A 48 -5.31 -10.69 1.57
N LYS A 49 -4.08 -10.73 1.08
CA LYS A 49 -3.65 -11.83 0.23
C LYS A 49 -3.56 -13.13 1.04
N THR A 50 -3.32 -13.00 2.33
CA THR A 50 -3.22 -14.15 3.23
C THR A 50 -4.58 -14.89 3.37
N LYS A 51 -5.68 -14.19 3.08
CA LYS A 51 -6.99 -14.82 3.14
C LYS A 51 -7.08 -15.89 2.06
N LYS A 52 -6.43 -15.61 0.90
CA LYS A 52 -6.34 -16.49 -0.30
C LYS A 52 -7.64 -17.25 -0.58
N LYS A 53 -8.71 -16.56 -0.46
CA LYS A 53 -9.99 -17.12 -0.73
C LYS A 53 -10.73 -16.31 -1.80
N ARG A 54 -11.35 -15.18 -1.41
CA ARG A 54 -12.09 -14.32 -2.32
C ARG A 54 -13.04 -15.20 -3.15
N TYR A 55 -13.28 -14.83 -4.39
CA TYR A 55 -14.01 -15.70 -5.26
C TYR A 55 -13.09 -16.19 -6.35
N SER A 56 -11.89 -15.66 -6.36
CA SER A 56 -10.90 -15.96 -7.35
C SER A 56 -10.25 -17.34 -7.12
N LEU A 57 -10.17 -17.75 -5.86
CA LEU A 57 -9.64 -19.07 -5.54
C LEU A 57 -10.75 -20.10 -5.66
N LEU A 58 -11.98 -19.66 -5.53
CA LEU A 58 -13.13 -20.54 -5.64
C LEU A 58 -13.43 -20.78 -7.11
N GLU A 59 -13.58 -19.71 -7.83
CA GLU A 59 -13.83 -19.76 -9.24
C GLU A 59 -12.52 -19.56 -9.95
N HIS A 60 -11.85 -20.65 -10.21
CA HIS A 60 -10.57 -20.60 -10.86
C HIS A 60 -10.71 -20.26 -12.34
N HIS A 61 -9.91 -19.30 -12.75
CA HIS A 61 -9.93 -18.75 -14.10
C HIS A 61 -9.65 -19.83 -15.11
N HIS A 62 -8.51 -20.47 -14.96
CA HIS A 62 -8.19 -21.56 -15.82
C HIS A 62 -8.78 -22.85 -15.24
N HIS A 63 -9.74 -23.38 -15.93
CA HIS A 63 -10.41 -24.57 -15.49
C HIS A 63 -10.49 -25.58 -16.62
N HIS A 64 -9.87 -26.69 -16.41
CA HIS A 64 -9.88 -27.77 -17.36
C HIS A 64 -9.72 -29.06 -16.59
N MET A 1 -11.07 -9.85 -4.98
CA MET A 1 -9.63 -9.75 -4.80
C MET A 1 -9.06 -8.91 -5.92
N ASN A 2 -8.37 -7.84 -5.57
CA ASN A 2 -7.69 -7.00 -6.52
C ASN A 2 -6.44 -6.40 -5.92
N VAL A 3 -5.47 -7.27 -5.68
CA VAL A 3 -4.20 -6.86 -5.10
C VAL A 3 -3.44 -5.98 -6.07
N THR A 4 -3.78 -6.11 -7.34
CA THR A 4 -3.14 -5.32 -8.36
C THR A 4 -3.57 -3.85 -8.22
N LYS A 5 -4.83 -3.64 -7.89
CA LYS A 5 -5.36 -2.29 -7.74
C LYS A 5 -4.98 -1.73 -6.40
N LEU A 6 -4.83 -2.59 -5.43
CA LEU A 6 -4.38 -2.17 -4.13
C LEU A 6 -2.92 -1.74 -4.22
N ASN A 7 -2.14 -2.51 -4.97
CA ASN A 7 -0.74 -2.18 -5.24
C ASN A 7 -0.66 -0.86 -6.01
N ASP A 8 -1.58 -0.68 -6.92
CA ASP A 8 -1.72 0.55 -7.71
C ASP A 8 -1.99 1.76 -6.80
N ARG A 9 -2.77 1.55 -5.75
CA ARG A 9 -3.04 2.61 -4.76
C ARG A 9 -1.76 2.94 -4.00
N ILE A 10 -1.03 1.91 -3.62
CA ILE A 10 0.25 2.07 -2.92
C ILE A 10 1.20 2.84 -3.81
N GLU A 11 1.23 2.48 -5.08
CA GLU A 11 2.06 3.11 -6.05
C GLU A 11 1.76 4.59 -6.15
N ALA A 12 0.48 4.92 -6.20
CA ALA A 12 0.02 6.29 -6.30
C ALA A 12 0.55 7.15 -5.14
N LYS A 13 0.64 6.55 -3.96
CA LYS A 13 1.16 7.25 -2.79
C LYS A 13 2.66 7.39 -2.88
N LYS A 14 3.32 6.34 -3.28
CA LYS A 14 4.77 6.34 -3.32
C LYS A 14 5.32 7.20 -4.48
N LYS A 15 4.56 7.32 -5.56
CA LYS A 15 4.91 8.19 -6.68
C LYS A 15 4.80 9.65 -6.25
N GLU A 16 3.82 9.90 -5.39
CA GLU A 16 3.55 11.23 -4.91
C GLU A 16 4.66 11.58 -3.95
N LEU A 17 5.06 10.57 -3.18
CA LEU A 17 6.18 10.65 -2.28
C LEU A 17 7.44 11.08 -3.00
N ILE A 18 7.69 10.52 -4.17
CA ILE A 18 8.86 10.90 -4.97
C ILE A 18 8.85 12.41 -5.23
N TYR A 19 7.66 12.94 -5.51
CA TYR A 19 7.48 14.38 -5.69
C TYR A 19 7.67 15.12 -4.37
N LEU A 20 7.05 14.62 -3.34
CA LEU A 20 7.09 15.23 -2.00
C LEU A 20 8.51 15.27 -1.44
N VAL A 21 9.28 14.23 -1.68
CA VAL A 21 10.68 14.18 -1.27
C VAL A 21 11.49 15.27 -2.02
N GLU A 22 11.16 15.50 -3.27
CA GLU A 22 11.80 16.56 -4.03
C GLU A 22 11.41 17.94 -3.50
N LYS A 23 10.15 18.06 -3.14
CA LYS A 23 9.57 19.29 -2.72
C LYS A 23 9.95 19.67 -1.28
N TYR A 24 9.87 18.71 -0.37
CA TYR A 24 10.10 19.01 1.05
C TYR A 24 11.43 18.49 1.57
N GLY A 25 12.02 17.59 0.84
CA GLY A 25 13.29 17.05 1.25
C GLY A 25 13.18 15.65 1.79
N PHE A 26 14.30 15.09 2.13
CA PHE A 26 14.38 13.77 2.67
C PHE A 26 14.25 13.86 4.18
N THR A 27 13.41 13.01 4.75
CA THR A 27 13.15 12.98 6.17
C THR A 27 12.44 14.27 6.60
N HIS A 28 11.17 14.31 6.32
CA HIS A 28 10.35 15.44 6.62
C HIS A 28 9.05 14.86 7.12
N HIS A 29 8.49 15.40 8.19
CA HIS A 29 7.28 14.80 8.81
C HIS A 29 6.08 14.75 7.89
N LYS A 30 6.01 15.68 6.94
CA LYS A 30 4.98 15.66 5.91
C LYS A 30 5.08 14.34 5.16
N VAL A 31 6.29 14.08 4.67
CA VAL A 31 6.62 12.91 3.89
C VAL A 31 6.42 11.64 4.72
N ILE A 32 6.87 11.69 5.98
CA ILE A 32 6.75 10.57 6.91
C ILE A 32 5.28 10.19 7.12
N SER A 33 4.42 11.18 7.26
CA SER A 33 3.00 10.96 7.45
C SER A 33 2.38 10.22 6.24
N PHE A 34 2.81 10.58 5.04
CA PHE A 34 2.34 9.88 3.84
C PHE A 34 2.95 8.49 3.78
N SER A 35 4.16 8.34 4.32
CA SER A 35 4.82 7.05 4.37
C SER A 35 4.04 6.11 5.32
N GLN A 36 3.49 6.69 6.39
CA GLN A 36 2.66 5.95 7.33
C GLN A 36 1.34 5.54 6.68
N GLU A 37 0.90 6.33 5.73
CA GLU A 37 -0.31 6.04 4.99
C GLU A 37 -0.02 4.93 3.99
N LEU A 38 1.11 5.04 3.31
CA LEU A 38 1.59 4.02 2.38
C LEU A 38 1.73 2.71 3.13
N ASP A 39 2.34 2.79 4.30
CA ASP A 39 2.57 1.63 5.17
C ASP A 39 1.25 0.94 5.50
N ARG A 40 0.20 1.73 5.72
CA ARG A 40 -1.14 1.20 5.97
C ARG A 40 -1.64 0.41 4.76
N LEU A 41 -1.54 0.99 3.58
CA LEU A 41 -1.98 0.33 2.34
C LEU A 41 -1.14 -0.88 2.02
N LEU A 42 0.12 -0.79 2.37
CA LEU A 42 1.05 -1.89 2.19
C LEU A 42 0.63 -3.04 3.10
N ASN A 43 0.24 -2.72 4.32
CA ASN A 43 -0.22 -3.71 5.29
C ASN A 43 -1.48 -4.38 4.82
N LEU A 44 -2.26 -3.67 4.01
CA LEU A 44 -3.51 -4.21 3.48
C LEU A 44 -3.25 -5.43 2.61
N LEU A 45 -2.10 -5.45 1.93
CA LEU A 45 -1.70 -6.61 1.13
C LEU A 45 -1.47 -7.80 2.07
N ILE A 46 -0.87 -7.50 3.20
CA ILE A 46 -0.57 -8.50 4.21
C ILE A 46 -1.86 -8.92 4.92
N GLU A 47 -2.74 -7.97 5.22
CA GLU A 47 -4.02 -8.29 5.84
C GLU A 47 -4.90 -9.14 4.93
N LEU A 48 -4.84 -8.90 3.63
CA LEU A 48 -5.58 -9.71 2.69
C LEU A 48 -5.00 -11.13 2.63
N LYS A 49 -3.69 -11.20 2.73
CA LYS A 49 -2.97 -12.47 2.80
C LYS A 49 -3.36 -13.21 4.09
N THR A 50 -3.56 -12.44 5.13
CA THR A 50 -3.94 -12.97 6.41
C THR A 50 -5.43 -13.43 6.42
N LYS A 51 -6.24 -12.84 5.53
CA LYS A 51 -7.65 -13.24 5.38
C LYS A 51 -7.72 -14.65 4.83
N LYS A 52 -6.68 -15.01 4.03
CA LYS A 52 -6.48 -16.34 3.37
C LYS A 52 -7.68 -16.81 2.55
N LYS A 53 -8.59 -15.91 2.28
CA LYS A 53 -9.79 -16.22 1.53
C LYS A 53 -9.56 -16.05 0.04
N ARG A 54 -8.32 -16.05 -0.34
CA ARG A 54 -7.98 -16.00 -1.71
C ARG A 54 -8.00 -17.40 -2.24
N TYR A 55 -8.66 -17.60 -3.33
CA TYR A 55 -8.84 -18.92 -3.86
C TYR A 55 -7.59 -19.37 -4.61
N SER A 56 -6.57 -18.55 -4.57
CA SER A 56 -5.29 -18.87 -5.10
C SER A 56 -4.58 -19.84 -4.13
N LEU A 57 -4.96 -19.77 -2.86
CA LEU A 57 -4.40 -20.63 -1.83
C LEU A 57 -5.18 -21.95 -1.81
N LEU A 58 -6.46 -21.85 -2.04
CA LEU A 58 -7.36 -23.00 -2.01
C LEU A 58 -7.26 -23.79 -3.32
N GLU A 59 -7.16 -23.09 -4.41
CA GLU A 59 -7.05 -23.74 -5.70
C GLU A 59 -5.62 -23.67 -6.19
N HIS A 60 -5.35 -22.74 -7.06
CA HIS A 60 -4.03 -22.51 -7.62
C HIS A 60 -3.85 -21.03 -7.84
N HIS A 61 -2.62 -20.59 -7.74
CA HIS A 61 -2.28 -19.21 -8.00
C HIS A 61 -1.60 -19.13 -9.34
N HIS A 62 -0.84 -20.13 -9.65
CA HIS A 62 -0.10 -20.15 -10.88
C HIS A 62 -0.73 -21.16 -11.80
N HIS A 63 -0.88 -20.80 -13.04
CA HIS A 63 -1.56 -21.66 -13.99
C HIS A 63 -0.76 -21.74 -15.27
N HIS A 64 -0.50 -22.93 -15.70
CA HIS A 64 0.17 -23.16 -16.93
C HIS A 64 -0.86 -23.48 -17.97
N MET A 1 -14.82 -4.73 -4.69
CA MET A 1 -14.60 -6.08 -5.21
C MET A 1 -13.15 -6.27 -5.61
N ASN A 2 -12.63 -5.32 -6.38
CA ASN A 2 -11.28 -5.39 -6.90
C ASN A 2 -10.24 -5.04 -5.84
N VAL A 3 -9.37 -5.98 -5.54
CA VAL A 3 -8.29 -5.79 -4.57
C VAL A 3 -7.14 -4.94 -5.15
N THR A 4 -7.00 -5.02 -6.46
CA THR A 4 -5.92 -4.40 -7.20
C THR A 4 -5.78 -2.91 -6.90
N LYS A 5 -6.91 -2.27 -6.81
CA LYS A 5 -7.01 -0.86 -6.57
C LYS A 5 -6.26 -0.43 -5.28
N LEU A 6 -6.12 -1.33 -4.32
CA LEU A 6 -5.42 -1.07 -3.08
C LEU A 6 -3.95 -0.79 -3.38
N ASN A 7 -3.33 -1.68 -4.16
CA ASN A 7 -1.92 -1.50 -4.53
C ASN A 7 -1.81 -0.31 -5.44
N ASP A 8 -2.85 -0.12 -6.22
CA ASP A 8 -2.97 1.01 -7.14
C ASP A 8 -2.94 2.35 -6.36
N ARG A 9 -3.46 2.34 -5.13
CA ARG A 9 -3.41 3.52 -4.27
C ARG A 9 -1.98 3.78 -3.88
N ILE A 10 -1.27 2.68 -3.60
CA ILE A 10 0.13 2.72 -3.22
C ILE A 10 0.95 3.28 -4.37
N GLU A 11 0.72 2.76 -5.56
CA GLU A 11 1.40 3.18 -6.80
C GLU A 11 1.33 4.70 -6.97
N ALA A 12 0.14 5.25 -6.82
CA ALA A 12 -0.05 6.68 -6.97
C ALA A 12 0.70 7.46 -5.88
N LYS A 13 0.66 6.96 -4.65
CA LYS A 13 1.29 7.67 -3.55
C LYS A 13 2.80 7.52 -3.51
N LYS A 14 3.31 6.38 -3.95
CA LYS A 14 4.74 6.16 -3.94
C LYS A 14 5.42 7.09 -4.94
N LYS A 15 4.73 7.37 -6.06
CA LYS A 15 5.24 8.28 -7.08
C LYS A 15 5.20 9.71 -6.57
N GLU A 16 4.24 9.98 -5.71
CA GLU A 16 4.04 11.30 -5.15
C GLU A 16 5.11 11.54 -4.12
N LEU A 17 5.35 10.53 -3.33
CA LEU A 17 6.37 10.55 -2.34
C LEU A 17 7.75 10.78 -2.93
N ILE A 18 8.04 10.14 -4.04
CA ILE A 18 9.32 10.36 -4.74
C ILE A 18 9.48 11.85 -5.10
N TYR A 19 8.42 12.44 -5.62
CA TYR A 19 8.41 13.86 -5.94
C TYR A 19 8.62 14.70 -4.67
N LEU A 20 7.92 14.34 -3.61
CA LEU A 20 8.01 15.04 -2.34
C LEU A 20 9.40 14.93 -1.75
N VAL A 21 9.98 13.74 -1.82
CA VAL A 21 11.33 13.48 -1.34
C VAL A 21 12.39 14.31 -2.09
N GLU A 22 12.17 14.57 -3.36
CA GLU A 22 13.07 15.44 -4.09
C GLU A 22 12.98 16.89 -3.59
N LYS A 23 11.75 17.38 -3.51
CA LYS A 23 11.49 18.79 -3.24
C LYS A 23 11.55 19.14 -1.75
N TYR A 24 10.88 18.37 -0.93
CA TYR A 24 10.86 18.60 0.49
C TYR A 24 11.87 17.70 1.15
N GLY A 25 11.89 16.48 0.69
CA GLY A 25 12.75 15.50 1.26
C GLY A 25 12.07 14.82 2.36
N PHE A 26 12.71 14.75 3.46
CA PHE A 26 12.13 14.25 4.66
C PHE A 26 12.00 15.40 5.62
N THR A 27 11.91 15.13 6.92
CA THR A 27 11.64 16.11 7.99
C THR A 27 10.21 16.68 7.93
N HIS A 28 9.75 16.94 6.71
CA HIS A 28 8.41 17.40 6.44
C HIS A 28 7.43 16.30 6.90
N HIS A 29 6.64 16.65 7.88
CA HIS A 29 5.76 15.73 8.59
C HIS A 29 4.75 15.04 7.69
N LYS A 30 4.25 15.75 6.68
CA LYS A 30 3.29 15.16 5.75
C LYS A 30 3.93 13.99 5.00
N VAL A 31 5.16 14.18 4.54
CA VAL A 31 5.91 13.16 3.79
C VAL A 31 6.07 11.92 4.65
N ILE A 32 6.43 12.15 5.90
CA ILE A 32 6.61 11.08 6.85
C ILE A 32 5.29 10.34 7.08
N SER A 33 4.22 11.10 7.26
CA SER A 33 2.91 10.53 7.51
C SER A 33 2.39 9.72 6.30
N PHE A 34 2.70 10.18 5.08
CA PHE A 34 2.28 9.47 3.88
C PHE A 34 3.08 8.19 3.72
N SER A 35 4.37 8.24 4.04
CA SER A 35 5.24 7.08 3.95
C SER A 35 4.77 6.00 4.95
N GLN A 36 4.22 6.44 6.08
CA GLN A 36 3.66 5.51 7.05
C GLN A 36 2.43 4.82 6.50
N GLU A 37 1.61 5.57 5.78
CA GLU A 37 0.40 5.04 5.20
C GLU A 37 0.75 4.05 4.11
N LEU A 38 1.75 4.43 3.28
CA LEU A 38 2.26 3.59 2.20
C LEU A 38 2.63 2.21 2.75
N ASP A 39 3.46 2.20 3.79
CA ASP A 39 3.91 0.94 4.43
C ASP A 39 2.72 0.13 4.91
N ARG A 40 1.75 0.80 5.50
CA ARG A 40 0.58 0.13 6.02
C ARG A 40 -0.33 -0.38 4.92
N LEU A 41 -0.34 0.28 3.79
CA LEU A 41 -1.07 -0.20 2.63
C LEU A 41 -0.46 -1.51 2.13
N LEU A 42 0.88 -1.59 2.21
CA LEU A 42 1.59 -2.83 1.91
C LEU A 42 1.16 -3.93 2.89
N ASN A 43 0.99 -3.55 4.16
CA ASN A 43 0.55 -4.50 5.21
C ASN A 43 -0.84 -5.04 4.92
N LEU A 44 -1.63 -4.25 4.22
CA LEU A 44 -2.95 -4.66 3.83
C LEU A 44 -2.84 -5.70 2.73
N LEU A 45 -1.92 -5.49 1.79
CA LEU A 45 -1.67 -6.45 0.71
C LEU A 45 -1.15 -7.75 1.27
N ILE A 46 -0.29 -7.66 2.27
CA ILE A 46 0.26 -8.83 2.95
C ILE A 46 -0.87 -9.68 3.55
N GLU A 47 -1.94 -9.03 3.94
CA GLU A 47 -3.09 -9.72 4.49
C GLU A 47 -3.77 -10.56 3.39
N LEU A 48 -3.83 -9.99 2.18
CA LEU A 48 -4.37 -10.71 1.02
C LEU A 48 -3.42 -11.83 0.60
N LYS A 49 -2.12 -11.57 0.74
CA LYS A 49 -1.07 -12.58 0.50
C LYS A 49 -1.29 -13.76 1.40
N THR A 50 -1.62 -13.48 2.65
CA THR A 50 -1.84 -14.48 3.67
C THR A 50 -3.07 -15.37 3.35
N LYS A 51 -3.98 -14.86 2.51
CA LYS A 51 -5.16 -15.61 2.11
C LYS A 51 -4.74 -16.68 1.10
N LYS A 52 -3.58 -16.42 0.47
CA LYS A 52 -2.87 -17.30 -0.50
C LYS A 52 -3.66 -17.77 -1.71
N LYS A 53 -4.87 -17.33 -1.83
CA LYS A 53 -5.73 -17.70 -2.93
C LYS A 53 -5.77 -16.56 -3.94
N ARG A 54 -4.80 -15.69 -3.83
CA ARG A 54 -4.70 -14.54 -4.67
C ARG A 54 -3.69 -14.75 -5.78
N TYR A 55 -3.84 -14.00 -6.87
CA TYR A 55 -3.05 -14.18 -8.08
C TYR A 55 -1.60 -13.78 -7.90
N SER A 56 -1.30 -13.17 -6.79
CA SER A 56 0.06 -12.80 -6.46
C SER A 56 0.88 -14.05 -6.09
N LEU A 57 0.20 -15.08 -5.63
CA LEU A 57 0.83 -16.34 -5.33
C LEU A 57 0.44 -17.41 -6.33
N LEU A 58 -0.77 -17.29 -6.87
CA LEU A 58 -1.26 -18.28 -7.83
C LEU A 58 -0.55 -18.16 -9.16
N GLU A 59 -0.20 -16.94 -9.52
CA GLU A 59 0.48 -16.68 -10.74
C GLU A 59 1.91 -16.40 -10.43
N HIS A 60 2.77 -17.22 -10.95
CA HIS A 60 4.21 -17.08 -10.75
C HIS A 60 4.73 -15.79 -11.40
N HIS A 61 5.16 -14.87 -10.60
CA HIS A 61 5.71 -13.65 -11.11
C HIS A 61 6.98 -13.27 -10.34
N HIS A 62 8.05 -13.08 -11.10
CA HIS A 62 9.36 -12.67 -10.63
C HIS A 62 10.00 -13.67 -9.66
N HIS A 63 10.85 -14.50 -10.19
CA HIS A 63 11.57 -15.45 -9.39
C HIS A 63 12.90 -14.83 -9.02
N HIS A 64 13.12 -14.66 -7.76
CA HIS A 64 14.32 -14.07 -7.28
C HIS A 64 15.17 -15.13 -6.62
N MET A 1 -11.28 -6.35 -2.66
CA MET A 1 -10.87 -5.85 -3.98
C MET A 1 -9.72 -6.68 -4.47
N ASN A 2 -9.34 -6.47 -5.70
CA ASN A 2 -8.20 -7.15 -6.29
C ASN A 2 -6.95 -6.43 -5.86
N VAL A 3 -5.90 -7.18 -5.54
CA VAL A 3 -4.68 -6.57 -5.02
C VAL A 3 -3.96 -5.75 -6.06
N THR A 4 -4.22 -6.03 -7.32
CA THR A 4 -3.66 -5.26 -8.40
C THR A 4 -4.22 -3.81 -8.36
N LYS A 5 -5.51 -3.67 -8.02
CA LYS A 5 -6.10 -2.37 -7.88
C LYS A 5 -5.73 -1.72 -6.58
N LEU A 6 -5.50 -2.54 -5.56
CA LEU A 6 -5.00 -2.05 -4.30
C LEU A 6 -3.63 -1.42 -4.54
N ASN A 7 -2.83 -2.11 -5.34
CA ASN A 7 -1.51 -1.65 -5.72
C ASN A 7 -1.60 -0.35 -6.53
N ASP A 8 -2.58 -0.27 -7.42
CA ASP A 8 -2.81 0.94 -8.25
C ASP A 8 -3.07 2.17 -7.38
N ARG A 9 -3.79 1.96 -6.29
CA ARG A 9 -4.07 3.04 -5.32
C ARG A 9 -2.76 3.48 -4.67
N ILE A 10 -2.03 2.50 -4.19
CA ILE A 10 -0.77 2.71 -3.49
C ILE A 10 0.26 3.36 -4.40
N GLU A 11 0.34 2.86 -5.64
CA GLU A 11 1.29 3.33 -6.64
C GLU A 11 1.13 4.83 -6.86
N ALA A 12 -0.09 5.29 -6.89
CA ALA A 12 -0.38 6.70 -7.06
C ALA A 12 0.13 7.50 -5.87
N LYS A 13 0.02 6.92 -4.69
CA LYS A 13 0.43 7.61 -3.48
C LYS A 13 1.94 7.61 -3.35
N LYS A 14 2.55 6.50 -3.70
CA LYS A 14 3.99 6.39 -3.61
C LYS A 14 4.70 7.17 -4.69
N LYS A 15 4.12 7.29 -5.89
CA LYS A 15 4.74 8.11 -6.93
C LYS A 15 4.76 9.57 -6.49
N GLU A 16 3.73 9.93 -5.74
CA GLU A 16 3.62 11.24 -5.17
C GLU A 16 4.61 11.38 -4.04
N LEU A 17 4.64 10.37 -3.17
CA LEU A 17 5.54 10.35 -2.03
C LEU A 17 6.99 10.49 -2.46
N ILE A 18 7.41 9.76 -3.50
CA ILE A 18 8.78 9.85 -4.00
C ILE A 18 9.07 11.28 -4.44
N TYR A 19 8.11 11.88 -5.14
CA TYR A 19 8.23 13.28 -5.59
C TYR A 19 8.36 14.21 -4.37
N LEU A 20 7.60 13.91 -3.33
CA LEU A 20 7.65 14.67 -2.11
C LEU A 20 9.00 14.50 -1.42
N VAL A 21 9.57 13.31 -1.51
CA VAL A 21 10.89 13.05 -0.94
C VAL A 21 11.96 13.84 -1.70
N GLU A 22 11.78 13.96 -3.00
CA GLU A 22 12.71 14.72 -3.82
C GLU A 22 12.62 16.21 -3.47
N LYS A 23 11.41 16.74 -3.50
CA LYS A 23 11.20 18.18 -3.32
C LYS A 23 11.20 18.62 -1.85
N TYR A 24 10.48 17.93 -1.01
CA TYR A 24 10.34 18.33 0.40
C TYR A 24 11.32 17.57 1.27
N GLY A 25 11.51 16.31 0.95
CA GLY A 25 12.48 15.49 1.64
C GLY A 25 12.01 14.98 3.00
N PHE A 26 12.65 13.92 3.46
CA PHE A 26 12.34 13.39 4.77
C PHE A 26 12.86 14.30 5.87
N THR A 27 12.05 15.24 6.20
CA THR A 27 12.29 16.20 7.24
C THR A 27 10.96 16.92 7.46
N HIS A 28 10.18 16.97 6.37
CA HIS A 28 8.83 17.43 6.43
C HIS A 28 7.99 16.37 7.07
N HIS A 29 7.19 16.76 8.05
CA HIS A 29 6.32 15.83 8.75
C HIS A 29 5.34 15.21 7.77
N LYS A 30 4.95 16.00 6.76
CA LYS A 30 4.10 15.54 5.67
C LYS A 30 4.65 14.26 5.05
N VAL A 31 5.87 14.34 4.56
CA VAL A 31 6.53 13.23 3.89
C VAL A 31 6.66 12.01 4.83
N ILE A 32 7.02 12.29 6.06
CA ILE A 32 7.18 11.23 7.05
C ILE A 32 5.82 10.56 7.36
N SER A 33 4.80 11.37 7.49
CA SER A 33 3.46 10.89 7.78
C SER A 33 2.93 10.08 6.60
N PHE A 34 3.14 10.56 5.37
CA PHE A 34 2.69 9.85 4.19
C PHE A 34 3.45 8.55 4.03
N SER A 35 4.71 8.54 4.44
CA SER A 35 5.53 7.35 4.35
C SER A 35 4.99 6.29 5.33
N GLN A 36 4.66 6.71 6.55
CA GLN A 36 4.10 5.81 7.57
C GLN A 36 2.72 5.31 7.13
N GLU A 37 2.01 6.15 6.43
CA GLU A 37 0.72 5.82 5.89
C GLU A 37 0.88 4.79 4.78
N LEU A 38 1.85 5.06 3.91
CA LEU A 38 2.18 4.18 2.80
C LEU A 38 2.62 2.81 3.35
N ASP A 39 3.34 2.83 4.48
CA ASP A 39 3.75 1.59 5.16
C ASP A 39 2.55 0.74 5.50
N ARG A 40 1.51 1.37 6.02
CA ARG A 40 0.31 0.63 6.37
C ARG A 40 -0.43 0.16 5.11
N LEU A 41 -0.43 0.98 4.06
CA LEU A 41 -1.03 0.59 2.77
C LEU A 41 -0.29 -0.61 2.17
N LEU A 42 1.02 -0.60 2.28
CA LEU A 42 1.87 -1.69 1.80
C LEU A 42 1.56 -2.97 2.59
N ASN A 43 1.17 -2.78 3.84
CA ASN A 43 0.78 -3.86 4.72
C ASN A 43 -0.58 -4.41 4.41
N LEU A 44 -1.37 -3.67 3.66
CA LEU A 44 -2.72 -4.13 3.29
C LEU A 44 -2.64 -5.37 2.42
N LEU A 45 -1.59 -5.46 1.62
CA LEU A 45 -1.36 -6.64 0.79
C LEU A 45 -1.14 -7.86 1.70
N ILE A 46 -0.45 -7.61 2.80
CA ILE A 46 -0.16 -8.62 3.81
C ILE A 46 -1.45 -8.99 4.54
N GLU A 47 -2.27 -7.98 4.83
CA GLU A 47 -3.56 -8.18 5.46
C GLU A 47 -4.41 -9.10 4.58
N LEU A 48 -4.44 -8.81 3.27
CA LEU A 48 -5.17 -9.63 2.29
C LEU A 48 -4.63 -11.06 2.23
N LYS A 49 -3.32 -11.22 2.39
CA LYS A 49 -2.70 -12.55 2.43
C LYS A 49 -3.13 -13.30 3.67
N THR A 50 -3.34 -12.55 4.74
CA THR A 50 -3.74 -13.09 6.00
C THR A 50 -5.23 -13.49 5.96
N LYS A 51 -6.06 -12.62 5.38
CA LYS A 51 -7.46 -12.94 5.20
C LYS A 51 -7.61 -14.12 4.27
N LYS A 52 -6.95 -14.04 3.08
CA LYS A 52 -6.89 -15.10 2.03
C LYS A 52 -8.21 -15.83 1.82
N LYS A 53 -9.26 -15.09 1.90
CA LYS A 53 -10.55 -15.66 1.79
C LYS A 53 -11.20 -15.45 0.43
N ARG A 54 -11.65 -14.26 0.11
CA ARG A 54 -12.23 -14.01 -1.20
C ARG A 54 -11.86 -12.63 -1.68
N TYR A 55 -10.81 -12.57 -2.44
CA TYR A 55 -10.38 -11.36 -3.05
C TYR A 55 -10.00 -11.61 -4.50
N SER A 56 -9.15 -12.60 -4.71
CA SER A 56 -8.70 -12.95 -6.03
C SER A 56 -8.25 -14.41 -6.05
N LEU A 57 -8.81 -15.21 -5.15
CA LEU A 57 -8.47 -16.62 -5.07
C LEU A 57 -9.63 -17.44 -5.63
N LEU A 58 -10.49 -16.75 -6.35
CA LEU A 58 -11.68 -17.35 -6.93
C LEU A 58 -11.32 -17.94 -8.28
N GLU A 59 -10.24 -17.46 -8.85
CA GLU A 59 -9.77 -17.91 -10.13
C GLU A 59 -8.40 -18.56 -9.97
N HIS A 60 -8.38 -19.86 -9.99
CA HIS A 60 -7.15 -20.61 -9.87
C HIS A 60 -7.09 -21.67 -10.92
N HIS A 61 -5.88 -22.10 -11.25
CA HIS A 61 -5.70 -23.26 -12.09
C HIS A 61 -5.54 -24.46 -11.17
N HIS A 62 -5.30 -24.15 -9.90
CA HIS A 62 -5.28 -25.10 -8.83
C HIS A 62 -6.72 -25.40 -8.48
N HIS A 63 -7.22 -26.51 -8.97
CA HIS A 63 -8.60 -26.87 -8.76
C HIS A 63 -8.80 -27.42 -7.38
N HIS A 64 -9.45 -26.64 -6.58
CA HIS A 64 -9.75 -26.94 -5.20
C HIS A 64 -10.79 -25.95 -4.75
N MET A 1 -11.83 -7.09 -2.99
CA MET A 1 -11.91 -7.93 -4.19
C MET A 1 -10.58 -7.92 -4.93
N ASN A 2 -10.22 -6.79 -5.52
CA ASN A 2 -9.00 -6.73 -6.30
C ASN A 2 -7.86 -6.11 -5.54
N VAL A 3 -7.02 -6.96 -4.98
CA VAL A 3 -5.86 -6.49 -4.24
C VAL A 3 -4.85 -5.86 -5.19
N THR A 4 -4.92 -6.24 -6.46
CA THR A 4 -4.08 -5.67 -7.48
C THR A 4 -4.41 -4.17 -7.67
N LYS A 5 -5.68 -3.81 -7.48
CA LYS A 5 -6.10 -2.42 -7.59
C LYS A 5 -5.74 -1.66 -6.34
N LEU A 6 -5.74 -2.36 -5.23
CA LEU A 6 -5.33 -1.79 -3.96
C LEU A 6 -3.84 -1.49 -4.04
N ASN A 7 -3.10 -2.45 -4.58
CA ASN A 7 -1.66 -2.33 -4.81
C ASN A 7 -1.40 -1.16 -5.76
N ASP A 8 -2.24 -1.07 -6.76
CA ASP A 8 -2.19 -0.04 -7.80
C ASP A 8 -2.30 1.36 -7.17
N ARG A 9 -3.09 1.44 -6.10
CA ARG A 9 -3.25 2.68 -5.35
C ARG A 9 -1.96 3.04 -4.64
N ILE A 10 -1.29 2.02 -4.12
CA ILE A 10 -0.02 2.17 -3.44
C ILE A 10 1.01 2.70 -4.43
N GLU A 11 0.97 2.13 -5.63
CA GLU A 11 1.86 2.51 -6.72
C GLU A 11 1.76 4.01 -7.03
N ALA A 12 0.54 4.49 -7.12
CA ALA A 12 0.29 5.90 -7.41
C ALA A 12 0.68 6.78 -6.22
N LYS A 13 0.60 6.20 -5.04
CA LYS A 13 0.90 6.93 -3.83
C LYS A 13 2.41 7.05 -3.68
N LYS A 14 3.12 6.03 -4.15
CA LYS A 14 4.56 6.04 -4.22
C LYS A 14 5.01 7.21 -5.07
N LYS A 15 4.41 7.34 -6.25
CA LYS A 15 4.75 8.40 -7.21
C LYS A 15 4.53 9.77 -6.57
N GLU A 16 3.45 9.89 -5.82
CA GLU A 16 3.11 11.11 -5.14
C GLU A 16 4.16 11.41 -4.08
N LEU A 17 4.57 10.36 -3.37
CA LEU A 17 5.57 10.46 -2.34
C LEU A 17 6.91 10.88 -2.93
N ILE A 18 7.29 10.31 -4.10
CA ILE A 18 8.57 10.64 -4.77
C ILE A 18 8.65 12.15 -4.95
N TYR A 19 7.58 12.66 -5.53
CA TYR A 19 7.41 14.07 -5.86
C TYR A 19 7.57 14.94 -4.59
N LEU A 20 6.99 14.49 -3.51
CA LEU A 20 7.02 15.19 -2.26
C LEU A 20 8.38 15.10 -1.55
N VAL A 21 9.04 13.96 -1.66
CA VAL A 21 10.37 13.77 -1.04
C VAL A 21 11.39 14.71 -1.71
N GLU A 22 11.29 14.83 -3.01
CA GLU A 22 12.19 15.71 -3.75
C GLU A 22 11.98 17.17 -3.36
N LYS A 23 10.75 17.50 -3.03
CA LYS A 23 10.39 18.85 -2.66
C LYS A 23 10.69 19.18 -1.20
N TYR A 24 10.35 18.29 -0.30
CA TYR A 24 10.41 18.62 1.10
C TYR A 24 11.53 17.93 1.87
N GLY A 25 12.04 16.85 1.34
CA GLY A 25 13.09 16.13 2.04
C GLY A 25 12.54 15.09 2.98
N PHE A 26 13.42 14.31 3.57
CA PHE A 26 13.02 13.21 4.43
C PHE A 26 12.74 13.68 5.87
N THR A 27 13.28 14.83 6.21
CA THR A 27 13.16 15.35 7.57
C THR A 27 11.83 16.11 7.77
N HIS A 28 11.09 16.28 6.70
CA HIS A 28 9.83 17.00 6.74
C HIS A 28 8.75 16.07 7.32
N HIS A 29 8.08 16.53 8.38
CA HIS A 29 7.10 15.71 9.14
C HIS A 29 5.99 15.15 8.27
N LYS A 30 5.47 15.98 7.38
CA LYS A 30 4.41 15.56 6.48
C LYS A 30 4.87 14.39 5.61
N VAL A 31 6.12 14.45 5.14
CA VAL A 31 6.69 13.40 4.30
C VAL A 31 6.79 12.09 5.07
N ILE A 32 7.14 12.21 6.33
CA ILE A 32 7.21 11.06 7.23
C ILE A 32 5.80 10.44 7.34
N SER A 33 4.79 11.30 7.51
CA SER A 33 3.43 10.85 7.63
C SER A 33 2.95 10.16 6.33
N PHE A 34 3.39 10.67 5.18
CA PHE A 34 3.02 10.08 3.87
C PHE A 34 3.67 8.72 3.73
N SER A 35 4.88 8.60 4.26
CA SER A 35 5.60 7.35 4.24
C SER A 35 4.89 6.31 5.12
N GLN A 36 4.28 6.79 6.20
CA GLN A 36 3.51 5.92 7.09
C GLN A 36 2.28 5.43 6.35
N GLU A 37 1.68 6.31 5.55
CA GLU A 37 0.52 5.96 4.75
C GLU A 37 0.86 4.83 3.80
N LEU A 38 1.98 5.00 3.11
CA LEU A 38 2.44 4.06 2.11
C LEU A 38 2.61 2.66 2.75
N ASP A 39 3.25 2.65 3.91
CA ASP A 39 3.49 1.40 4.66
C ASP A 39 2.17 0.75 5.08
N ARG A 40 1.25 1.55 5.57
CA ARG A 40 -0.03 1.05 6.04
C ARG A 40 -0.90 0.52 4.90
N LEU A 41 -0.86 1.18 3.76
CA LEU A 41 -1.57 0.69 2.59
C LEU A 41 -0.97 -0.63 2.09
N LEU A 42 0.34 -0.74 2.18
CA LEU A 42 1.03 -1.96 1.79
C LEU A 42 0.65 -3.10 2.72
N ASN A 43 0.46 -2.76 4.00
CA ASN A 43 0.06 -3.73 5.00
C ASN A 43 -1.34 -4.24 4.78
N LEU A 44 -2.12 -3.53 3.98
CA LEU A 44 -3.47 -3.95 3.67
C LEU A 44 -3.43 -5.25 2.84
N LEU A 45 -2.43 -5.37 1.98
CA LEU A 45 -2.23 -6.61 1.21
C LEU A 45 -1.70 -7.69 2.11
N ILE A 46 -0.77 -7.30 2.97
CA ILE A 46 -0.15 -8.19 3.93
C ILE A 46 -1.21 -8.77 4.88
N GLU A 47 -2.26 -8.00 5.10
CA GLU A 47 -3.38 -8.38 5.96
C GLU A 47 -4.05 -9.65 5.42
N LEU A 48 -4.11 -9.80 4.10
CA LEU A 48 -4.69 -11.01 3.51
C LEU A 48 -3.77 -12.19 3.75
N LYS A 49 -2.49 -11.92 3.71
CA LYS A 49 -1.47 -12.93 3.88
C LYS A 49 -1.42 -13.40 5.34
N THR A 50 -1.47 -12.45 6.26
CA THR A 50 -1.42 -12.71 7.69
C THR A 50 -2.60 -13.50 8.22
N LYS A 51 -3.66 -13.55 7.42
CA LYS A 51 -4.81 -14.37 7.73
C LYS A 51 -4.35 -15.82 7.78
N LYS A 52 -3.46 -16.18 6.81
CA LYS A 52 -2.87 -17.55 6.57
C LYS A 52 -3.88 -18.70 6.46
N LYS A 53 -5.10 -18.41 6.71
CA LYS A 53 -6.18 -19.35 6.58
C LYS A 53 -6.71 -19.31 5.14
N ARG A 54 -5.84 -18.91 4.24
CA ARG A 54 -6.18 -18.80 2.86
C ARG A 54 -6.26 -20.20 2.30
N TYR A 55 -7.18 -20.43 1.41
CA TYR A 55 -7.43 -21.76 0.91
C TYR A 55 -6.30 -22.28 0.05
N SER A 56 -5.48 -21.37 -0.43
CA SER A 56 -4.30 -21.71 -1.17
C SER A 56 -3.25 -22.39 -0.25
N LEU A 57 -3.36 -22.14 1.05
CA LEU A 57 -2.48 -22.75 2.02
C LEU A 57 -3.12 -23.98 2.63
N LEU A 58 -4.39 -23.84 2.97
CA LEU A 58 -5.13 -24.90 3.66
C LEU A 58 -5.52 -26.03 2.72
N GLU A 59 -6.01 -25.69 1.56
CA GLU A 59 -6.53 -26.65 0.64
C GLU A 59 -5.56 -26.78 -0.53
N HIS A 60 -6.05 -27.32 -1.60
CA HIS A 60 -5.33 -27.39 -2.84
C HIS A 60 -5.94 -26.40 -3.77
N HIS A 61 -5.12 -25.87 -4.66
CA HIS A 61 -5.49 -24.80 -5.59
C HIS A 61 -5.60 -23.46 -4.87
N HIS A 62 -5.68 -22.41 -5.63
CA HIS A 62 -5.72 -21.07 -5.07
C HIS A 62 -7.14 -20.55 -4.97
N HIS A 63 -8.07 -21.33 -5.43
CA HIS A 63 -9.46 -20.97 -5.41
C HIS A 63 -10.25 -22.09 -4.76
N HIS A 64 -11.21 -21.74 -3.96
CA HIS A 64 -12.04 -22.71 -3.29
C HIS A 64 -13.46 -22.19 -3.28
N MET A 1 -11.94 -2.54 -2.45
CA MET A 1 -12.00 -3.89 -3.00
C MET A 1 -11.20 -3.95 -4.28
N ASN A 2 -10.88 -5.17 -4.72
CA ASN A 2 -10.07 -5.46 -5.94
C ASN A 2 -8.61 -5.12 -5.72
N VAL A 3 -7.80 -6.16 -5.69
CA VAL A 3 -6.38 -6.02 -5.36
C VAL A 3 -5.61 -5.24 -6.42
N THR A 4 -6.07 -5.27 -7.65
CA THR A 4 -5.40 -4.56 -8.71
C THR A 4 -5.46 -3.04 -8.48
N LYS A 5 -6.61 -2.52 -8.06
CA LYS A 5 -6.70 -1.10 -7.81
C LYS A 5 -6.06 -0.76 -6.49
N LEU A 6 -6.07 -1.71 -5.57
CA LEU A 6 -5.41 -1.54 -4.28
C LEU A 6 -3.92 -1.30 -4.49
N ASN A 7 -3.30 -2.19 -5.26
CA ASN A 7 -1.87 -2.10 -5.59
C ASN A 7 -1.60 -0.81 -6.36
N ASP A 8 -2.51 -0.49 -7.26
CA ASP A 8 -2.43 0.70 -8.09
C ASP A 8 -2.41 1.98 -7.26
N ARG A 9 -3.31 2.07 -6.30
CA ARG A 9 -3.40 3.24 -5.42
C ARG A 9 -2.15 3.38 -4.57
N ILE A 10 -1.56 2.26 -4.20
CA ILE A 10 -0.34 2.24 -3.43
C ILE A 10 0.81 2.85 -4.23
N GLU A 11 0.96 2.40 -5.48
CA GLU A 11 2.01 2.92 -6.35
C GLU A 11 1.80 4.40 -6.66
N ALA A 12 0.56 4.80 -6.71
CA ALA A 12 0.23 6.21 -6.94
C ALA A 12 0.66 7.05 -5.74
N LYS A 13 0.52 6.51 -4.53
CA LYS A 13 0.93 7.25 -3.36
C LYS A 13 2.42 7.21 -3.20
N LYS A 14 3.01 6.12 -3.63
CA LYS A 14 4.45 5.97 -3.64
C LYS A 14 5.10 7.03 -4.49
N LYS A 15 4.55 7.26 -5.69
CA LYS A 15 5.10 8.25 -6.57
C LYS A 15 4.84 9.65 -6.04
N GLU A 16 3.75 9.80 -5.31
CA GLU A 16 3.39 11.05 -4.67
C GLU A 16 4.44 11.34 -3.60
N LEU A 17 4.75 10.31 -2.84
CA LEU A 17 5.73 10.38 -1.78
C LEU A 17 7.11 10.68 -2.35
N ILE A 18 7.44 10.06 -3.49
CA ILE A 18 8.72 10.33 -4.18
C ILE A 18 8.80 11.80 -4.54
N TYR A 19 7.72 12.32 -5.13
CA TYR A 19 7.59 13.74 -5.51
C TYR A 19 7.87 14.63 -4.29
N LEU A 20 7.31 14.23 -3.16
CA LEU A 20 7.47 14.95 -1.91
C LEU A 20 8.93 14.89 -1.45
N VAL A 21 9.53 13.72 -1.53
CA VAL A 21 10.92 13.52 -1.13
C VAL A 21 11.86 14.34 -2.02
N GLU A 22 11.55 14.40 -3.30
CA GLU A 22 12.34 15.19 -4.24
C GLU A 22 12.27 16.67 -3.89
N LYS A 23 11.06 17.16 -3.72
CA LYS A 23 10.84 18.59 -3.52
C LYS A 23 11.11 19.07 -2.09
N TYR A 24 10.57 18.39 -1.13
CA TYR A 24 10.68 18.84 0.24
C TYR A 24 11.81 18.14 0.95
N GLY A 25 11.89 16.87 0.73
CA GLY A 25 12.87 16.05 1.39
C GLY A 25 12.18 14.98 2.19
N PHE A 26 12.90 14.33 3.05
CA PHE A 26 12.33 13.25 3.84
C PHE A 26 12.31 13.59 5.34
N THR A 27 12.75 14.78 5.66
CA THR A 27 12.76 15.25 7.03
C THR A 27 11.51 16.12 7.26
N HIS A 28 10.77 16.31 6.20
CA HIS A 28 9.57 17.11 6.20
C HIS A 28 8.43 16.28 6.81
N HIS A 29 7.76 16.87 7.80
CA HIS A 29 6.77 16.18 8.64
C HIS A 29 5.66 15.46 7.85
N LYS A 30 5.04 16.12 6.88
CA LYS A 30 3.97 15.47 6.13
C LYS A 30 4.47 14.32 5.27
N VAL A 31 5.73 14.38 4.87
CA VAL A 31 6.33 13.33 4.08
C VAL A 31 6.46 12.07 4.94
N ILE A 32 6.87 12.27 6.18
CA ILE A 32 6.97 11.17 7.14
C ILE A 32 5.57 10.63 7.44
N SER A 33 4.60 11.54 7.48
CA SER A 33 3.23 11.20 7.72
C SER A 33 2.71 10.25 6.61
N PHE A 34 3.00 10.59 5.35
CA PHE A 34 2.60 9.73 4.23
C PHE A 34 3.33 8.40 4.25
N SER A 35 4.55 8.39 4.76
CA SER A 35 5.32 7.15 4.84
C SER A 35 4.57 6.14 5.74
N GLN A 36 3.92 6.66 6.79
CA GLN A 36 3.10 5.84 7.69
C GLN A 36 1.91 5.26 6.91
N GLU A 37 1.33 6.09 6.06
CA GLU A 37 0.18 5.72 5.24
C GLU A 37 0.57 4.62 4.26
N LEU A 38 1.71 4.78 3.63
CA LEU A 38 2.22 3.78 2.72
C LEU A 38 2.49 2.47 3.43
N ASP A 39 3.03 2.56 4.64
CA ASP A 39 3.29 1.38 5.48
C ASP A 39 2.00 0.61 5.72
N ARG A 40 0.96 1.36 6.04
CA ARG A 40 -0.37 0.81 6.24
C ARG A 40 -0.89 0.12 5.00
N LEU A 41 -0.68 0.74 3.85
CA LEU A 41 -1.11 0.19 2.57
C LEU A 41 -0.28 -1.04 2.20
N LEU A 42 1.00 -1.02 2.49
CA LEU A 42 1.88 -2.17 2.27
C LEU A 42 1.40 -3.36 3.09
N ASN A 43 0.89 -3.07 4.26
CA ASN A 43 0.32 -4.10 5.13
C ASN A 43 -0.96 -4.68 4.58
N LEU A 44 -1.57 -3.97 3.65
CA LEU A 44 -2.75 -4.47 2.97
C LEU A 44 -2.31 -5.52 1.97
N LEU A 45 -1.20 -5.26 1.27
CA LEU A 45 -0.61 -6.23 0.36
C LEU A 45 -0.18 -7.49 1.12
N ILE A 46 0.35 -7.27 2.33
CA ILE A 46 0.75 -8.35 3.22
C ILE A 46 -0.45 -9.26 3.52
N GLU A 47 -1.62 -8.67 3.68
CA GLU A 47 -2.85 -9.39 3.92
C GLU A 47 -3.15 -10.41 2.81
N LEU A 48 -2.76 -10.11 1.57
CA LEU A 48 -2.97 -11.05 0.49
C LEU A 48 -1.94 -12.17 0.52
N LYS A 49 -0.77 -11.85 1.04
CA LYS A 49 0.31 -12.83 1.15
C LYS A 49 -0.04 -13.85 2.21
N THR A 50 -0.45 -13.34 3.35
CA THR A 50 -0.73 -14.12 4.52
C THR A 50 -1.97 -15.00 4.38
N LYS A 51 -2.84 -14.63 3.46
CA LYS A 51 -4.04 -15.43 3.18
C LYS A 51 -3.72 -16.71 2.43
N LYS A 52 -2.50 -16.76 1.84
CA LYS A 52 -1.93 -17.94 1.13
C LYS A 52 -2.81 -18.51 0.01
N LYS A 53 -3.83 -17.78 -0.37
CA LYS A 53 -4.77 -18.24 -1.38
C LYS A 53 -4.42 -17.71 -2.76
N ARG A 54 -3.28 -17.08 -2.85
CA ARG A 54 -2.77 -16.62 -4.12
C ARG A 54 -1.85 -17.68 -4.68
N TYR A 55 -1.44 -17.52 -5.92
CA TYR A 55 -0.53 -18.47 -6.56
C TYR A 55 0.91 -18.27 -6.09
N SER A 56 1.10 -17.36 -5.15
CA SER A 56 2.40 -16.99 -4.63
C SER A 56 3.15 -18.15 -3.92
N LEU A 57 2.43 -19.16 -3.47
CA LEU A 57 3.08 -20.30 -2.83
C LEU A 57 3.24 -21.44 -3.81
N LEU A 58 2.64 -21.28 -4.96
CA LEU A 58 2.69 -22.27 -6.00
C LEU A 58 3.80 -21.87 -6.95
N GLU A 59 3.74 -20.61 -7.32
CA GLU A 59 4.76 -19.99 -8.10
C GLU A 59 5.60 -19.21 -7.15
N HIS A 60 6.71 -19.79 -6.81
CA HIS A 60 7.58 -19.21 -5.82
C HIS A 60 8.14 -17.92 -6.35
N HIS A 61 7.84 -16.86 -5.62
CA HIS A 61 8.15 -15.45 -5.94
C HIS A 61 9.47 -15.27 -6.66
N HIS A 62 9.39 -14.58 -7.81
CA HIS A 62 10.54 -14.28 -8.64
C HIS A 62 11.65 -13.63 -7.84
N HIS A 63 12.75 -14.31 -7.78
CA HIS A 63 13.88 -13.88 -7.00
C HIS A 63 14.56 -12.73 -7.67
N HIS A 64 14.65 -11.66 -6.95
CA HIS A 64 15.24 -10.44 -7.39
C HIS A 64 15.87 -9.81 -6.16
N MET A 1 -13.02 -3.57 -1.86
CA MET A 1 -12.21 -3.02 -2.94
C MET A 1 -11.34 -4.11 -3.50
N ASN A 2 -11.05 -4.01 -4.78
CA ASN A 2 -10.17 -4.95 -5.44
C ASN A 2 -8.74 -4.64 -5.08
N VAL A 3 -7.94 -5.68 -4.90
CA VAL A 3 -6.57 -5.54 -4.47
C VAL A 3 -5.70 -4.83 -5.51
N THR A 4 -6.05 -4.95 -6.77
CA THR A 4 -5.31 -4.28 -7.82
C THR A 4 -5.47 -2.75 -7.69
N LYS A 5 -6.62 -2.32 -7.20
CA LYS A 5 -6.91 -0.90 -7.02
C LYS A 5 -6.22 -0.40 -5.77
N LEU A 6 -6.14 -1.26 -4.77
CA LEU A 6 -5.46 -0.93 -3.54
C LEU A 6 -3.96 -0.84 -3.81
N ASN A 7 -3.47 -1.75 -4.63
CA ASN A 7 -2.07 -1.77 -5.04
C ASN A 7 -1.75 -0.54 -5.88
N ASP A 8 -2.71 -0.13 -6.72
CA ASP A 8 -2.59 1.09 -7.53
C ASP A 8 -2.40 2.30 -6.62
N ARG A 9 -3.12 2.30 -5.52
CA ARG A 9 -3.01 3.35 -4.51
C ARG A 9 -1.62 3.34 -3.88
N ILE A 10 -1.06 2.14 -3.66
CA ILE A 10 0.30 1.99 -3.14
C ILE A 10 1.29 2.60 -4.13
N GLU A 11 1.08 2.30 -5.38
CA GLU A 11 1.91 2.81 -6.48
C GLU A 11 1.80 4.34 -6.54
N ALA A 12 0.61 4.83 -6.31
CA ALA A 12 0.34 6.24 -6.27
C ALA A 12 1.05 6.90 -5.08
N LYS A 13 1.30 6.13 -4.03
CA LYS A 13 1.99 6.63 -2.86
C LYS A 13 3.46 6.70 -3.17
N LYS A 14 3.93 5.76 -3.98
CA LYS A 14 5.33 5.73 -4.44
C LYS A 14 5.61 7.03 -5.15
N LYS A 15 4.78 7.31 -6.12
CA LYS A 15 4.90 8.46 -6.98
C LYS A 15 4.75 9.77 -6.20
N GLU A 16 3.89 9.75 -5.22
CA GLU A 16 3.61 10.94 -4.45
C GLU A 16 4.75 11.22 -3.48
N LEU A 17 5.16 10.18 -2.77
CA LEU A 17 6.19 10.30 -1.76
C LEU A 17 7.51 10.75 -2.36
N ILE A 18 7.94 10.07 -3.42
CA ILE A 18 9.22 10.39 -4.06
C ILE A 18 9.20 11.84 -4.56
N TYR A 19 8.09 12.23 -5.16
CA TYR A 19 7.87 13.57 -5.68
C TYR A 19 8.04 14.62 -4.57
N LEU A 20 7.51 14.33 -3.40
CA LEU A 20 7.60 15.22 -2.27
C LEU A 20 9.01 15.20 -1.66
N VAL A 21 9.66 14.05 -1.71
CA VAL A 21 11.05 13.92 -1.22
C VAL A 21 11.99 14.75 -2.10
N GLU A 22 11.70 14.82 -3.38
CA GLU A 22 12.48 15.60 -4.30
C GLU A 22 12.33 17.11 -4.03
N LYS A 23 11.09 17.56 -3.89
CA LYS A 23 10.83 18.98 -3.71
C LYS A 23 11.01 19.48 -2.28
N TYR A 24 10.45 18.78 -1.34
CA TYR A 24 10.50 19.21 0.04
C TYR A 24 11.56 18.47 0.80
N GLY A 25 11.58 17.18 0.59
CA GLY A 25 12.52 16.34 1.29
C GLY A 25 11.85 15.61 2.43
N PHE A 26 12.40 14.50 2.82
CA PHE A 26 11.87 13.71 3.89
C PHE A 26 12.37 14.27 5.21
N THR A 27 11.72 15.30 5.67
CA THR A 27 12.10 15.93 6.90
C THR A 27 10.87 16.19 7.76
N HIS A 28 9.94 16.98 7.25
CA HIS A 28 8.72 17.27 8.01
C HIS A 28 7.77 16.08 8.03
N HIS A 29 6.94 16.03 9.06
CA HIS A 29 6.05 14.89 9.34
C HIS A 29 5.03 14.62 8.25
N LYS A 30 4.71 15.61 7.43
CA LYS A 30 3.81 15.39 6.31
C LYS A 30 4.39 14.37 5.34
N VAL A 31 5.65 14.53 4.97
CA VAL A 31 6.29 13.57 4.05
C VAL A 31 6.42 12.22 4.76
N ILE A 32 6.68 12.26 6.06
CA ILE A 32 6.80 11.06 6.86
C ILE A 32 5.45 10.29 6.91
N SER A 33 4.33 11.03 6.96
CA SER A 33 3.02 10.39 7.00
C SER A 33 2.74 9.61 5.73
N PHE A 34 3.20 10.12 4.58
CA PHE A 34 3.04 9.40 3.31
C PHE A 34 3.79 8.10 3.33
N SER A 35 4.95 8.11 3.94
CA SER A 35 5.77 6.92 4.05
C SER A 35 5.05 5.88 4.94
N GLN A 36 4.44 6.35 6.01
CA GLN A 36 3.71 5.47 6.92
C GLN A 36 2.44 4.94 6.25
N GLU A 37 1.86 5.75 5.39
CA GLU A 37 0.66 5.39 4.67
C GLU A 37 1.00 4.36 3.58
N LEU A 38 2.10 4.60 2.87
CA LEU A 38 2.65 3.67 1.86
C LEU A 38 2.83 2.30 2.50
N ASP A 39 3.50 2.31 3.63
CA ASP A 39 3.76 1.12 4.42
C ASP A 39 2.48 0.43 4.87
N ARG A 40 1.53 1.23 5.31
CA ARG A 40 0.29 0.72 5.85
C ARG A 40 -0.60 0.11 4.76
N LEU A 41 -0.66 0.75 3.59
CA LEU A 41 -1.44 0.22 2.48
C LEU A 41 -0.85 -1.07 1.97
N LEU A 42 0.45 -1.19 2.04
CA LEU A 42 1.15 -2.41 1.64
C LEU A 42 0.76 -3.52 2.64
N ASN A 43 0.68 -3.15 3.91
CA ASN A 43 0.28 -4.08 4.98
C ASN A 43 -1.17 -4.52 4.85
N LEU A 44 -1.98 -3.73 4.18
CA LEU A 44 -3.39 -4.05 3.96
C LEU A 44 -3.52 -5.33 3.12
N LEU A 45 -2.66 -5.47 2.11
CA LEU A 45 -2.66 -6.67 1.27
C LEU A 45 -2.19 -7.85 2.08
N ILE A 46 -1.14 -7.63 2.88
CA ILE A 46 -0.57 -8.67 3.75
C ILE A 46 -1.65 -9.18 4.72
N GLU A 47 -2.41 -8.23 5.26
CA GLU A 47 -3.50 -8.55 6.17
C GLU A 47 -4.55 -9.39 5.46
N LEU A 48 -4.99 -8.93 4.30
CA LEU A 48 -6.05 -9.58 3.56
C LEU A 48 -5.69 -11.00 3.14
N LYS A 49 -4.43 -11.21 2.80
CA LYS A 49 -3.98 -12.55 2.42
C LYS A 49 -3.91 -13.47 3.63
N THR A 50 -3.25 -13.02 4.67
CA THR A 50 -3.02 -13.81 5.88
C THR A 50 -4.33 -14.02 6.67
N LYS A 51 -5.32 -13.17 6.40
CA LYS A 51 -6.62 -13.19 7.06
C LYS A 51 -7.26 -14.56 6.89
N LYS A 52 -6.99 -15.19 5.72
CA LYS A 52 -7.43 -16.56 5.30
C LYS A 52 -8.93 -16.87 5.38
N LYS A 53 -9.70 -15.95 5.90
CA LYS A 53 -11.16 -16.05 6.01
C LYS A 53 -11.80 -15.73 4.65
N ARG A 54 -11.12 -16.11 3.63
CA ARG A 54 -11.50 -15.88 2.30
C ARG A 54 -12.25 -17.08 1.81
N TYR A 55 -13.52 -16.89 1.48
CA TYR A 55 -14.37 -17.95 0.95
C TYR A 55 -13.81 -18.58 -0.32
N SER A 56 -12.93 -17.86 -0.97
CA SER A 56 -12.24 -18.32 -2.14
C SER A 56 -11.21 -19.41 -1.78
N LEU A 57 -10.74 -19.42 -0.54
CA LEU A 57 -9.83 -20.46 -0.08
C LEU A 57 -10.66 -21.64 0.39
N LEU A 58 -11.79 -21.31 0.98
CA LEU A 58 -12.66 -22.28 1.60
C LEU A 58 -13.45 -23.08 0.57
N GLU A 59 -14.04 -22.40 -0.38
CA GLU A 59 -14.81 -23.05 -1.38
C GLU A 59 -14.57 -22.50 -2.77
N HIS A 60 -13.47 -22.90 -3.35
CA HIS A 60 -13.14 -22.58 -4.76
C HIS A 60 -13.38 -23.83 -5.58
N HIS A 61 -14.00 -24.78 -4.92
CA HIS A 61 -14.27 -26.08 -5.44
C HIS A 61 -15.47 -26.00 -6.37
N HIS A 62 -15.33 -26.57 -7.54
CA HIS A 62 -16.43 -26.58 -8.48
C HIS A 62 -17.36 -27.72 -8.19
N HIS A 63 -18.28 -27.45 -7.32
CA HIS A 63 -19.31 -28.38 -6.94
C HIS A 63 -20.62 -27.95 -7.53
N HIS A 64 -21.34 -28.89 -8.07
CA HIS A 64 -22.57 -28.62 -8.73
C HIS A 64 -23.71 -29.09 -7.84
N MET A 1 -13.06 -4.55 -4.89
CA MET A 1 -13.48 -5.73 -5.67
C MET A 1 -12.29 -6.38 -6.36
N ASN A 2 -11.22 -5.63 -6.56
CA ASN A 2 -10.07 -6.13 -7.31
C ASN A 2 -8.80 -5.74 -6.57
N VAL A 3 -8.03 -6.71 -6.11
CA VAL A 3 -6.80 -6.44 -5.32
C VAL A 3 -5.80 -5.55 -6.06
N THR A 4 -5.86 -5.54 -7.37
CA THR A 4 -4.96 -4.74 -8.17
C THR A 4 -5.16 -3.23 -7.90
N LYS A 5 -6.40 -2.82 -7.56
CA LYS A 5 -6.67 -1.41 -7.30
C LYS A 5 -6.01 -0.98 -6.00
N LEU A 6 -5.83 -1.92 -5.10
CA LEU A 6 -5.19 -1.66 -3.84
C LEU A 6 -3.72 -1.34 -4.08
N ASN A 7 -3.07 -2.16 -4.90
CA ASN A 7 -1.66 -1.94 -5.24
C ASN A 7 -1.53 -0.66 -6.07
N ASP A 8 -2.52 -0.45 -6.92
CA ASP A 8 -2.62 0.77 -7.75
C ASP A 8 -2.57 2.04 -6.91
N ARG A 9 -3.30 2.05 -5.79
CA ARG A 9 -3.33 3.25 -4.94
C ARG A 9 -1.99 3.42 -4.24
N ILE A 10 -1.31 2.31 -3.99
CA ILE A 10 -0.01 2.33 -3.34
C ILE A 10 1.01 2.90 -4.29
N GLU A 11 0.98 2.43 -5.52
CA GLU A 11 1.90 2.87 -6.56
C GLU A 11 1.77 4.39 -6.78
N ALA A 12 0.53 4.86 -6.74
CA ALA A 12 0.22 6.27 -6.92
C ALA A 12 0.64 7.07 -5.69
N LYS A 13 0.53 6.46 -4.53
CA LYS A 13 0.86 7.16 -3.31
C LYS A 13 2.38 7.26 -3.14
N LYS A 14 3.07 6.19 -3.50
CA LYS A 14 4.51 6.16 -3.38
C LYS A 14 5.18 7.08 -4.39
N LYS A 15 4.58 7.25 -5.57
CA LYS A 15 5.13 8.18 -6.54
C LYS A 15 4.94 9.62 -6.07
N GLU A 16 3.82 9.86 -5.39
CA GLU A 16 3.53 11.16 -4.81
C GLU A 16 4.55 11.47 -3.72
N LEU A 17 4.86 10.45 -2.93
CA LEU A 17 5.84 10.59 -1.87
C LEU A 17 7.18 10.99 -2.44
N ILE A 18 7.66 10.24 -3.44
CA ILE A 18 8.97 10.50 -4.08
C ILE A 18 9.05 11.94 -4.60
N TYR A 19 7.97 12.37 -5.23
CA TYR A 19 7.82 13.72 -5.76
C TYR A 19 8.02 14.76 -4.64
N LEU A 20 7.34 14.54 -3.53
CA LEU A 20 7.42 15.44 -2.40
C LEU A 20 8.76 15.32 -1.68
N VAL A 21 9.34 14.14 -1.70
CA VAL A 21 10.67 13.89 -1.12
C VAL A 21 11.71 14.79 -1.79
N GLU A 22 11.65 14.89 -3.11
CA GLU A 22 12.58 15.72 -3.86
C GLU A 22 12.43 17.18 -3.46
N LYS A 23 11.19 17.62 -3.32
CA LYS A 23 10.93 19.02 -3.04
C LYS A 23 11.05 19.40 -1.55
N TYR A 24 10.44 18.63 -0.68
CA TYR A 24 10.33 19.01 0.72
C TYR A 24 11.34 18.35 1.63
N GLY A 25 11.82 17.19 1.26
CA GLY A 25 12.82 16.56 2.08
C GLY A 25 12.62 15.08 2.19
N PHE A 26 13.58 14.43 2.79
CA PHE A 26 13.58 12.99 2.94
C PHE A 26 12.83 12.60 4.19
N THR A 27 12.76 13.52 5.11
CA THR A 27 12.09 13.34 6.34
C THR A 27 11.55 14.68 6.81
N HIS A 28 10.28 14.82 6.64
CA HIS A 28 9.56 16.01 6.99
C HIS A 28 8.16 15.57 7.40
N HIS A 29 7.44 16.39 8.17
CA HIS A 29 6.09 16.07 8.69
C HIS A 29 5.16 15.53 7.60
N LYS A 30 5.09 16.26 6.48
CA LYS A 30 4.28 15.83 5.33
C LYS A 30 4.72 14.45 4.86
N VAL A 31 6.01 14.36 4.56
CA VAL A 31 6.64 13.16 4.02
C VAL A 31 6.38 11.94 4.92
N ILE A 32 6.58 12.10 6.23
CA ILE A 32 6.38 11.01 7.19
C ILE A 32 4.92 10.55 7.20
N SER A 33 4.01 11.51 7.13
CA SER A 33 2.58 11.20 7.13
C SER A 33 2.19 10.34 5.90
N PHE A 34 2.80 10.63 4.76
CA PHE A 34 2.54 9.86 3.54
C PHE A 34 3.25 8.51 3.60
N SER A 35 4.40 8.49 4.25
CA SER A 35 5.19 7.27 4.38
C SER A 35 4.47 6.27 5.26
N GLN A 36 3.89 6.75 6.37
CA GLN A 36 3.16 5.88 7.28
C GLN A 36 1.92 5.35 6.61
N GLU A 37 1.39 6.12 5.67
CA GLU A 37 0.24 5.72 4.90
C GLU A 37 0.64 4.55 4.02
N LEU A 38 1.81 4.66 3.39
CA LEU A 38 2.36 3.59 2.55
C LEU A 38 2.62 2.36 3.35
N ASP A 39 3.16 2.52 4.53
CA ASP A 39 3.43 1.40 5.44
C ASP A 39 2.14 0.64 5.71
N ARG A 40 1.09 1.42 5.95
CA ARG A 40 -0.25 0.92 6.20
C ARG A 40 -0.82 0.23 4.96
N LEU A 41 -0.68 0.86 3.81
CA LEU A 41 -1.20 0.32 2.56
C LEU A 41 -0.45 -0.95 2.16
N LEU A 42 0.86 -0.92 2.34
CA LEU A 42 1.72 -2.09 2.11
C LEU A 42 1.29 -3.24 3.02
N ASN A 43 0.85 -2.88 4.21
CA ASN A 43 0.44 -3.86 5.21
C ASN A 43 -0.84 -4.55 4.76
N LEU A 44 -1.62 -3.85 3.97
CA LEU A 44 -2.84 -4.40 3.41
C LEU A 44 -2.50 -5.51 2.41
N LEU A 45 -1.36 -5.38 1.74
CA LEU A 45 -0.88 -6.45 0.85
C LEU A 45 -0.40 -7.63 1.70
N ILE A 46 0.13 -7.30 2.88
CA ILE A 46 0.58 -8.30 3.83
C ILE A 46 -0.63 -9.07 4.39
N GLU A 47 -1.78 -8.43 4.37
CA GLU A 47 -3.02 -9.05 4.76
C GLU A 47 -3.33 -10.20 3.80
N LEU A 48 -3.10 -9.96 2.51
CA LEU A 48 -3.27 -11.01 1.49
C LEU A 48 -2.26 -12.12 1.71
N LYS A 49 -1.05 -11.75 2.13
CA LYS A 49 0.00 -12.71 2.47
C LYS A 49 -0.43 -13.57 3.67
N THR A 50 -1.17 -12.97 4.57
CA THR A 50 -1.68 -13.66 5.74
C THR A 50 -2.82 -14.62 5.34
N LYS A 51 -3.69 -14.15 4.46
CA LYS A 51 -4.80 -14.97 3.97
C LYS A 51 -4.27 -16.17 3.20
N LYS A 52 -3.11 -15.96 2.55
CA LYS A 52 -2.28 -16.99 1.84
C LYS A 52 -3.06 -17.84 0.82
N LYS A 53 -4.22 -17.37 0.44
CA LYS A 53 -5.09 -18.11 -0.43
C LYS A 53 -4.89 -17.76 -1.89
N ARG A 54 -4.04 -16.80 -2.17
CA ARG A 54 -3.78 -16.44 -3.55
C ARG A 54 -2.85 -17.47 -4.16
N TYR A 55 -2.83 -17.52 -5.48
CA TYR A 55 -2.09 -18.55 -6.23
C TYR A 55 -0.58 -18.50 -6.04
N SER A 56 -0.10 -17.48 -5.37
CA SER A 56 1.31 -17.34 -5.08
C SER A 56 1.77 -18.40 -4.07
N LEU A 57 0.84 -18.97 -3.33
CA LEU A 57 1.19 -19.94 -2.31
C LEU A 57 1.17 -21.36 -2.82
N LEU A 58 1.02 -21.52 -4.14
CA LEU A 58 1.15 -22.83 -4.76
C LEU A 58 2.61 -23.25 -4.65
N GLU A 59 3.43 -22.24 -4.56
CA GLU A 59 4.81 -22.39 -4.32
C GLU A 59 5.11 -21.74 -2.97
N HIS A 60 5.30 -22.56 -1.99
CA HIS A 60 5.48 -22.09 -0.63
C HIS A 60 6.83 -21.47 -0.42
N HIS A 61 6.98 -20.81 0.70
CA HIS A 61 8.24 -20.18 1.04
C HIS A 61 9.21 -21.25 1.53
N HIS A 62 10.46 -20.89 1.68
CA HIS A 62 11.47 -21.82 2.14
C HIS A 62 11.23 -22.11 3.62
N HIS A 63 10.66 -21.13 4.31
CA HIS A 63 10.23 -21.31 5.68
C HIS A 63 8.90 -22.04 5.70
N HIS A 64 8.97 -23.33 5.57
CA HIS A 64 7.80 -24.18 5.55
C HIS A 64 7.83 -25.05 6.78
#